data_4B71
#
_entry.id   4B71
#
_cell.length_a   91.127
_cell.length_b   110.028
_cell.length_c   142.501
_cell.angle_alpha   90.00
_cell.angle_beta   90.00
_cell.angle_gamma   90.00
#
_symmetry.space_group_name_H-M   'P 21 21 21'
#
loop_
_entity.id
_entity.type
_entity.pdbx_description
1 polymer 'NON-STRUCTURAL PROTEIN 4A, SERINE PROTEASE NS3'
2 non-polymer (1R)-1-(4-chloro-2-fluoro-3-phenoxyphenyl)propan-1-aminium
3 water water
#
_entity_poly.entity_id   1
_entity_poly.type   'polypeptide(L)'
_entity_poly.pdbx_seq_one_letter_code
;MGSSHHHHHHSSGLVPRGSHMGSVVIVGRIILSGSGSITAYSQQTRGLLGCIITSLTGRDKNQVEGEVQVVSTATQSFLA
TCVNGVCWTVYHGAGSKTLAGPKGPITQMYTNVDQDLVGWQAPPGARSLTPCTCGSSDLYLVTRHADVIPVRRRGDSRGS
LLSPRPVSYLKGSSGGPLLCPSGHAVGIFRAAVCTRGVAKAVDFVPVESMETTMRSPVFTDNSSPPAVPQSFQVAHLHAP
TGSGKSTKVPAAYAAQGYKVLVLNPSVAATLGFGAYMSKAHGIDPNIRTGVRTITTGAPVTYSTYGKFLADGGCSGGAYD
IIICDECHSTDSTTILGIGTVLDQAETAGARLVVLATATPPGSVTVPHPNIEEVALSNTGEIPFYGKAIPIEAIRGGRHL
IFCHSKKKCDELAAKLSGLGINAVAYYRGLDVSVIPTIGDVVVVATDALMTGYTGDFDSVIDCNTCVTQTVDFSLDPTFT
IETTTVPQDAVSRSQRRGRTGRGRRGIYRFVTPGERPSGMFDSSVLCECYDAGCAWYELTPAETSVRLRAYLNTPGLPVC
QDHLEFWESVFTGLTHIDAHFLSQTKQAGDNFPYLVAYQATVCARAQAPPPSWDQMWKCLIRLKPTLHGPTPLLYRLGAV
QNEVTLTHPITKYIMACMSADLEVVT
;
_entity_poly.pdbx_strand_id   A,B
#
# COMPACT_ATOMS: atom_id res chain seq x y z
N GLY A 22 -13.91 11.97 13.36
CA GLY A 22 -14.33 10.64 12.81
C GLY A 22 -14.26 9.59 13.90
N SER A 23 -15.33 8.83 14.07
CA SER A 23 -15.37 7.77 15.07
C SER A 23 -14.87 6.48 14.46
N VAL A 24 -14.46 5.56 15.34
CA VAL A 24 -14.31 4.16 15.02
C VAL A 24 -15.71 3.57 14.79
N VAL A 25 -15.84 2.66 13.83
CA VAL A 25 -17.13 2.04 13.54
C VAL A 25 -17.03 0.53 13.52
N ILE A 26 -17.91 -0.14 14.26
CA ILE A 26 -18.06 -1.59 14.14
C ILE A 26 -18.71 -1.92 12.77
N VAL A 27 -17.96 -2.64 11.94
CA VAL A 27 -18.42 -3.07 10.61
C VAL A 27 -18.60 -4.59 10.48
N GLY A 28 -18.39 -5.32 11.58
CA GLY A 28 -18.52 -6.75 11.61
C GLY A 28 -18.04 -7.38 12.91
N ARG A 29 -17.94 -8.70 12.93
CA ARG A 29 -17.58 -9.43 14.15
C ARG A 29 -17.02 -10.82 13.87
N ILE A 30 -16.27 -11.35 14.84
CA ILE A 30 -15.74 -12.71 14.78
C ILE A 30 -16.45 -13.55 15.85
N ILE A 31 -17.17 -14.58 15.40
CA ILE A 31 -17.96 -15.43 16.27
C ILE A 31 -17.14 -16.64 16.61
N LEU A 32 -16.80 -16.79 17.89
CA LEU A 32 -16.05 -17.96 18.38
C LEU A 32 -17.00 -19.12 18.62
N SER A 33 -16.46 -20.34 18.55
CA SER A 33 -17.23 -21.58 18.72
C SER A 33 -17.65 -21.80 20.15
N GLY A 34 -18.88 -22.30 20.30
CA GLY A 34 -19.48 -22.56 21.60
C GLY A 34 -18.75 -23.58 22.47
N SER A 35 -18.28 -24.66 21.86
CA SER A 35 -17.59 -25.73 22.59
C SER A 35 -16.70 -26.59 21.69
N GLY A 36 -16.07 -27.60 22.28
CA GLY A 36 -15.10 -28.40 21.57
C GLY A 36 -13.96 -27.51 21.09
N SER A 37 -13.20 -28.00 20.11
CA SER A 37 -12.18 -27.17 19.50
C SER A 37 -12.86 -26.27 18.49
N ILE A 38 -11.03 -24.65 19.56
CA ILE A 38 -11.47 -23.31 19.23
C ILE A 38 -11.49 -23.11 17.70
N THR A 39 -12.66 -22.72 17.16
CA THR A 39 -12.84 -22.35 15.75
C THR A 39 -13.70 -21.09 15.67
N ALA A 40 -13.70 -20.44 14.50
CA ALA A 40 -14.44 -19.15 14.33
C ALA A 40 -14.89 -18.88 12.91
N TYR A 41 -15.79 -17.92 12.79
CA TYR A 41 -16.20 -17.44 11.48
C TYR A 41 -16.64 -15.97 11.61
N SER A 42 -16.58 -15.24 10.50
CA SER A 42 -16.84 -13.84 10.54
C SER A 42 -18.18 -13.49 9.93
N GLN A 43 -18.73 -12.37 10.39
CA GLN A 43 -19.94 -11.80 9.78
C GLN A 43 -19.74 -10.31 9.56
N GLN A 44 -20.09 -9.84 8.36
CA GLN A 44 -19.92 -8.45 7.99
C GLN A 44 -21.26 -7.72 8.09
N THR A 45 -21.32 -6.69 8.93
CA THR A 45 -22.57 -5.96 9.18
C THR A 45 -22.64 -4.59 8.53
N ARG A 46 -21.60 -4.19 7.79
CA ARG A 46 -21.63 -2.89 7.14
C ARG A 46 -20.73 -2.80 5.92
N GLY A 47 -21.19 -2.06 4.91
CA GLY A 47 -20.37 -1.74 3.75
C GLY A 47 -19.55 -0.49 3.98
N LEU A 48 -18.99 0.03 2.89
CA LEU A 48 -18.15 1.21 2.94
C LEU A 48 -18.99 2.44 3.25
N LEU A 49 -20.08 2.63 2.50
CA LEU A 49 -20.93 3.80 2.65
C LEU A 49 -21.47 3.93 4.08
N GLY A 50 -22.08 2.85 4.55
CA GLY A 50 -22.52 2.76 5.94
C GLY A 50 -21.42 3.02 6.94
N CYS A 51 -20.19 2.59 6.64
CA CYS A 51 -19.05 2.85 7.53
C CYS A 51 -18.76 4.35 7.60
N ILE A 52 -18.73 5.03 6.45
CA ILE A 52 -18.35 6.46 6.43
C ILE A 52 -19.40 7.33 7.11
N ILE A 53 -20.66 7.08 6.80
CA ILE A 53 -21.75 7.81 7.42
C ILE A 53 -21.70 7.62 8.94
N THR A 54 -21.55 6.37 9.38
CA THR A 54 -21.59 6.02 10.78
C THR A 54 -20.40 6.59 11.56
N SER A 55 -19.32 6.86 10.84
CA SER A 55 -18.15 7.47 11.42
C SER A 55 -18.30 8.98 11.56
N LEU A 56 -19.06 9.61 10.66
CA LEU A 56 -19.26 11.07 10.72
C LEU A 56 -20.35 11.48 11.72
N THR A 57 -21.35 10.62 11.93
CA THR A 57 -22.40 10.92 12.90
C THR A 57 -22.10 10.35 14.29
N GLY A 58 -21.18 9.38 14.33
CA GLY A 58 -20.88 8.68 15.57
C GLY A 58 -22.08 7.98 16.16
N ARG A 59 -23.09 7.72 15.33
CA ARG A 59 -24.36 7.15 15.78
C ARG A 59 -24.56 5.77 15.14
N ASP A 60 -24.60 4.74 15.96
CA ASP A 60 -24.70 3.40 15.46
C ASP A 60 -25.83 2.70 16.17
N LYS A 61 -26.95 2.55 15.48
CA LYS A 61 -28.11 1.93 16.10
C LYS A 61 -28.14 0.43 15.94
N ASN A 62 -27.27 -0.14 15.10
CA ASN A 62 -27.13 -1.59 15.03
C ASN A 62 -26.70 -2.12 16.38
N GLN A 63 -27.27 -3.26 16.77
CA GLN A 63 -27.00 -3.83 18.08
C GLN A 63 -25.68 -4.56 18.05
N VAL A 64 -25.12 -4.78 19.24
CA VAL A 64 -23.79 -5.34 19.38
C VAL A 64 -23.86 -6.77 19.90
N GLU A 65 -23.61 -7.72 19.01
CA GLU A 65 -23.45 -9.11 19.40
C GLU A 65 -21.99 -9.49 19.31
N GLY A 66 -21.65 -10.62 19.93
CA GLY A 66 -20.32 -11.15 19.85
C GLY A 66 -19.42 -10.42 20.82
N GLU A 67 -18.25 -11.01 21.05
CA GLU A 67 -17.26 -10.46 21.97
C GLU A 67 -16.05 -9.87 21.24
N VAL A 68 -15.85 -10.30 19.99
CA VAL A 68 -14.78 -9.80 19.14
C VAL A 68 -15.37 -9.05 17.94
N GLN A 69 -15.09 -7.75 17.86
CA GLN A 69 -15.69 -6.88 16.88
C GLN A 69 -14.66 -6.54 15.81
N VAL A 70 -15.11 -6.32 14.59
CA VAL A 70 -14.25 -5.92 13.50
C VAL A 70 -14.55 -4.47 13.36
N VAL A 71 -13.55 -3.64 13.57
CA VAL A 71 -13.76 -2.21 13.65
C VAL A 71 -13.04 -1.54 12.52
N SER A 72 -13.43 -0.31 12.22
CA SER A 72 -12.81 0.38 11.12
C SER A 72 -12.84 1.90 11.34
N THR A 73 -11.82 2.57 10.82
CA THR A 73 -11.85 4.00 10.54
C THR A 73 -11.92 4.16 9.01
N ALA A 74 -11.93 5.39 8.55
CA ALA A 74 -11.81 5.67 7.12
C ALA A 74 -10.46 5.19 6.58
N THR A 75 -9.41 5.34 7.38
CA THR A 75 -8.04 5.06 6.92
C THR A 75 -7.64 3.58 7.07
N GLN A 76 -8.16 2.88 8.09
CA GLN A 76 -7.73 1.50 8.31
C GLN A 76 -8.78 0.63 9.01
N SER A 77 -8.46 -0.64 9.23
CA SER A 77 -9.37 -1.56 9.89
C SER A 77 -8.61 -2.63 10.67
N PHE A 78 -9.18 -2.98 11.83
CA PHE A 78 -8.53 -3.88 12.77
C PHE A 78 -9.63 -4.54 13.65
N LEU A 79 -9.26 -5.07 14.81
CA LEU A 79 -10.18 -5.78 15.68
C LEU A 79 -10.30 -5.14 17.07
N ALA A 80 -11.42 -5.38 17.76
CA ALA A 80 -11.60 -4.94 19.13
C ALA A 80 -12.27 -6.06 19.89
N THR A 81 -11.90 -6.22 21.14
CA THR A 81 -12.29 -7.36 21.96
C THR A 81 -12.78 -6.96 23.34
N CYS A 82 -14.06 -7.17 23.62
CA CYS A 82 -14.63 -6.83 24.92
C CYS A 82 -14.14 -7.82 25.98
N VAL A 83 -13.57 -7.30 27.05
CA VAL A 83 -13.20 -8.08 28.24
C VAL A 83 -13.60 -7.30 29.49
N ASN A 84 -14.26 -8.00 30.42
CA ASN A 84 -14.70 -7.46 31.71
C ASN A 84 -15.38 -6.11 31.65
N GLY A 85 -16.26 -5.95 30.66
CA GLY A 85 -17.08 -4.75 30.55
C GLY A 85 -16.59 -3.72 29.55
N VAL A 86 -15.32 -3.82 29.16
CA VAL A 86 -14.71 -2.84 28.26
C VAL A 86 -14.33 -3.43 26.89
N CYS A 87 -14.70 -2.70 25.84
CA CYS A 87 -14.28 -3.01 24.48
C CYS A 87 -12.86 -2.45 24.19
N TRP A 88 -11.85 -3.31 24.32
CA TRP A 88 -10.44 -2.96 24.18
C TRP A 88 -9.93 -3.07 22.77
N THR A 89 -8.98 -2.20 22.43
CA THR A 89 -8.25 -2.26 21.16
C THR A 89 -6.93 -1.47 21.27
N VAL A 90 -6.26 -1.30 20.14
CA VAL A 90 -4.90 -0.73 20.14
C VAL A 90 -4.91 0.79 19.91
N TYR A 91 -4.05 1.50 20.64
CA TYR A 91 -3.89 2.95 20.41
C TYR A 91 -3.37 3.26 19.01
N HIS A 92 -2.47 2.43 18.50
CA HIS A 92 -1.92 2.65 17.17
C HIS A 92 -2.95 2.45 16.04
N GLY A 93 -4.12 1.89 16.37
CA GLY A 93 -5.22 1.76 15.42
C GLY A 93 -6.27 2.83 15.63
N ALA A 94 -6.68 3.01 16.89
CA ALA A 94 -7.82 3.86 17.20
C ALA A 94 -7.44 5.27 17.64
N GLY A 95 -6.19 5.46 18.06
CA GLY A 95 -5.82 6.74 18.68
C GLY A 95 -6.75 7.02 19.85
N SER A 96 -7.18 8.27 20.00
CA SER A 96 -8.05 8.69 21.11
C SER A 96 -9.50 8.80 20.65
N LYS A 97 -9.82 8.14 19.54
CA LYS A 97 -11.09 8.40 18.88
C LYS A 97 -12.24 7.82 19.65
N THR A 98 -13.43 8.32 19.35
CA THR A 98 -14.66 7.82 19.95
C THR A 98 -15.19 6.62 19.16
N LEU A 99 -16.08 5.85 19.79
CA LEU A 99 -16.74 4.68 19.19
C LEU A 99 -18.19 5.01 18.86
N ALA A 100 -18.62 4.75 17.62
CA ALA A 100 -20.00 4.99 17.23
C ALA A 100 -20.90 4.09 18.07
N GLY A 101 -21.99 4.68 18.57
CA GLY A 101 -22.88 4.01 19.54
C GLY A 101 -24.35 4.29 19.25
N PRO A 102 -25.23 3.70 20.06
CA PRO A 102 -26.67 3.82 19.83
C PRO A 102 -27.19 5.23 20.11
N LYS A 103 -26.66 5.90 21.13
CA LYS A 103 -27.06 7.28 21.41
C LYS A 103 -26.01 8.33 21.02
N GLY A 104 -25.11 7.98 20.08
CA GLY A 104 -24.04 8.87 19.64
C GLY A 104 -22.64 8.39 20.04
N PRO A 105 -21.61 9.20 19.78
CA PRO A 105 -20.22 8.86 20.00
C PRO A 105 -19.90 8.52 21.45
N ILE A 106 -19.16 7.43 21.68
CA ILE A 106 -18.77 7.02 23.02
C ILE A 106 -17.30 7.41 23.17
N THR A 107 -16.99 8.24 24.18
CA THR A 107 -15.58 8.65 24.39
C THR A 107 -14.88 7.50 25.10
N GLN A 108 -13.56 7.44 24.96
CA GLN A 108 -12.75 6.38 25.59
C GLN A 108 -12.72 6.54 27.09
N MET A 109 -12.70 5.41 27.80
CA MET A 109 -12.75 5.41 29.24
C MET A 109 -11.34 5.27 29.76
N TYR A 110 -10.59 4.40 29.09
CA TYR A 110 -9.17 4.23 29.34
C TYR A 110 -8.35 4.58 28.09
N THR A 111 -7.35 5.46 28.24
CA THR A 111 -6.39 5.75 27.17
C THR A 111 -4.95 5.60 27.66
N ASN A 112 -4.41 4.39 27.50
CA ASN A 112 -3.05 4.08 27.89
C ASN A 112 -2.08 4.04 26.71
N VAL A 113 -1.54 5.21 26.33
CA VAL A 113 -0.60 5.29 25.22
C VAL A 113 0.60 4.33 25.43
N ASP A 114 1.12 4.24 26.65
CA ASP A 114 2.32 3.44 26.95
C ASP A 114 2.14 1.92 26.69
N GLN A 115 0.95 1.39 26.94
CA GLN A 115 0.69 -0.03 26.71
C GLN A 115 0.04 -0.30 25.35
N ASP A 116 -0.20 0.75 24.58
CA ASP A 116 -0.84 0.63 23.28
C ASP A 116 -2.25 0.06 23.44
N LEU A 117 -3.03 0.62 24.37
CA LEU A 117 -4.29 0.05 24.77
C LEU A 117 -5.29 1.13 25.07
N VAL A 118 -6.44 1.07 24.40
CA VAL A 118 -7.55 1.97 24.70
C VAL A 118 -8.80 1.13 24.95
N GLY A 119 -9.84 1.79 25.47
CA GLY A 119 -11.04 1.10 25.96
C GLY A 119 -12.25 2.00 25.99
N TRP A 120 -13.33 1.56 25.35
CA TRP A 120 -14.64 2.19 25.46
C TRP A 120 -15.53 1.28 26.31
N GLN A 121 -16.51 1.84 27.01
CA GLN A 121 -17.37 1.04 27.89
C GLN A 121 -18.33 0.28 26.99
N ALA A 122 -18.37 -1.04 27.18
CA ALA A 122 -19.07 -1.93 26.26
C ALA A 122 -20.55 -1.55 26.16
N PRO A 123 -21.06 -1.35 24.91
CA PRO A 123 -22.43 -0.91 24.66
C PRO A 123 -23.52 -1.85 25.23
N PRO A 124 -24.79 -1.64 24.85
CA PRO A 124 -25.82 -2.42 25.54
C PRO A 124 -25.83 -3.87 25.07
N GLY A 125 -25.81 -4.80 26.03
CA GLY A 125 -25.90 -6.24 25.75
C GLY A 125 -24.72 -6.84 25.02
N ALA A 126 -23.60 -6.11 24.96
CA ALA A 126 -22.38 -6.64 24.34
C ALA A 126 -21.82 -7.72 25.26
N ARG A 127 -21.09 -8.67 24.69
CA ARG A 127 -20.64 -9.85 25.42
C ARG A 127 -19.13 -9.75 25.58
N SER A 128 -18.61 -10.17 26.72
CA SER A 128 -17.18 -10.04 27.04
C SER A 128 -16.56 -11.39 27.34
N LEU A 129 -15.40 -11.66 26.76
CA LEU A 129 -14.59 -12.78 27.19
C LEU A 129 -14.21 -12.58 28.63
N THR A 130 -13.57 -13.58 29.20
CA THR A 130 -13.20 -13.55 30.58
C THR A 130 -11.76 -14.04 30.73
N PRO A 131 -11.03 -13.53 31.74
CA PRO A 131 -9.59 -13.68 31.79
C PRO A 131 -9.10 -15.11 31.94
N CYS A 132 -7.86 -15.36 31.52
CA CYS A 132 -7.26 -16.68 31.72
C CYS A 132 -6.93 -16.88 33.20
N THR A 133 -7.94 -17.35 33.93
CA THR A 133 -7.86 -17.65 35.35
C THR A 133 -6.79 -18.70 35.65
N CYS A 134 -6.80 -19.80 34.87
CA CYS A 134 -5.88 -20.92 35.11
C CYS A 134 -4.39 -20.53 34.95
N GLY A 135 -3.89 -20.52 33.72
CA GLY A 135 -2.49 -20.20 33.46
C GLY A 135 -1.80 -21.19 32.55
N SER A 136 -2.40 -21.47 31.39
CA SER A 136 -1.80 -22.33 30.39
C SER A 136 -0.74 -21.58 29.58
N SER A 137 0.04 -22.35 28.83
CA SER A 137 1.06 -21.81 27.95
C SER A 137 0.85 -22.25 26.51
N ASP A 138 -0.32 -22.83 26.25
CA ASP A 138 -0.77 -23.15 24.90
C ASP A 138 -1.82 -22.11 24.56
N LEU A 139 -1.58 -21.35 23.49
CA LEU A 139 -2.42 -20.19 23.18
C LEU A 139 -2.94 -20.25 21.76
N TYR A 140 -4.01 -19.49 21.51
CA TYR A 140 -4.63 -19.46 20.18
C TYR A 140 -5.05 -18.02 19.79
N LEU A 141 -4.43 -17.51 18.72
CA LEU A 141 -4.70 -16.18 18.21
C LEU A 141 -5.82 -16.19 17.19
N VAL A 142 -6.83 -15.34 17.40
CA VAL A 142 -7.88 -15.15 16.40
C VAL A 142 -7.63 -13.91 15.48
N THR A 143 -7.59 -14.16 14.18
CA THR A 143 -7.30 -13.15 13.17
C THR A 143 -8.60 -12.59 12.60
N ARG A 144 -8.50 -11.48 11.88
CA ARG A 144 -9.67 -10.88 11.23
C ARG A 144 -10.31 -11.77 10.16
N HIS A 145 -9.60 -12.80 9.71
CA HIS A 145 -10.16 -13.74 8.72
C HIS A 145 -10.85 -14.94 9.40
N ALA A 146 -10.91 -14.91 10.73
CA ALA A 146 -11.50 -15.99 11.52
C ALA A 146 -10.63 -17.25 11.57
N ASP A 147 -9.34 -17.08 11.34
CA ASP A 147 -8.41 -18.20 11.46
C ASP A 147 -7.98 -18.28 12.90
N VAL A 148 -7.71 -19.49 13.36
CA VAL A 148 -7.34 -19.71 14.75
C VAL A 148 -5.96 -20.36 14.79
N ILE A 149 -4.99 -19.67 15.37
CA ILE A 149 -3.55 -19.89 15.11
C ILE A 149 -2.79 -20.22 16.37
N PRO A 150 -2.29 -21.48 16.47
CA PRO A 150 -1.62 -21.87 17.70
C PRO A 150 -0.40 -21.00 18.01
N VAL A 151 -0.31 -20.54 19.25
CA VAL A 151 0.83 -19.77 19.72
C VAL A 151 1.33 -20.43 20.99
N ARG A 152 2.64 -20.37 21.21
CA ARG A 152 3.29 -20.89 22.43
C ARG A 152 3.81 -19.74 23.32
N ARG A 153 3.18 -19.55 24.47
CA ARG A 153 3.56 -18.44 25.35
C ARG A 153 5.01 -18.62 25.76
N ARG A 154 5.82 -17.58 25.61
CA ARG A 154 7.21 -17.60 26.08
C ARG A 154 7.54 -16.51 27.08
N GLY A 155 6.54 -15.75 27.51
CA GLY A 155 6.75 -14.63 28.43
C GLY A 155 5.44 -14.02 28.86
N ASP A 156 5.52 -12.93 29.61
CA ASP A 156 4.31 -12.21 30.01
C ASP A 156 3.53 -11.69 28.82
N SER A 157 4.24 -11.17 27.83
CA SER A 157 3.58 -10.48 26.74
C SER A 157 3.95 -11.02 25.35
N ARG A 158 4.60 -12.20 25.31
CA ARG A 158 5.15 -12.77 24.07
C ARG A 158 4.92 -14.27 23.92
N GLY A 159 4.67 -14.68 22.68
CA GLY A 159 4.54 -16.08 22.35
C GLY A 159 4.96 -16.32 20.91
N SER A 160 5.52 -17.50 20.63
CA SER A 160 6.00 -17.80 19.27
C SER A 160 4.99 -18.57 18.43
N LEU A 161 4.90 -18.19 17.16
CA LEU A 161 4.11 -18.92 16.18
C LEU A 161 4.70 -20.34 16.00
N LEU A 162 3.85 -21.34 16.17
CA LEU A 162 4.26 -22.74 15.94
C LEU A 162 4.68 -22.96 14.50
N SER A 163 4.09 -22.18 13.57
CA SER A 163 4.48 -22.19 12.15
C SER A 163 4.66 -20.75 11.65
N PRO A 164 5.91 -20.29 11.56
CA PRO A 164 6.16 -18.93 11.08
C PRO A 164 5.40 -18.57 9.80
N ARG A 165 5.08 -17.29 9.67
CA ARG A 165 4.21 -16.78 8.62
C ARG A 165 4.71 -15.45 8.11
N PRO A 166 4.39 -15.12 6.85
CA PRO A 166 4.60 -13.79 6.34
C PRO A 166 3.79 -12.83 7.18
N VAL A 167 4.35 -11.67 7.54
CA VAL A 167 3.65 -10.70 8.40
C VAL A 167 2.44 -10.05 7.70
N SER A 168 2.42 -10.01 6.37
CA SER A 168 1.23 -9.46 5.65
C SER A 168 -0.07 -10.15 6.08
N TYR A 169 0.03 -11.42 6.44
CA TYR A 169 -1.12 -12.23 6.84
C TYR A 169 -1.69 -11.81 8.21
N LEU A 170 -0.90 -11.11 9.03
CA LEU A 170 -1.33 -10.70 10.34
C LEU A 170 -1.82 -9.24 10.41
N LYS A 171 -1.69 -8.50 9.30
CA LYS A 171 -2.10 -7.09 9.30
C LYS A 171 -3.61 -7.02 9.41
N GLY A 172 -4.09 -6.05 10.18
CA GLY A 172 -5.51 -5.90 10.43
C GLY A 172 -6.07 -6.80 11.52
N SER A 173 -5.24 -7.63 12.11
CA SER A 173 -5.70 -8.47 13.22
C SER A 173 -5.40 -7.87 14.59
N SER A 174 -4.77 -6.69 14.64
CA SER A 174 -4.37 -6.15 15.94
C SER A 174 -5.66 -5.83 16.67
N GLY A 175 -5.68 -6.12 17.97
CA GLY A 175 -6.90 -6.00 18.75
C GLY A 175 -7.56 -7.35 18.95
N GLY A 176 -7.22 -8.31 18.11
CA GLY A 176 -7.75 -9.66 18.24
C GLY A 176 -7.22 -10.33 19.50
N PRO A 177 -7.97 -11.29 20.03
CA PRO A 177 -7.59 -11.95 21.29
C PRO A 177 -6.64 -13.09 21.11
N LEU A 178 -5.84 -13.37 22.14
CA LEU A 178 -5.19 -14.64 22.31
C LEU A 178 -5.93 -15.38 23.43
N LEU A 179 -6.34 -16.61 23.14
CA LEU A 179 -7.15 -17.41 24.03
C LEU A 179 -6.36 -18.60 24.59
N CYS A 180 -6.65 -18.99 25.83
CA CYS A 180 -6.14 -20.26 26.38
C CYS A 180 -7.15 -21.35 25.96
N PRO A 181 -6.80 -22.65 26.15
CA PRO A 181 -7.65 -23.68 25.51
C PRO A 181 -9.10 -23.65 25.99
N SER A 182 -9.29 -23.20 27.23
CA SER A 182 -10.62 -22.99 27.80
C SER A 182 -11.40 -21.83 27.15
N GLY A 183 -10.75 -21.09 26.26
CA GLY A 183 -11.39 -19.97 25.54
C GLY A 183 -11.42 -18.67 26.33
N HIS A 184 -10.62 -18.59 27.39
CA HIS A 184 -10.44 -17.37 28.18
C HIS A 184 -9.39 -16.50 27.53
N ALA A 185 -9.58 -15.18 27.58
CA ALA A 185 -8.63 -14.23 27.00
C ALA A 185 -7.38 -14.11 27.84
N VAL A 186 -6.22 -14.25 27.19
CA VAL A 186 -4.90 -14.01 27.79
C VAL A 186 -4.39 -12.58 27.51
N GLY A 187 -4.87 -11.98 26.42
CA GLY A 187 -4.47 -10.64 26.01
C GLY A 187 -5.01 -10.30 24.63
N ILE A 188 -4.54 -9.18 24.09
CA ILE A 188 -4.87 -8.81 22.71
C ILE A 188 -3.61 -8.54 21.89
N PHE A 189 -3.62 -9.06 20.68
CA PHE A 189 -2.54 -8.94 19.74
C PHE A 189 -2.35 -7.46 19.40
N ARG A 190 -1.10 -7.02 19.32
CA ARG A 190 -0.76 -5.67 18.84
C ARG A 190 0.44 -5.56 17.87
N ALA A 191 1.24 -6.61 17.71
CA ALA A 191 2.41 -6.56 16.85
C ALA A 191 3.06 -7.92 16.69
N ALA A 192 3.75 -8.09 15.58
CA ALA A 192 4.58 -9.28 15.34
C ALA A 192 6.07 -8.95 15.58
N VAL A 193 6.81 -9.96 15.99
CA VAL A 193 8.24 -9.92 16.01
C VAL A 193 8.65 -10.59 14.70
N CYS A 194 9.40 -9.84 13.88
CA CYS A 194 9.79 -10.30 12.55
C CYS A 194 11.29 -10.45 12.39
N THR A 195 11.66 -11.48 11.63
CA THR A 195 13.00 -11.69 11.13
C THR A 195 12.87 -11.65 9.61
N ARG A 196 13.39 -10.59 9.00
CA ARG A 196 13.44 -10.42 7.55
C ARG A 196 12.09 -10.62 6.85
N GLY A 197 11.03 -10.09 7.42
CA GLY A 197 9.71 -10.17 6.80
C GLY A 197 8.88 -11.38 7.19
N VAL A 198 9.37 -12.20 8.12
CA VAL A 198 8.65 -13.39 8.54
C VAL A 198 8.36 -13.31 10.03
N ALA A 199 7.07 -13.34 10.37
CA ALA A 199 6.68 -13.30 11.77
C ALA A 199 7.01 -14.61 12.43
N LYS A 200 7.87 -14.55 13.44
CA LYS A 200 8.25 -15.73 14.20
C LYS A 200 7.51 -15.75 15.53
N ALA A 201 7.14 -14.58 16.03
CA ALA A 201 6.37 -14.48 17.29
C ALA A 201 5.39 -13.31 17.27
N VAL A 202 4.57 -13.23 18.31
CA VAL A 202 3.57 -12.16 18.43
C VAL A 202 3.62 -11.48 19.80
N ASP A 203 3.43 -10.16 19.79
CA ASP A 203 3.36 -9.35 21.01
C ASP A 203 1.90 -9.03 21.30
N PHE A 204 1.53 -9.09 22.57
CA PHE A 204 0.19 -8.73 22.98
C PHE A 204 0.18 -7.91 24.26
N VAL A 205 -0.95 -7.29 24.54
CA VAL A 205 -1.17 -6.61 25.78
C VAL A 205 -1.79 -7.64 26.73
N PRO A 206 -1.05 -8.06 27.77
CA PRO A 206 -1.62 -9.02 28.72
C PRO A 206 -2.92 -8.56 29.36
N VAL A 207 -3.70 -9.53 29.82
CA VAL A 207 -5.00 -9.25 30.41
C VAL A 207 -4.82 -8.56 31.78
N GLU A 208 -3.75 -8.89 32.48
CA GLU A 208 -3.49 -8.26 33.77
C GLU A 208 -2.95 -6.83 33.61
N SER A 209 -2.48 -6.47 32.41
CA SER A 209 -2.24 -5.04 32.11
C SER A 209 -3.56 -4.32 31.83
N MET A 210 -4.59 -5.08 31.45
CA MET A 210 -5.94 -4.52 31.35
C MET A 210 -6.55 -4.25 32.73
N GLU A 211 -6.24 -5.08 33.72
CA GLU A 211 -6.75 -4.85 35.11
C GLU A 211 -5.91 -3.82 35.90
N THR A 212 -4.60 -3.76 35.64
CA THR A 212 -3.76 -2.64 36.10
C THR A 212 -4.27 -1.29 35.56
N THR A 213 -4.85 -1.32 34.35
CA THR A 213 -5.44 -0.14 33.75
C THR A 213 -6.77 0.21 34.44
N MET A 214 -7.56 -0.79 34.78
CA MET A 214 -8.84 -0.55 35.43
C MET A 214 -8.70 -0.19 36.92
N ARG A 215 -7.64 -0.64 37.59
CA ARG A 215 -7.44 -0.30 39.01
C ARG A 215 -6.66 1.02 39.18
N SER A 216 -6.72 1.86 38.17
CA SER A 216 -6.28 3.24 38.28
C SER A 216 -7.53 4.14 38.19
N PRO A 217 -7.40 5.42 38.62
CA PRO A 217 -8.47 6.38 38.34
C PRO A 217 -8.62 6.71 36.83
N VAL A 218 -9.87 6.80 36.37
CA VAL A 218 -10.19 7.21 34.98
C VAL A 218 -9.74 8.64 34.61
N PHE A 219 -9.67 9.52 35.60
CA PHE A 219 -9.15 10.88 35.41
C PHE A 219 -7.90 11.09 36.31
N THR A 220 -6.82 11.60 35.71
CA THR A 220 -5.61 11.97 36.46
C THR A 220 -5.29 13.46 36.25
N ASP A 221 -4.86 14.11 37.31
CA ASP A 221 -4.63 15.54 37.25
C ASP A 221 -3.17 15.87 37.13
N ASN A 222 -2.85 16.73 36.16
CA ASN A 222 -1.49 17.17 35.94
C ASN A 222 -1.43 18.67 35.59
N SER A 223 -2.51 19.41 35.91
CA SER A 223 -2.62 20.83 35.55
C SER A 223 -1.79 21.80 36.42
N SER A 224 -1.27 21.31 37.55
CA SER A 224 -0.53 22.13 38.51
C SER A 224 0.89 21.59 38.66
N PRO A 225 1.89 22.50 38.74
CA PRO A 225 3.23 22.08 39.05
C PRO A 225 3.22 21.29 40.35
N PRO A 226 3.95 20.18 40.39
CA PRO A 226 4.09 19.36 41.58
C PRO A 226 4.72 20.11 42.75
N ALA A 227 4.51 19.61 43.96
CA ALA A 227 5.31 20.03 45.11
C ALA A 227 6.59 19.32 44.94
N VAL A 228 7.66 19.91 45.45
CA VAL A 228 8.96 19.25 45.45
C VAL A 228 8.90 18.08 46.43
N PRO A 229 9.16 16.84 45.95
CA PRO A 229 9.12 15.68 46.83
C PRO A 229 10.45 15.56 47.53
N GLN A 230 10.46 14.74 48.58
CA GLN A 230 11.65 14.60 49.40
C GLN A 230 12.63 13.62 48.77
N SER A 231 12.13 12.73 47.91
CA SER A 231 12.98 11.83 47.13
C SER A 231 12.62 11.89 45.65
N PHE A 232 13.58 11.55 44.80
CA PHE A 232 13.46 11.66 43.35
C PHE A 232 12.13 11.15 42.80
N GLN A 233 11.48 12.00 42.02
CA GLN A 233 10.21 11.67 41.39
C GLN A 233 10.15 12.33 39.97
N VAL A 234 9.51 11.66 39.02
CA VAL A 234 9.25 12.24 37.69
C VAL A 234 7.78 12.64 37.63
N ALA A 235 7.48 13.91 37.39
CA ALA A 235 6.09 14.33 37.29
C ALA A 235 5.80 14.95 35.92
N HIS A 236 4.51 15.02 35.57
CA HIS A 236 4.06 15.62 34.31
C HIS A 236 3.28 16.90 34.55
N LEU A 237 3.49 17.89 33.68
CA LEU A 237 2.78 19.16 33.75
C LEU A 237 2.08 19.38 32.42
N HIS A 238 0.76 19.13 32.40
CA HIS A 238 -0.03 19.38 31.20
C HIS A 238 -0.81 20.66 31.41
N ALA A 239 -0.26 21.76 30.92
CA ALA A 239 -0.84 23.10 31.05
C ALA A 239 -0.46 23.93 29.83
N PRO A 240 -1.34 24.89 29.45
CA PRO A 240 -1.18 25.66 28.21
C PRO A 240 -0.06 26.69 28.27
N THR A 241 0.36 27.13 27.11
CA THR A 241 1.31 28.23 26.99
C THR A 241 0.66 29.44 27.61
N GLY A 242 1.46 30.27 28.30
CA GLY A 242 0.90 31.43 28.95
C GLY A 242 0.28 31.12 30.30
N SER A 243 0.21 29.84 30.68
CA SER A 243 0.11 29.47 32.11
C SER A 243 1.44 29.76 32.82
N GLY A 244 2.50 30.00 32.03
CA GLY A 244 3.83 30.34 32.53
C GLY A 244 4.70 29.14 32.85
N LYS A 245 4.49 28.04 32.15
CA LYS A 245 5.20 26.78 32.45
C LYS A 245 6.72 26.95 32.49
N SER A 246 7.23 27.88 31.69
CA SER A 246 8.67 28.11 31.52
C SER A 246 9.17 29.45 32.13
N THR A 247 8.28 30.20 32.78
CA THR A 247 8.71 31.44 33.45
C THR A 247 8.29 31.42 34.91
N LYS A 248 6.98 31.49 35.11
CA LYS A 248 6.39 31.53 36.44
C LYS A 248 6.77 30.29 37.26
N VAL A 249 6.58 29.09 36.73
CA VAL A 249 6.74 27.93 37.64
C VAL A 249 8.16 27.77 38.19
N PRO A 250 9.19 27.89 37.32
CA PRO A 250 10.58 27.87 37.85
C PRO A 250 10.88 29.08 38.74
N ALA A 251 10.32 30.24 38.43
CA ALA A 251 10.43 31.41 39.31
C ALA A 251 9.88 31.05 40.69
N ALA A 252 8.70 30.43 40.70
CA ALA A 252 8.07 29.99 41.96
C ALA A 252 8.95 29.03 42.72
N TYR A 253 9.52 28.06 42.03
CA TYR A 253 10.37 27.05 42.70
C TYR A 253 11.61 27.74 43.24
N ALA A 254 12.20 28.63 42.44
CA ALA A 254 13.35 29.42 42.86
C ALA A 254 13.03 30.17 44.14
N ALA A 255 11.85 30.79 44.21
CA ALA A 255 11.45 31.54 45.41
C ALA A 255 11.42 30.72 46.70
N GLN A 256 11.22 29.41 46.56
CA GLN A 256 11.24 28.50 47.72
C GLN A 256 12.64 27.94 47.97
N GLY A 257 13.62 28.38 47.18
CA GLY A 257 15.04 28.11 47.48
C GLY A 257 15.64 26.92 46.76
N TYR A 258 15.00 26.48 45.67
CA TYR A 258 15.49 25.35 44.90
C TYR A 258 16.26 25.86 43.68
N LYS A 259 17.27 25.10 43.24
CA LYS A 259 18.01 25.36 41.99
C LYS A 259 17.34 24.63 40.82
N VAL A 260 17.12 25.36 39.75
CA VAL A 260 16.25 24.94 38.66
C VAL A 260 16.89 25.12 37.29
N LEU A 261 16.77 24.06 36.49
CA LEU A 261 17.25 24.04 35.12
C LEU A 261 16.02 23.92 34.24
N VAL A 262 15.87 24.81 33.26
CA VAL A 262 14.76 24.77 32.33
C VAL A 262 15.27 24.50 30.94
N LEU A 263 14.86 23.35 30.39
CA LEU A 263 15.33 22.90 29.08
C LEU A 263 14.26 23.10 28.03
N ASN A 264 14.68 23.53 26.85
CA ASN A 264 13.75 23.82 25.79
C ASN A 264 14.41 23.55 24.42
N PRO A 265 13.63 23.06 23.42
CA PRO A 265 14.24 22.76 22.13
C PRO A 265 14.68 24.01 21.37
N SER A 266 14.09 25.17 21.65
CA SER A 266 14.35 26.37 20.82
C SER A 266 15.32 27.41 21.45
N VAL A 267 16.33 27.78 20.69
CA VAL A 267 17.26 28.83 21.08
C VAL A 267 16.55 30.17 21.34
N ALA A 268 15.61 30.54 20.49
CA ALA A 268 14.90 31.81 20.63
C ALA A 268 13.95 31.80 21.83
N ALA A 269 13.30 30.67 22.07
CA ALA A 269 12.44 30.55 23.24
C ALA A 269 13.26 30.64 24.51
N THR A 270 14.40 29.97 24.51
CA THR A 270 15.25 29.90 25.68
C THR A 270 15.73 31.30 26.06
N LEU A 271 16.20 32.04 25.07
CA LEU A 271 16.67 33.42 25.29
C LEU A 271 15.54 34.33 25.76
N GLY A 272 14.35 34.16 25.18
CA GLY A 272 13.16 34.96 25.54
C GLY A 272 12.70 34.78 26.99
N PHE A 273 12.64 33.53 27.43
CA PHE A 273 12.30 33.24 28.82
C PHE A 273 13.31 33.85 29.78
N GLY A 274 14.59 33.67 29.50
CA GLY A 274 15.63 34.27 30.33
C GLY A 274 15.50 35.79 30.39
N ALA A 275 15.22 36.39 29.24
CA ALA A 275 15.12 37.84 29.14
C ALA A 275 13.86 38.30 29.83
N TYR A 276 12.83 37.46 29.80
CA TYR A 276 11.57 37.79 30.47
C TYR A 276 11.74 37.69 31.99
N MET A 277 12.48 36.69 32.42
CA MET A 277 12.71 36.50 33.83
C MET A 277 13.46 37.70 34.40
N SER A 278 14.47 38.18 33.68
CA SER A 278 15.29 39.29 34.17
C SER A 278 14.46 40.56 34.44
N LYS A 279 13.57 40.91 33.51
CA LYS A 279 12.79 42.14 33.64
C LYS A 279 11.53 42.00 34.52
N ALA A 280 10.86 40.85 34.47
CA ALA A 280 9.66 40.63 35.30
C ALA A 280 9.95 40.01 36.69
N HIS A 281 10.17 38.69 36.75
CA HIS A 281 10.26 37.98 38.04
C HIS A 281 11.51 38.25 38.94
N GLY A 282 12.41 39.16 38.54
CA GLY A 282 13.52 39.59 39.40
C GLY A 282 14.90 38.97 39.15
N ILE A 283 14.92 37.67 38.85
CA ILE A 283 16.16 36.88 38.70
C ILE A 283 16.90 37.23 37.38
N ASP A 284 18.23 37.22 37.41
CA ASP A 284 19.07 37.24 36.20
C ASP A 284 19.66 35.83 35.94
N PRO A 285 18.97 35.01 35.13
CA PRO A 285 19.33 33.58 35.10
C PRO A 285 20.59 33.28 34.31
N ASN A 286 21.19 32.11 34.56
CA ASN A 286 22.24 31.59 33.69
C ASN A 286 21.58 31.23 32.37
N ILE A 287 22.28 31.48 31.27
CA ILE A 287 21.80 31.16 29.94
C ILE A 287 22.83 30.29 29.26
N ARG A 288 22.40 29.24 28.57
CA ARG A 288 23.33 28.37 27.91
C ARG A 288 22.76 27.96 26.57
N THR A 289 23.34 28.55 25.52
CA THR A 289 23.07 28.15 24.15
C THR A 289 24.35 28.28 23.35
N GLY A 290 24.33 27.75 22.12
CA GLY A 290 25.43 27.93 21.17
C GLY A 290 25.79 29.40 20.98
N VAL A 291 24.79 30.22 20.76
CA VAL A 291 25.03 31.60 20.34
C VAL A 291 25.23 32.54 21.54
N ARG A 292 24.65 32.22 22.70
CA ARG A 292 24.86 33.08 23.88
C ARG A 292 24.90 32.27 25.18
N THR A 293 25.95 32.47 25.98
CA THR A 293 26.11 31.79 27.23
C THR A 293 26.59 32.77 28.28
N ILE A 294 25.84 32.85 29.39
CA ILE A 294 26.19 33.72 30.50
C ILE A 294 26.17 32.93 31.80
N THR A 295 27.16 33.12 32.65
CA THR A 295 27.08 32.61 34.02
C THR A 295 26.97 33.81 34.95
N THR A 296 25.82 33.91 35.66
CA THR A 296 25.54 34.97 36.64
C THR A 296 25.49 34.47 38.09
N GLY A 297 25.63 33.18 38.32
CA GLY A 297 25.50 32.63 39.68
C GLY A 297 24.08 32.49 40.23
N ALA A 298 23.07 32.87 39.45
CA ALA A 298 21.65 32.68 39.84
C ALA A 298 21.24 31.20 40.00
N PRO A 299 20.14 30.93 40.75
CA PRO A 299 19.72 29.56 40.93
C PRO A 299 18.77 29.04 39.82
N VAL A 300 18.47 29.86 38.81
CA VAL A 300 17.81 29.39 37.59
C VAL A 300 18.78 29.43 36.40
N THR A 301 18.75 28.35 35.62
CA THR A 301 19.53 28.24 34.39
C THR A 301 18.55 27.89 33.26
N TYR A 302 18.63 28.63 32.17
CA TYR A 302 17.89 28.30 30.95
C TYR A 302 18.87 27.73 29.95
N SER A 303 18.55 26.55 29.40
CA SER A 303 19.35 25.91 28.35
C SER A 303 18.46 25.28 27.27
N THR A 304 19.06 25.02 26.13
CA THR A 304 18.46 24.17 25.11
C THR A 304 18.91 22.74 25.36
N TYR A 305 18.21 21.79 24.77
CA TYR A 305 18.60 20.39 24.85
C TYR A 305 19.99 20.15 24.21
N GLY A 306 20.24 20.80 23.07
CA GLY A 306 21.50 20.66 22.35
C GLY A 306 22.70 21.14 23.15
N LYS A 307 22.53 22.21 23.91
CA LYS A 307 23.65 22.75 24.68
C LYS A 307 23.90 21.91 25.92
N PHE A 308 22.81 21.51 26.57
CA PHE A 308 22.83 20.54 27.66
C PHE A 308 23.60 19.28 27.30
N LEU A 309 23.30 18.71 26.13
CA LEU A 309 24.02 17.54 25.62
C LEU A 309 25.48 17.86 25.32
N ALA A 310 25.70 18.95 24.59
CA ALA A 310 27.07 19.41 24.32
C ALA A 310 27.87 19.71 25.60
N ASP A 311 27.21 20.12 26.68
CA ASP A 311 27.87 20.29 27.97
C ASP A 311 28.12 18.94 28.69
N GLY A 312 27.79 17.81 28.06
CA GLY A 312 27.90 16.51 28.71
C GLY A 312 26.82 16.12 29.72
N GLY A 313 25.62 16.68 29.60
CA GLY A 313 24.50 16.31 30.48
C GLY A 313 24.53 16.94 31.86
N CYS A 314 24.07 16.18 32.87
CA CYS A 314 23.90 16.66 34.25
C CYS A 314 25.24 16.68 35.01
N SER A 315 25.55 17.83 35.62
CA SER A 315 26.73 17.94 36.49
C SER A 315 26.31 17.81 37.96
N GLY A 316 27.00 16.94 38.70
CA GLY A 316 26.61 16.60 40.10
C GLY A 316 26.27 17.72 41.08
N GLY A 317 25.06 17.66 41.65
CA GLY A 317 24.64 18.59 42.72
C GLY A 317 24.22 19.99 42.28
N ALA A 318 24.20 20.25 40.98
CA ALA A 318 23.93 21.59 40.48
C ALA A 318 22.45 21.98 40.54
N TYR A 319 21.54 21.02 40.33
CA TYR A 319 20.09 21.30 40.23
C TYR A 319 19.20 20.36 41.09
N ASP A 320 18.20 20.95 41.74
CA ASP A 320 17.18 20.19 42.46
C ASP A 320 16.02 19.87 41.57
N ILE A 321 15.79 20.76 40.60
CA ILE A 321 14.66 20.65 39.70
C ILE A 321 15.09 20.87 38.26
N ILE A 322 14.63 19.96 37.40
CA ILE A 322 14.86 20.07 35.95
C ILE A 322 13.53 20.04 35.23
N ILE A 323 13.21 21.15 34.58
CA ILE A 323 12.03 21.22 33.77
C ILE A 323 12.39 20.89 32.33
N CYS A 324 11.91 19.76 31.84
CA CYS A 324 12.00 19.40 30.40
C CYS A 324 10.77 19.95 29.69
N ASP A 325 10.92 21.13 29.11
CA ASP A 325 9.77 21.85 28.51
C ASP A 325 9.52 21.35 27.07
N GLU A 326 8.32 21.57 26.54
CA GLU A 326 7.91 21.06 25.24
C GLU A 326 8.31 19.59 25.07
N CYS A 327 8.02 18.77 26.07
CA CYS A 327 8.39 17.37 26.07
C CYS A 327 7.62 16.50 25.01
N HIS A 328 6.65 17.10 24.36
CA HIS A 328 5.99 16.49 23.21
C HIS A 328 6.84 16.41 21.94
N SER A 329 7.94 17.17 21.86
CA SER A 329 8.73 17.25 20.63
C SER A 329 9.48 15.94 20.33
N THR A 330 9.58 15.57 19.05
CA THR A 330 10.21 14.30 18.69
C THR A 330 11.37 14.46 17.74
N ASP A 331 11.98 15.63 17.75
CA ASP A 331 13.29 15.77 17.13
C ASP A 331 14.31 15.01 17.99
N SER A 332 15.43 14.62 17.36
CA SER A 332 16.41 13.77 18.00
C SER A 332 17.05 14.43 19.23
N THR A 333 17.39 15.70 19.10
CA THR A 333 18.05 16.41 20.20
C THR A 333 17.22 16.33 21.48
N THR A 334 15.91 16.63 21.37
CA THR A 334 15.00 16.66 22.49
C THR A 334 14.89 15.28 23.13
N ILE A 335 14.69 14.25 22.31
CA ILE A 335 14.59 12.88 22.81
C ILE A 335 15.85 12.46 23.51
N LEU A 336 16.97 12.74 22.88
CA LEU A 336 18.28 12.43 23.43
C LEU A 336 18.49 13.20 24.75
N GLY A 337 18.16 14.50 24.75
CA GLY A 337 18.26 15.31 25.95
C GLY A 337 17.43 14.82 27.13
N ILE A 338 16.17 14.50 26.87
CA ILE A 338 15.27 14.04 27.89
C ILE A 338 15.74 12.67 28.37
N GLY A 339 16.16 11.85 27.43
CA GLY A 339 16.72 10.55 27.76
C GLY A 339 17.88 10.69 28.75
N THR A 340 18.75 11.65 28.50
CA THR A 340 19.88 11.91 29.36
C THR A 340 19.47 12.28 30.78
N VAL A 341 18.63 13.31 30.88
CA VAL A 341 18.10 13.73 32.18
C VAL A 341 17.47 12.58 32.92
N LEU A 342 16.65 11.78 32.23
CA LEU A 342 16.03 10.63 32.88
C LEU A 342 17.08 9.65 33.39
N ASP A 343 18.12 9.39 32.61
CA ASP A 343 19.15 8.48 33.08
C ASP A 343 20.05 9.06 34.18
N GLN A 344 20.21 10.39 34.24
CA GLN A 344 21.30 10.96 35.03
C GLN A 344 20.86 11.78 36.24
N ALA A 345 19.58 12.14 36.31
CA ALA A 345 19.14 13.12 37.31
C ALA A 345 19.19 12.62 38.77
N GLU A 346 18.55 11.50 39.07
CA GLU A 346 18.59 10.95 40.44
C GLU A 346 19.99 10.85 41.00
N THR A 347 20.92 10.34 40.20
CA THR A 347 22.32 10.17 40.60
C THR A 347 23.05 11.50 40.71
N ALA A 348 22.56 12.52 40.04
CA ALA A 348 23.15 13.84 40.12
C ALA A 348 22.55 14.64 41.27
N GLY A 349 21.54 14.08 41.96
CA GLY A 349 20.99 14.67 43.20
C GLY A 349 19.74 15.52 43.04
N ALA A 350 19.13 15.48 41.86
CA ALA A 350 17.87 16.16 41.65
C ALA A 350 16.77 15.46 42.44
N ARG A 351 15.76 16.20 42.86
CA ARG A 351 14.60 15.62 43.57
C ARG A 351 13.40 15.48 42.61
N LEU A 352 13.39 16.30 41.57
CA LEU A 352 12.23 16.46 40.73
C LEU A 352 12.60 16.71 39.25
N VAL A 353 12.07 15.85 38.38
CA VAL A 353 12.08 16.07 36.92
C VAL A 353 10.65 16.30 36.48
N VAL A 354 10.43 17.41 35.78
CA VAL A 354 9.11 17.76 35.31
C VAL A 354 9.07 17.71 33.81
N LEU A 355 8.15 16.90 33.28
CA LEU A 355 7.94 16.79 31.85
C LEU A 355 6.74 17.63 31.49
N ALA A 356 7.02 18.77 30.86
CA ALA A 356 6.03 19.80 30.63
C ALA A 356 5.64 19.92 29.16
N THR A 357 4.33 20.04 28.89
CA THR A 357 3.79 20.24 27.55
C THR A 357 2.33 20.64 27.62
N ALA A 358 1.90 21.41 26.62
CA ALA A 358 0.48 21.65 26.42
C ALA A 358 -0.20 20.43 25.81
N THR A 359 0.56 19.63 25.04
CA THR A 359 -0.03 18.60 24.17
C THR A 359 0.61 17.23 24.40
N PRO A 360 0.25 16.56 25.51
CA PRO A 360 0.84 15.29 25.83
C PRO A 360 0.26 14.17 24.94
N PRO A 361 0.88 12.98 24.92
CA PRO A 361 0.39 11.89 24.08
C PRO A 361 -1.03 11.49 24.44
N GLY A 362 -1.87 11.30 23.43
CA GLY A 362 -3.29 11.05 23.63
C GLY A 362 -4.19 12.27 23.54
N SER A 363 -3.61 13.47 23.50
CA SER A 363 -4.41 14.68 23.54
C SER A 363 -5.13 14.91 22.21
N VAL A 364 -6.20 15.70 22.28
CA VAL A 364 -7.05 16.01 21.12
C VAL A 364 -7.20 17.53 21.02
N THR A 365 -7.37 18.04 19.81
CA THR A 365 -7.55 19.46 19.63
C THR A 365 -8.97 19.85 20.03
N VAL A 366 -9.10 20.49 21.19
CA VAL A 366 -10.37 21.01 21.68
C VAL A 366 -10.52 22.49 21.30
N PRO A 367 -11.76 22.99 21.21
CA PRO A 367 -11.93 24.41 20.87
C PRO A 367 -11.30 25.35 21.88
N HIS A 368 -10.81 26.49 21.38
CA HIS A 368 -10.17 27.53 22.19
C HIS A 368 -11.08 28.78 22.15
N PRO A 369 -11.58 29.24 23.30
CA PRO A 369 -12.53 30.37 23.32
C PRO A 369 -12.04 31.73 22.75
N ASN A 370 -10.75 31.90 22.50
CA ASN A 370 -10.22 33.10 21.83
C ASN A 370 -10.06 32.96 20.33
N ILE A 371 -10.39 31.78 19.79
CA ILE A 371 -10.03 31.42 18.41
C ILE A 371 -11.27 30.98 17.62
N GLU A 372 -11.53 31.67 16.52
CA GLU A 372 -12.67 31.36 15.68
C GLU A 372 -12.21 30.48 14.51
N GLU A 373 -12.73 29.25 14.44
CA GLU A 373 -12.26 28.26 13.47
C GLU A 373 -13.15 28.20 12.21
N VAL A 374 -12.52 28.38 11.04
CA VAL A 374 -13.19 28.54 9.74
C VAL A 374 -12.60 27.72 8.57
N ALA A 375 -13.43 26.84 7.99
CA ALA A 375 -13.01 26.03 6.83
C ALA A 375 -12.79 26.88 5.60
N LEU A 376 -11.64 26.71 4.94
CA LEU A 376 -11.41 27.33 3.62
C LEU A 376 -12.42 26.72 2.64
N SER A 377 -12.78 27.47 1.61
CA SER A 377 -13.67 26.96 0.55
C SER A 377 -12.94 26.98 -0.79
N ASN A 378 -13.63 26.58 -1.86
CA ASN A 378 -13.11 26.79 -3.22
C ASN A 378 -13.24 28.27 -3.69
N THR A 379 -13.94 29.08 -2.91
CA THR A 379 -14.08 30.51 -3.19
C THR A 379 -12.84 31.28 -2.70
N GLY A 380 -12.17 31.98 -3.62
CA GLY A 380 -10.94 32.70 -3.29
C GLY A 380 -10.02 32.84 -4.49
N GLU A 381 -9.13 33.84 -4.42
CA GLU A 381 -8.22 34.17 -5.53
C GLU A 381 -6.89 33.44 -5.38
N ILE A 382 -6.58 33.04 -4.16
CA ILE A 382 -5.30 32.42 -3.85
C ILE A 382 -5.50 30.92 -3.69
N PRO A 383 -5.00 30.12 -4.66
CA PRO A 383 -5.09 28.66 -4.50
C PRO A 383 -4.22 28.18 -3.35
N PHE A 384 -4.80 27.34 -2.50
CA PHE A 384 -4.08 26.84 -1.34
C PHE A 384 -4.46 25.38 -1.06
N TYR A 385 -3.58 24.47 -1.48
CA TYR A 385 -3.72 23.06 -1.19
C TYR A 385 -5.10 22.50 -1.56
N GLY A 386 -5.48 22.70 -2.81
CA GLY A 386 -6.79 22.25 -3.30
C GLY A 386 -8.00 23.06 -2.87
N LYS A 387 -7.83 24.05 -1.98
CA LYS A 387 -8.92 24.97 -1.62
C LYS A 387 -8.47 26.36 -2.02
N ALA A 388 -8.92 27.40 -1.30
CA ALA A 388 -8.72 28.78 -1.73
C ALA A 388 -8.65 29.75 -0.56
N ILE A 389 -7.79 30.76 -0.67
CA ILE A 389 -7.73 31.85 0.33
C ILE A 389 -8.25 33.16 -0.27
N PRO A 390 -9.28 33.77 0.36
CA PRO A 390 -9.72 35.08 -0.15
C PRO A 390 -8.72 36.16 0.24
N ILE A 391 -8.38 37.04 -0.70
CA ILE A 391 -7.41 38.12 -0.46
C ILE A 391 -7.83 38.97 0.75
N GLU A 392 -9.14 39.18 0.89
CA GLU A 392 -9.68 39.98 1.98
C GLU A 392 -9.18 39.48 3.32
N ALA A 393 -9.29 38.17 3.51
CA ALA A 393 -9.00 37.53 4.81
C ALA A 393 -7.59 37.78 5.31
N ILE A 394 -6.68 38.14 4.40
CA ILE A 394 -5.28 38.41 4.73
C ILE A 394 -4.70 39.77 4.29
N ARG A 395 -5.47 40.57 3.56
CA ARG A 395 -4.90 41.80 2.98
C ARG A 395 -4.36 42.79 4.02
N GLY A 396 -5.02 42.89 5.16
CA GLY A 396 -4.55 43.76 6.25
C GLY A 396 -4.41 43.00 7.55
N GLY A 397 -3.23 43.10 8.17
CA GLY A 397 -3.00 42.59 9.53
C GLY A 397 -1.72 41.79 9.67
N ARG A 398 -1.64 41.03 10.75
CA ARG A 398 -0.53 40.10 10.98
C ARG A 398 -1.04 38.69 10.75
N HIS A 399 -0.53 38.02 9.70
CA HIS A 399 -1.03 36.70 9.33
C HIS A 399 0.07 35.68 9.08
N LEU A 400 -0.26 34.42 9.41
CA LEU A 400 0.67 33.29 9.30
C LEU A 400 0.07 32.14 8.48
N ILE A 401 0.84 31.70 7.50
CA ILE A 401 0.44 30.60 6.65
C ILE A 401 1.43 29.43 6.79
N PHE A 402 0.98 28.33 7.39
CA PHE A 402 1.80 27.11 7.45
C PHE A 402 1.71 26.33 6.15
N CYS A 403 2.86 26.17 5.49
CA CYS A 403 3.03 25.29 4.34
C CYS A 403 4.00 24.18 4.67
N HIS A 404 3.83 23.02 4.03
CA HIS A 404 4.60 21.80 4.37
C HIS A 404 6.07 21.81 3.88
N SER A 405 6.31 22.37 2.70
CA SER A 405 7.66 22.44 2.10
C SER A 405 8.21 23.85 1.97
N LYS A 406 9.54 23.96 1.97
CA LYS A 406 10.22 25.19 1.59
C LYS A 406 9.71 25.72 0.25
N LYS A 407 9.66 24.85 -0.76
CA LYS A 407 9.30 25.24 -2.13
C LYS A 407 8.00 26.02 -2.17
N LYS A 408 6.96 25.43 -1.60
CA LYS A 408 5.64 26.05 -1.62
C LYS A 408 5.70 27.44 -0.98
N CYS A 409 6.36 27.56 0.17
CA CYS A 409 6.52 28.86 0.83
C CYS A 409 7.02 29.93 -0.15
N ASP A 410 8.06 29.59 -0.93
CA ASP A 410 8.59 30.52 -1.92
C ASP A 410 7.62 30.80 -3.08
N GLU A 411 6.85 29.78 -3.48
CA GLU A 411 5.80 29.96 -4.51
C GLU A 411 4.68 30.85 -3.98
N LEU A 412 4.34 30.66 -2.71
CA LEU A 412 3.21 31.35 -2.11
C LEU A 412 3.55 32.75 -1.66
N ALA A 413 4.80 32.98 -1.25
CA ALA A 413 5.27 34.35 -0.99
C ALA A 413 5.26 35.12 -2.30
N ALA A 414 5.76 34.49 -3.36
CA ALA A 414 5.79 35.08 -4.70
C ALA A 414 4.39 35.43 -5.19
N LYS A 415 3.51 34.43 -5.25
CA LYS A 415 2.14 34.65 -5.74
C LYS A 415 1.38 35.71 -4.93
N LEU A 416 1.70 35.85 -3.64
CA LEU A 416 1.00 36.79 -2.74
C LEU A 416 1.49 38.23 -2.89
N SER A 417 2.80 38.42 -2.97
CA SER A 417 3.38 39.76 -3.03
C SER A 417 3.07 40.41 -4.39
N GLY A 418 3.20 39.64 -5.47
CA GLY A 418 2.82 40.07 -6.81
C GLY A 418 1.42 40.65 -6.85
N LEU A 419 0.53 40.11 -6.02
CA LEU A 419 -0.82 40.64 -5.87
C LEU A 419 -0.88 41.69 -4.75
N GLY A 420 0.24 42.37 -4.52
CA GLY A 420 0.30 43.47 -3.56
C GLY A 420 0.16 43.03 -2.11
N ILE A 421 1.19 42.39 -1.58
CA ILE A 421 1.22 41.97 -0.16
C ILE A 421 2.64 42.09 0.38
N ASN A 422 2.78 42.31 1.69
CA ASN A 422 4.08 42.22 2.32
C ASN A 422 4.30 40.76 2.75
N ALA A 423 4.62 39.94 1.76
CA ALA A 423 4.84 38.50 1.97
C ALA A 423 6.33 38.21 2.13
N VAL A 424 6.64 37.31 3.05
CA VAL A 424 8.00 36.79 3.23
C VAL A 424 7.95 35.33 3.66
N ALA A 425 8.99 34.60 3.29
CA ALA A 425 9.12 33.21 3.66
C ALA A 425 10.03 33.07 4.88
N TYR A 426 9.81 31.98 5.60
CA TYR A 426 10.73 31.58 6.62
C TYR A 426 10.74 30.04 6.73
N TYR A 427 11.92 29.47 6.65
CA TYR A 427 12.13 28.03 6.81
C TYR A 427 13.59 27.86 7.20
N ARG A 428 14.03 26.64 7.51
CA ARG A 428 15.42 26.40 7.93
C ARG A 428 16.40 26.98 6.89
N GLY A 429 17.40 27.72 7.40
CA GLY A 429 18.40 28.38 6.54
C GLY A 429 18.32 29.90 6.56
N LEU A 430 17.11 30.43 6.43
CA LEU A 430 16.89 31.86 6.48
C LEU A 430 17.05 32.33 7.92
N ASP A 431 17.63 33.52 8.10
CA ASP A 431 17.72 34.12 9.41
C ASP A 431 16.39 34.78 9.73
N VAL A 432 15.86 34.52 10.93
CA VAL A 432 14.69 35.29 11.40
C VAL A 432 15.11 36.74 11.52
N SER A 433 14.12 37.63 11.63
CA SER A 433 14.32 39.08 11.49
C SER A 433 13.89 39.47 10.07
N VAL A 434 14.03 38.54 9.11
CA VAL A 434 13.28 38.60 7.85
C VAL A 434 11.77 38.68 8.11
N ILE A 435 11.36 38.20 9.29
CA ILE A 435 10.00 38.43 9.81
C ILE A 435 9.97 39.72 10.63
N PRO A 436 9.43 40.80 10.04
CA PRO A 436 9.52 42.08 10.73
C PRO A 436 8.41 42.26 11.77
N THR A 437 8.52 43.31 12.57
CA THR A 437 7.43 43.70 13.47
C THR A 437 7.70 45.04 14.18
N ILE A 438 7.25 46.20 13.65
CA ILE A 438 6.54 46.41 12.36
C ILE A 438 5.09 45.86 12.40
N GLY A 439 4.31 46.16 11.37
CA GLY A 439 2.90 45.80 11.31
C GLY A 439 2.59 44.83 10.19
N ASP A 440 1.92 45.32 9.15
CA ASP A 440 1.27 44.47 8.14
C ASP A 440 2.21 43.50 7.44
N VAL A 441 1.88 42.21 7.53
CA VAL A 441 2.71 41.15 6.98
C VAL A 441 1.94 39.83 6.84
N VAL A 442 2.35 39.04 5.85
CA VAL A 442 1.94 37.64 5.72
C VAL A 442 3.21 36.79 5.66
N VAL A 443 3.48 36.07 6.75
CA VAL A 443 4.62 35.13 6.79
C VAL A 443 4.16 33.73 6.34
N VAL A 444 4.86 33.21 5.34
CA VAL A 444 4.63 31.86 4.86
C VAL A 444 5.79 31.03 5.36
N ALA A 445 5.50 29.93 6.06
CA ALA A 445 6.55 29.23 6.76
C ALA A 445 6.27 27.76 6.94
N THR A 446 7.33 27.01 7.16
CA THR A 446 7.25 25.64 7.64
C THR A 446 7.17 25.61 9.17
N ASP A 447 7.13 24.41 9.75
CA ASP A 447 7.13 24.24 11.21
C ASP A 447 8.39 24.81 11.88
N ALA A 448 9.47 24.98 11.11
CA ALA A 448 10.66 25.70 11.57
C ALA A 448 10.36 27.06 12.22
N LEU A 449 9.28 27.70 11.77
CA LEU A 449 8.72 28.90 12.43
C LEU A 449 8.58 28.75 13.96
N MET A 450 8.32 27.54 14.41
CA MET A 450 8.01 27.36 15.81
C MET A 450 9.24 27.26 16.71
N THR A 451 10.43 27.06 16.11
CA THR A 451 11.70 27.11 16.86
C THR A 451 12.54 28.35 16.56
N GLY A 452 12.17 29.10 15.53
CA GLY A 452 12.88 30.31 15.12
C GLY A 452 12.29 31.61 15.65
N TYR A 453 10.96 31.66 15.75
CA TYR A 453 10.22 32.92 16.01
C TYR A 453 9.21 32.75 17.14
N THR A 454 9.21 33.69 18.10
CA THR A 454 8.32 33.62 19.26
C THR A 454 6.97 34.34 19.13
N GLY A 455 6.85 35.26 18.17
CA GLY A 455 5.64 36.08 18.04
C GLY A 455 4.39 35.36 17.57
N ASP A 456 3.25 36.08 17.64
CA ASP A 456 1.94 35.55 17.25
C ASP A 456 1.21 36.49 16.27
N PHE A 457 -0.03 36.12 15.91
CA PHE A 457 -0.69 36.68 14.71
C PHE A 457 -2.21 36.80 14.85
N ASP A 458 -2.80 37.62 13.99
CA ASP A 458 -4.25 37.88 14.02
C ASP A 458 -5.01 36.67 13.50
N SER A 459 -4.44 36.01 12.49
CA SER A 459 -4.94 34.71 12.03
C SER A 459 -3.80 33.74 11.69
N VAL A 460 -4.12 32.44 11.73
CA VAL A 460 -3.25 31.37 11.24
C VAL A 460 -3.98 30.60 10.13
N ILE A 461 -3.27 30.27 9.06
CA ILE A 461 -3.83 29.48 7.97
C ILE A 461 -2.99 28.21 7.89
N ASP A 462 -3.64 27.04 7.98
CA ASP A 462 -2.94 25.75 8.15
C ASP A 462 -3.26 24.79 7.01
N CYS A 463 -2.26 24.43 6.22
CA CYS A 463 -2.42 23.43 5.14
C CYS A 463 -2.74 22.02 5.70
N ASN A 464 -2.61 21.83 7.01
CA ASN A 464 -2.97 20.59 7.69
C ASN A 464 -2.14 19.39 7.30
N THR A 465 -0.99 19.62 6.69
CA THR A 465 -0.05 18.57 6.35
C THR A 465 1.36 19.00 6.72
N CYS A 466 2.19 18.00 6.98
CA CYS A 466 3.61 18.21 7.27
C CYS A 466 4.48 17.12 6.63
N VAL A 467 5.75 17.43 6.47
CA VAL A 467 6.73 16.47 6.01
C VAL A 467 7.27 15.62 7.19
N THR A 468 7.43 14.33 6.96
CA THR A 468 7.97 13.47 7.96
C THR A 468 8.86 12.42 7.30
N GLN A 469 9.60 11.67 8.13
CA GLN A 469 10.51 10.65 7.62
C GLN A 469 10.15 9.31 8.18
N THR A 470 10.20 8.30 7.33
CA THR A 470 9.74 6.98 7.72
C THR A 470 10.70 5.94 7.19
N VAL A 471 10.97 4.94 8.00
CA VAL A 471 11.87 3.89 7.65
C VAL A 471 11.08 2.71 7.06
N ASP A 472 11.65 2.10 6.04
CA ASP A 472 11.11 0.89 5.46
C ASP A 472 12.24 -0.14 5.56
N PHE A 473 11.98 -1.30 6.16
CA PHE A 473 12.97 -2.38 6.18
C PHE A 473 12.84 -3.16 4.89
N SER A 474 13.40 -2.60 3.80
CA SER A 474 13.08 -3.02 2.43
C SER A 474 14.06 -4.05 1.83
N LEU A 475 15.09 -4.41 2.57
CA LEU A 475 16.00 -5.50 2.23
C LEU A 475 16.60 -5.38 0.82
N ASP A 476 16.77 -4.14 0.38
CA ASP A 476 17.15 -3.84 -1.01
C ASP A 476 18.35 -2.92 -1.12
N PRO A 477 19.46 -3.24 -0.46
CA PRO A 477 19.79 -4.45 0.30
C PRO A 477 19.46 -4.40 1.79
N THR A 478 19.20 -3.21 2.34
CA THR A 478 19.23 -3.05 3.77
C THR A 478 17.95 -2.39 4.25
N PHE A 479 17.98 -1.05 4.41
CA PHE A 479 16.78 -0.29 4.76
C PHE A 479 16.70 0.95 3.90
N THR A 480 15.54 1.59 3.90
CA THR A 480 15.33 2.84 3.23
C THR A 480 14.75 3.83 4.25
N ILE A 481 15.21 5.10 4.17
CA ILE A 481 14.57 6.23 4.86
C ILE A 481 14.01 7.18 3.84
N GLU A 482 12.70 7.29 3.80
CA GLU A 482 12.02 8.09 2.77
C GLU A 482 11.26 9.24 3.37
N THR A 483 11.41 10.41 2.75
CA THR A 483 10.64 11.59 3.11
C THR A 483 9.24 11.45 2.48
N THR A 484 8.20 11.55 3.31
CA THR A 484 6.80 11.51 2.86
C THR A 484 6.01 12.71 3.41
N THR A 485 4.89 12.98 2.77
CA THR A 485 3.96 14.00 3.23
C THR A 485 2.77 13.28 3.85
N VAL A 486 2.34 13.75 5.01
CA VAL A 486 1.30 13.10 5.82
C VAL A 486 0.33 14.08 6.46
N PRO A 487 -0.88 13.61 6.79
CA PRO A 487 -1.80 14.46 7.56
C PRO A 487 -1.23 14.79 8.95
N GLN A 488 -1.55 15.98 9.43
CA GLN A 488 -0.99 16.49 10.68
C GLN A 488 -1.63 15.75 11.88
N ASP A 489 -0.94 15.75 13.01
CA ASP A 489 -1.52 15.18 14.20
C ASP A 489 -2.04 16.28 15.11
N ALA A 490 -2.68 15.88 16.20
CA ALA A 490 -3.21 16.83 17.16
C ALA A 490 -2.16 17.82 17.68
N VAL A 491 -0.96 17.31 18.00
CA VAL A 491 0.13 18.19 18.48
C VAL A 491 0.41 19.25 17.42
N SER A 492 0.60 18.79 16.19
CA SER A 492 0.83 19.69 15.07
C SER A 492 -0.29 20.73 14.98
N ARG A 493 -1.54 20.28 15.01
CA ARG A 493 -2.65 21.18 14.77
C ARG A 493 -2.72 22.15 15.91
N SER A 494 -2.60 21.61 17.12
CA SER A 494 -2.71 22.41 18.34
C SER A 494 -1.59 23.43 18.45
N GLN A 495 -0.37 23.03 18.11
CA GLN A 495 0.74 23.97 18.16
C GLN A 495 0.63 25.03 17.04
N ARG A 496 0.12 24.63 15.87
CA ARG A 496 0.02 25.56 14.72
C ARG A 496 -1.05 26.61 14.95
N ARG A 497 -2.20 26.16 15.47
CA ARG A 497 -3.24 27.05 15.95
C ARG A 497 -2.73 27.98 17.07
N GLY A 498 -2.03 27.41 18.04
CA GLY A 498 -1.48 28.16 19.18
C GLY A 498 -0.88 29.54 18.90
N ARG A 499 -0.41 29.79 17.67
CA ARG A 499 0.15 31.10 17.27
C ARG A 499 -0.87 32.20 16.94
N THR A 500 -2.14 31.94 17.29
CA THR A 500 -3.20 32.94 17.30
C THR A 500 -4.04 32.73 18.57
N GLY A 501 -4.83 33.74 18.91
CA GLY A 501 -5.66 33.71 20.10
C GLY A 501 -4.92 33.69 21.42
N ARG A 502 -3.78 34.39 21.48
CA ARG A 502 -3.00 34.54 22.73
C ARG A 502 -3.37 35.83 23.49
N GLY A 503 -4.28 35.71 24.45
CA GLY A 503 -4.78 36.88 25.19
C GLY A 503 -5.96 37.51 24.48
N ARG A 504 -5.71 38.02 23.27
CA ARG A 504 -6.75 38.62 22.44
C ARG A 504 -7.40 37.60 21.51
N ARG A 505 -8.41 38.03 20.75
CA ARG A 505 -9.16 37.16 19.84
C ARG A 505 -8.35 36.85 18.58
N GLY A 506 -8.53 35.64 18.04
CA GLY A 506 -7.77 35.18 16.87
C GLY A 506 -8.62 34.34 15.93
N ILE A 507 -8.10 34.10 14.73
CA ILE A 507 -8.80 33.29 13.73
C ILE A 507 -7.90 32.16 13.23
N TYR A 508 -8.47 30.97 13.08
CA TYR A 508 -7.75 29.82 12.52
C TYR A 508 -8.46 29.31 11.26
N ARG A 509 -7.81 29.38 10.10
CA ARG A 509 -8.37 28.81 8.86
C ARG A 509 -7.64 27.52 8.41
N PHE A 510 -8.39 26.50 8.00
CA PHE A 510 -7.82 25.18 7.66
C PHE A 510 -8.36 24.58 6.37
N VAL A 511 -7.57 23.69 5.75
CA VAL A 511 -8.01 22.92 4.56
C VAL A 511 -8.79 21.65 4.94
N THR A 512 -8.43 21.00 6.05
CA THR A 512 -8.99 19.72 6.45
C THR A 512 -9.28 19.69 7.95
N PRO A 513 -10.48 19.21 8.36
CA PRO A 513 -10.78 19.02 9.78
C PRO A 513 -10.02 17.86 10.44
N GLY A 514 -9.56 16.92 9.63
CA GLY A 514 -8.80 15.75 10.10
C GLY A 514 -7.67 15.98 11.10
N GLU A 515 -7.30 14.90 11.77
CA GLU A 515 -6.31 14.93 12.83
C GLU A 515 -5.87 13.48 13.09
N ARG A 516 -4.57 13.22 12.93
CA ARG A 516 -3.99 11.91 13.28
C ARG A 516 -3.71 11.84 14.80
N PRO A 517 -3.71 10.64 15.38
CA PRO A 517 -3.44 10.54 16.83
C PRO A 517 -2.08 11.12 17.24
N SER A 518 -2.03 11.70 18.44
CA SER A 518 -0.83 12.39 18.91
C SER A 518 0.08 11.41 19.60
N GLY A 519 1.37 11.75 19.68
CA GLY A 519 2.31 11.07 20.56
C GLY A 519 2.99 9.80 20.09
N MET A 520 2.86 9.43 18.80
CA MET A 520 3.66 8.32 18.24
C MET A 520 4.77 8.91 17.38
N PHE A 521 5.94 8.27 17.37
CA PHE A 521 7.02 8.59 16.40
C PHE A 521 7.62 7.36 15.71
N ASP A 522 8.15 7.60 14.52
CA ASP A 522 8.66 6.54 13.68
C ASP A 522 10.02 6.01 14.19
N SER A 523 10.35 4.77 13.81
CA SER A 523 11.67 4.19 14.03
C SER A 523 12.77 5.02 13.36
N SER A 524 12.49 5.77 12.30
CA SER A 524 13.54 6.61 11.72
C SER A 524 14.04 7.66 12.73
N VAL A 525 13.17 8.12 13.63
CA VAL A 525 13.60 9.08 14.68
C VAL A 525 14.66 8.47 15.64
N LEU A 526 14.52 7.19 15.95
CA LEU A 526 15.54 6.49 16.71
C LEU A 526 16.87 6.52 15.94
N CYS A 527 16.78 6.24 14.64
CA CYS A 527 17.95 6.32 13.76
C CYS A 527 18.65 7.66 13.90
N GLU A 528 17.89 8.77 13.91
CA GLU A 528 18.46 10.14 14.02
C GLU A 528 19.16 10.38 15.35
N CYS A 529 18.63 9.79 16.41
CA CYS A 529 19.25 9.86 17.72
C CYS A 529 20.65 9.23 17.73
N TYR A 530 20.79 8.02 17.19
CA TYR A 530 22.12 7.40 17.08
C TYR A 530 23.06 8.26 16.18
N ASP A 531 22.51 8.79 15.11
CA ASP A 531 23.24 9.60 14.14
C ASP A 531 23.74 10.90 14.83
N ALA A 532 22.83 11.61 15.49
CA ALA A 532 23.20 12.81 16.27
C ALA A 532 24.15 12.44 17.41
N GLY A 533 23.91 11.28 18.03
CA GLY A 533 24.80 10.78 19.07
C GLY A 533 26.22 10.76 18.55
N CYS A 534 26.41 10.09 17.42
CA CYS A 534 27.71 9.97 16.79
C CYS A 534 28.25 11.25 16.11
N ALA A 535 27.36 12.08 15.58
CA ALA A 535 27.82 13.23 14.80
C ALA A 535 28.17 14.45 15.67
N TRP A 536 27.36 14.71 16.70
CA TRP A 536 27.45 15.96 17.47
C TRP A 536 27.93 15.80 18.91
N TYR A 537 27.55 14.70 19.57
CA TYR A 537 27.63 14.64 21.03
C TYR A 537 28.57 13.54 21.52
N GLU A 538 29.44 13.06 20.65
CA GLU A 538 30.44 12.07 21.01
C GLU A 538 29.91 10.90 21.87
N LEU A 539 28.73 10.39 21.50
CA LEU A 539 28.16 9.24 22.17
C LEU A 539 28.40 7.99 21.34
N THR A 540 28.98 6.96 21.95
CA THR A 540 28.97 5.65 21.34
C THR A 540 27.54 5.22 21.18
N PRO A 541 27.28 4.29 20.26
CA PRO A 541 25.93 3.69 20.18
C PRO A 541 25.48 3.06 21.50
N ALA A 542 26.37 2.36 22.20
CA ALA A 542 26.05 1.81 23.54
C ALA A 542 25.55 2.91 24.50
N GLU A 543 26.28 4.02 24.58
CA GLU A 543 25.87 5.14 25.43
C GLU A 543 24.53 5.74 25.00
N THR A 544 24.25 5.79 23.69
CA THR A 544 22.97 6.31 23.23
C THR A 544 21.80 5.39 23.64
N SER A 545 21.99 4.08 23.50
CA SER A 545 21.00 3.08 23.92
C SER A 545 20.55 3.24 25.37
N VAL A 546 21.51 3.45 26.28
CA VAL A 546 21.21 3.68 27.70
C VAL A 546 20.25 4.88 27.82
N ARG A 547 20.64 6.00 27.21
CA ARG A 547 19.82 7.22 27.25
C ARG A 547 18.41 7.03 26.66
N LEU A 548 18.32 6.37 25.50
CA LEU A 548 17.03 6.11 24.86
C LEU A 548 16.22 5.13 25.71
N ARG A 549 16.88 4.10 26.22
CA ARG A 549 16.20 3.17 27.09
C ARG A 549 15.51 3.93 28.26
N ALA A 550 16.15 4.95 28.82
CA ALA A 550 15.54 5.70 29.92
C ALA A 550 14.27 6.42 29.47
N TYR A 551 14.26 6.87 28.21
CA TYR A 551 13.10 7.54 27.61
C TYR A 551 11.95 6.57 27.35
N LEU A 552 12.22 5.44 26.69
CA LEU A 552 11.17 4.44 26.47
C LEU A 552 10.53 3.97 27.79
N ASN A 553 11.36 3.61 28.77
CA ASN A 553 10.87 3.08 30.04
C ASN A 553 10.09 4.09 30.86
N THR A 554 10.35 5.37 30.66
CA THR A 554 9.58 6.38 31.34
C THR A 554 8.21 6.57 30.64
N PRO A 555 7.11 6.44 31.39
CA PRO A 555 5.76 6.57 30.86
C PRO A 555 5.24 7.98 30.74
N GLY A 556 4.26 8.18 29.84
CA GLY A 556 3.62 9.48 29.61
C GLY A 556 4.39 10.36 28.63
N LEU A 557 5.44 9.79 28.01
CA LEU A 557 6.21 10.46 26.96
C LEU A 557 5.80 9.92 25.62
N PRO A 558 6.05 10.67 24.54
CA PRO A 558 5.77 10.10 23.23
C PRO A 558 6.35 8.69 23.15
N VAL A 559 5.70 7.79 22.41
CA VAL A 559 6.09 6.38 22.30
C VAL A 559 6.51 5.96 20.90
N CYS A 560 7.33 4.92 20.86
CA CYS A 560 7.86 4.41 19.61
C CYS A 560 8.00 2.90 19.72
N GLN A 561 8.33 2.25 18.62
CA GLN A 561 8.65 0.81 18.64
C GLN A 561 10.09 0.56 19.04
N ASP A 562 10.30 -0.40 19.95
CA ASP A 562 11.61 -0.72 20.48
C ASP A 562 12.42 -1.42 19.41
N HIS A 563 13.24 -0.63 18.70
CA HIS A 563 14.24 -1.11 17.75
C HIS A 563 15.65 -0.64 18.17
N LEU A 564 15.90 -0.54 19.48
CA LEU A 564 17.17 -0.01 19.98
C LEU A 564 18.36 -0.90 19.62
N GLU A 565 18.24 -2.18 19.89
CA GLU A 565 19.31 -3.09 19.52
C GLU A 565 19.59 -3.08 18.01
N PHE A 566 18.55 -3.15 17.18
CA PHE A 566 18.76 -3.06 15.75
C PHE A 566 19.62 -1.83 15.41
N TRP A 567 19.14 -0.65 15.76
CA TRP A 567 19.85 0.59 15.40
C TRP A 567 21.22 0.71 16.05
N GLU A 568 21.37 0.31 17.31
CA GLU A 568 22.69 0.26 17.93
C GLU A 568 23.63 -0.62 17.10
N SER A 569 23.10 -1.76 16.67
CA SER A 569 23.94 -2.71 15.95
C SER A 569 24.41 -2.11 14.63
N VAL A 570 23.60 -1.25 14.02
CA VAL A 570 23.93 -0.67 12.70
C VAL A 570 25.03 0.37 12.85
N PHE A 571 24.88 1.26 13.81
CA PHE A 571 25.86 2.32 13.98
C PHE A 571 27.19 1.85 14.57
N THR A 572 27.13 0.76 15.33
CA THR A 572 28.33 0.13 15.89
C THR A 572 29.29 -0.30 14.80
N GLY A 573 28.78 -0.65 13.62
CA GLY A 573 29.64 -1.04 12.48
C GLY A 573 30.32 0.08 11.68
N LEU A 574 29.73 1.28 11.72
CA LEU A 574 30.12 2.38 10.84
C LEU A 574 31.29 3.14 11.46
N THR A 575 32.49 2.59 11.30
CA THR A 575 33.71 3.11 11.95
C THR A 575 34.66 3.81 10.98
N HIS A 576 35.57 4.60 11.54
CA HIS A 576 36.57 5.30 10.75
C HIS A 576 35.96 6.15 9.65
N ILE A 577 34.97 6.94 10.01
CA ILE A 577 34.37 7.92 9.10
C ILE A 577 35.33 9.06 8.80
N ASP A 578 35.16 9.66 7.63
CA ASP A 578 35.97 10.78 7.25
C ASP A 578 35.55 12.05 8.01
N ALA A 579 36.43 12.56 8.88
CA ALA A 579 36.15 13.76 9.71
C ALA A 579 35.72 14.99 8.89
N HIS A 580 36.30 15.15 7.71
CA HIS A 580 35.95 16.28 6.83
C HIS A 580 34.52 16.23 6.24
N PHE A 581 34.12 15.09 5.71
CA PHE A 581 32.77 14.98 5.16
C PHE A 581 31.77 15.15 6.29
N LEU A 582 32.06 14.53 7.43
CA LEU A 582 31.19 14.68 8.60
C LEU A 582 31.06 16.15 9.00
N SER A 583 32.15 16.93 8.99
CA SER A 583 32.02 18.36 9.32
C SER A 583 31.15 19.09 8.31
N GLN A 584 31.22 18.74 7.03
CA GLN A 584 30.38 19.40 6.00
C GLN A 584 28.89 19.05 6.05
N THR A 585 28.56 17.78 6.32
CA THR A 585 27.13 17.41 6.44
C THR A 585 26.50 17.92 7.73
N LYS A 586 27.30 18.05 8.80
CA LYS A 586 26.85 18.75 10.02
C LYS A 586 26.55 20.22 9.77
N GLN A 587 27.45 20.90 9.07
CA GLN A 587 27.26 22.33 8.73
C GLN A 587 26.09 22.62 7.79
N ALA A 588 25.91 21.80 6.77
CA ALA A 588 24.80 21.98 5.80
C ALA A 588 23.44 21.89 6.46
N GLY A 589 23.35 21.15 7.57
CA GLY A 589 22.16 21.16 8.41
C GLY A 589 21.08 20.14 8.09
N ASP A 590 21.29 19.31 7.08
CA ASP A 590 20.30 18.30 6.70
C ASP A 590 20.32 17.08 7.64
N ASN A 591 19.33 16.22 7.49
CA ASN A 591 19.14 15.08 8.39
C ASN A 591 20.14 13.97 8.14
N PHE A 592 20.39 13.20 9.19
CA PHE A 592 21.30 12.06 9.10
C PHE A 592 22.66 12.47 8.53
N PRO A 593 23.32 13.50 9.12
CA PRO A 593 24.66 13.89 8.68
C PRO A 593 25.68 12.75 8.79
N TYR A 594 25.52 11.91 9.79
CA TYR A 594 26.41 10.77 9.93
C TYR A 594 26.22 9.77 8.79
N LEU A 595 25.00 9.28 8.59
CA LEU A 595 24.79 8.30 7.50
C LEU A 595 25.19 8.84 6.13
N VAL A 596 24.82 10.09 5.88
CA VAL A 596 25.18 10.73 4.62
C VAL A 596 26.69 10.79 4.44
N ALA A 597 27.40 11.22 5.48
CA ALA A 597 28.86 11.37 5.40
C ALA A 597 29.50 10.01 5.32
N TYR A 598 28.87 9.01 5.95
CA TYR A 598 29.43 7.67 5.94
C TYR A 598 29.34 7.02 4.56
N GLN A 599 28.19 7.21 3.91
CA GLN A 599 28.04 6.70 2.55
C GLN A 599 29.05 7.39 1.63
N ALA A 600 29.34 8.67 1.90
CA ALA A 600 30.32 9.43 1.10
C ALA A 600 31.75 9.01 1.41
N THR A 601 32.03 8.71 2.67
CA THR A 601 33.32 8.18 3.03
C THR A 601 33.60 6.91 2.25
N VAL A 602 32.68 5.95 2.33
CA VAL A 602 32.77 4.69 1.57
C VAL A 602 32.86 4.90 0.02
N CYS A 603 32.18 5.90 -0.52
CA CYS A 603 32.28 6.17 -1.96
C CYS A 603 33.68 6.70 -2.33
N ALA A 604 34.10 7.78 -1.68
CA ALA A 604 35.39 8.42 -1.94
C ALA A 604 36.59 7.42 -1.81
N ARG A 605 36.56 6.57 -0.78
CA ARG A 605 37.61 5.54 -0.60
C ARG A 605 37.62 4.44 -1.66
N ALA A 606 36.52 4.24 -2.38
CA ALA A 606 36.48 3.28 -3.49
C ALA A 606 36.51 4.00 -4.83
N GLN A 607 36.69 5.32 -4.80
CA GLN A 607 36.68 6.14 -6.02
C GLN A 607 35.39 5.95 -6.84
N ALA A 608 34.29 5.70 -6.13
CA ALA A 608 33.00 5.43 -6.76
C ALA A 608 32.12 6.65 -6.60
N PRO A 609 31.15 6.84 -7.52
CA PRO A 609 30.20 7.94 -7.39
C PRO A 609 29.18 7.70 -6.29
N PRO A 610 28.52 8.78 -5.85
CA PRO A 610 27.41 8.65 -4.89
C PRO A 610 26.14 8.13 -5.60
N PRO A 611 25.15 7.66 -4.82
CA PRO A 611 23.97 7.04 -5.42
C PRO A 611 23.24 7.93 -6.43
N SER A 612 23.41 9.25 -6.28
CA SER A 612 22.92 10.23 -7.24
C SER A 612 23.68 11.58 -7.06
N TRP A 613 23.33 12.59 -7.86
CA TRP A 613 23.93 13.92 -7.76
C TRP A 613 22.94 14.96 -7.21
N ASP A 614 21.95 14.45 -6.49
CA ASP A 614 21.14 15.20 -5.54
C ASP A 614 22.01 16.03 -4.58
N GLN A 615 21.42 17.08 -4.04
CA GLN A 615 22.10 18.03 -3.16
C GLN A 615 22.69 17.36 -1.91
N MET A 616 22.02 16.30 -1.46
CA MET A 616 22.47 15.50 -0.33
C MET A 616 23.96 15.12 -0.43
N TRP A 617 24.41 14.82 -1.65
CA TRP A 617 25.80 14.40 -1.95
C TRP A 617 26.71 15.54 -2.43
N LYS A 618 26.37 16.78 -2.14
CA LYS A 618 27.24 17.89 -2.58
C LYS A 618 28.70 17.83 -2.06
N CYS A 619 28.94 17.24 -0.89
CA CYS A 619 30.32 17.11 -0.38
C CYS A 619 31.25 16.39 -1.35
N LEU A 620 30.67 15.73 -2.33
CA LEU A 620 31.45 14.94 -3.27
C LEU A 620 31.50 15.56 -4.67
N ILE A 621 30.87 16.72 -4.85
CA ILE A 621 30.81 17.35 -6.16
C ILE A 621 32.23 17.59 -6.71
N ARG A 622 33.13 18.09 -5.87
CA ARG A 622 34.47 18.45 -6.34
C ARG A 622 35.29 17.26 -6.82
N LEU A 623 34.92 16.06 -6.41
CA LEU A 623 35.64 14.83 -6.80
C LEU A 623 35.03 14.13 -8.00
N LYS A 624 33.95 14.68 -8.52
CA LYS A 624 33.19 14.07 -9.63
C LYS A 624 34.05 13.55 -10.77
N PRO A 625 35.09 14.33 -11.20
CA PRO A 625 35.99 13.86 -12.23
C PRO A 625 36.69 12.54 -11.96
N THR A 626 36.94 12.20 -10.70
CA THR A 626 37.74 11.00 -10.37
C THR A 626 36.91 9.79 -9.94
N LEU A 627 35.59 9.95 -9.95
CA LEU A 627 34.68 8.95 -9.37
C LEU A 627 34.02 8.19 -10.48
N HIS A 628 34.21 6.88 -10.48
CA HIS A 628 33.82 6.04 -11.59
C HIS A 628 33.26 4.72 -11.05
N GLY A 629 32.34 4.12 -11.81
CA GLY A 629 31.82 2.79 -11.50
C GLY A 629 30.58 2.77 -10.62
N PRO A 630 30.20 1.58 -10.17
CA PRO A 630 28.98 1.46 -9.39
C PRO A 630 29.18 1.88 -7.93
N THR A 631 28.12 2.41 -7.34
CA THR A 631 28.13 2.82 -5.95
C THR A 631 28.04 1.63 -5.00
N PRO A 632 28.93 1.56 -4.02
CA PRO A 632 28.81 0.55 -2.99
C PRO A 632 27.78 1.00 -1.96
N LEU A 633 26.54 0.59 -2.17
CA LEU A 633 25.42 1.14 -1.44
C LEU A 633 25.22 0.49 -0.08
N LEU A 634 25.02 1.34 0.93
CA LEU A 634 24.93 0.88 2.32
C LEU A 634 23.47 0.80 2.77
N TYR A 635 22.67 1.71 2.22
CA TYR A 635 21.29 1.92 2.56
C TYR A 635 20.73 2.98 1.59
N ARG A 636 19.41 3.15 1.57
CA ARG A 636 18.75 4.13 0.70
C ARG A 636 18.18 5.36 1.49
N LEU A 637 18.71 6.55 1.20
CA LEU A 637 18.27 7.82 1.81
C LEU A 637 17.57 8.69 0.77
N GLY A 638 17.31 8.12 -0.40
CA GLY A 638 16.67 8.82 -1.49
C GLY A 638 16.79 7.97 -2.74
N ALA A 639 16.47 8.54 -3.88
CA ALA A 639 16.52 7.83 -5.13
C ALA A 639 17.98 7.44 -5.43
N VAL A 640 18.16 6.27 -6.04
CA VAL A 640 19.48 5.80 -6.46
C VAL A 640 19.48 5.70 -7.97
N GLN A 641 20.25 6.57 -8.64
CA GLN A 641 20.32 6.63 -10.10
C GLN A 641 21.46 5.79 -10.68
N ASN A 642 22.58 5.76 -9.98
CA ASN A 642 23.73 4.99 -10.39
C ASN A 642 23.63 3.49 -10.09
N GLU A 643 24.25 2.69 -10.94
CA GLU A 643 24.34 1.27 -10.73
C GLU A 643 24.88 1.02 -9.33
N VAL A 644 24.59 -0.15 -8.79
CA VAL A 644 25.03 -0.47 -7.45
C VAL A 644 25.79 -1.80 -7.42
N THR A 645 26.85 -1.83 -6.61
CA THR A 645 27.42 -3.11 -6.16
C THR A 645 27.08 -3.28 -4.67
N LEU A 646 26.95 -4.53 -4.24
CA LEU A 646 26.60 -4.91 -2.88
C LEU A 646 27.72 -5.71 -2.21
N THR A 647 28.94 -5.55 -2.69
CA THR A 647 30.09 -6.35 -2.25
C THR A 647 30.86 -5.75 -1.09
N HIS A 648 30.51 -4.53 -0.68
CA HIS A 648 31.30 -3.81 0.32
C HIS A 648 31.09 -4.44 1.71
N PRO A 649 32.17 -4.63 2.46
CA PRO A 649 32.04 -5.18 3.83
C PRO A 649 31.02 -4.53 4.74
N ILE A 650 30.83 -3.21 4.62
CA ILE A 650 29.85 -2.49 5.46
C ILE A 650 28.42 -2.80 5.02
N THR A 651 28.17 -2.80 3.72
CA THR A 651 26.90 -3.32 3.19
C THR A 651 26.56 -4.71 3.77
N LYS A 652 27.46 -5.66 3.61
CA LYS A 652 27.25 -6.99 4.20
C LYS A 652 27.03 -6.91 5.71
N TYR A 653 27.80 -6.06 6.41
CA TYR A 653 27.65 -5.97 7.85
C TYR A 653 26.25 -5.53 8.17
N ILE A 654 25.75 -4.55 7.40
CA ILE A 654 24.40 -4.05 7.61
C ILE A 654 23.38 -5.08 7.19
N MET A 655 23.64 -5.76 6.09
CA MET A 655 22.78 -6.87 5.69
C MET A 655 22.60 -7.90 6.83
N ALA A 656 23.67 -8.24 7.54
CA ALA A 656 23.56 -9.14 8.69
C ALA A 656 22.72 -8.57 9.83
N CYS A 657 22.70 -7.26 9.99
CA CYS A 657 21.93 -6.64 11.08
C CYS A 657 20.43 -6.77 10.84
N MET A 658 20.02 -6.90 9.58
CA MET A 658 18.61 -7.05 9.24
C MET A 658 18.01 -8.38 9.77
N SER A 659 18.86 -9.30 10.22
CA SER A 659 18.42 -10.54 10.86
C SER A 659 17.88 -10.30 12.25
N ALA A 660 18.06 -9.09 12.79
CA ALA A 660 17.57 -8.80 14.13
C ALA A 660 16.05 -8.99 14.21
N ASP A 661 15.57 -9.21 15.44
CA ASP A 661 14.11 -9.25 15.75
C ASP A 661 13.53 -7.82 15.68
N LEU A 662 12.56 -7.60 14.79
CA LEU A 662 12.00 -6.28 14.59
C LEU A 662 10.50 -6.31 14.80
N GLU A 663 10.03 -5.56 15.79
CA GLU A 663 8.60 -5.45 16.03
C GLU A 663 8.02 -4.68 14.89
N VAL A 664 6.90 -5.15 14.36
CA VAL A 664 6.15 -4.37 13.37
C VAL A 664 4.67 -4.48 13.66
N VAL A 665 3.93 -3.42 13.36
CA VAL A 665 2.55 -3.35 13.81
C VAL A 665 1.61 -4.05 12.85
N THR A 666 0.40 -4.32 13.35
CA THR A 666 -0.59 -5.11 12.65
C THR A 666 -2.01 -4.52 12.81
N GLY B 22 -20.50 0.73 -9.36
CA GLY B 22 -19.81 2.02 -9.09
C GLY B 22 -19.55 2.79 -10.38
N SER B 23 -19.61 4.12 -10.30
CA SER B 23 -19.25 5.01 -11.42
C SER B 23 -17.94 5.66 -11.12
N VAL B 24 -17.26 6.15 -12.15
CA VAL B 24 -16.14 7.06 -11.95
C VAL B 24 -16.68 8.41 -11.49
N VAL B 25 -15.95 9.08 -10.59
CA VAL B 25 -16.35 10.39 -10.07
C VAL B 25 -15.27 11.48 -10.18
N ILE B 26 -15.67 12.67 -10.67
CA ILE B 26 -14.83 13.85 -10.63
C ILE B 26 -14.80 14.38 -9.20
N VAL B 27 -13.60 14.38 -8.62
CA VAL B 27 -13.37 14.86 -7.27
C VAL B 27 -12.49 16.12 -7.22
N GLY B 28 -12.10 16.64 -8.38
CA GLY B 28 -11.39 17.91 -8.45
C GLY B 28 -11.04 18.27 -9.88
N ARG B 29 -10.13 19.22 -10.05
CA ARG B 29 -9.64 19.60 -11.36
C ARG B 29 -8.25 20.26 -11.30
N ILE B 30 -7.59 20.30 -12.46
CA ILE B 30 -6.32 21.03 -12.66
C ILE B 30 -6.54 22.12 -13.71
N ILE B 31 -6.38 23.38 -13.30
CA ILE B 31 -6.58 24.54 -14.17
C ILE B 31 -5.27 24.93 -14.85
N LEU B 32 -5.30 25.05 -16.18
CA LEU B 32 -4.12 25.48 -16.95
C LEU B 32 -4.17 26.99 -17.32
N SER B 33 -3.01 27.59 -17.58
CA SER B 33 -2.95 28.96 -18.11
C SER B 33 -1.69 29.20 -18.95
N SER B 37 1.31 32.17 -20.82
CA SER B 37 1.95 30.93 -20.39
C SER B 37 2.87 31.13 -19.17
N ILE B 38 3.69 27.80 -19.35
CA ILE B 38 2.53 26.99 -18.96
C ILE B 38 2.61 26.65 -17.47
N THR B 39 1.58 27.05 -16.72
CA THR B 39 1.51 26.84 -15.28
C THR B 39 0.20 26.15 -14.91
N ALA B 40 0.13 25.62 -13.70
CA ALA B 40 -1.10 25.02 -13.22
C ALA B 40 -1.21 25.04 -11.72
N TYR B 41 -2.46 24.89 -11.27
CA TYR B 41 -2.77 24.67 -9.88
C TYR B 41 -4.00 23.80 -9.90
N SER B 42 -4.37 23.28 -8.74
CA SER B 42 -5.46 22.32 -8.69
C SER B 42 -6.48 22.74 -7.65
N GLN B 43 -7.71 22.24 -7.83
CA GLN B 43 -8.81 22.48 -6.91
C GLN B 43 -9.51 21.16 -6.61
N GLN B 44 -9.75 20.93 -5.33
CA GLN B 44 -10.55 19.79 -4.91
C GLN B 44 -12.02 20.20 -4.77
N THR B 45 -12.92 19.31 -5.16
CA THR B 45 -14.35 19.60 -5.11
C THR B 45 -15.21 18.54 -4.40
N ARG B 46 -14.63 17.40 -4.05
CA ARG B 46 -15.34 16.40 -3.25
C ARG B 46 -14.44 15.75 -2.22
N GLY B 47 -15.03 15.41 -1.08
CA GLY B 47 -14.38 14.60 -0.07
C GLY B 47 -14.80 13.17 -0.28
N LEU B 48 -14.57 12.35 0.73
CA LEU B 48 -14.74 10.92 0.59
C LEU B 48 -16.23 10.54 0.49
N LEU B 49 -17.03 11.02 1.44
CA LEU B 49 -18.45 10.64 1.48
C LEU B 49 -19.14 10.99 0.16
N GLY B 50 -18.91 12.22 -0.30
CA GLY B 50 -19.47 12.68 -1.57
C GLY B 50 -19.08 11.81 -2.75
N CYS B 51 -17.81 11.45 -2.83
CA CYS B 51 -17.28 10.56 -3.86
C CYS B 51 -18.05 9.23 -3.89
N ILE B 52 -18.16 8.60 -2.72
CA ILE B 52 -18.81 7.29 -2.63
C ILE B 52 -20.30 7.36 -2.99
N ILE B 53 -21.01 8.35 -2.46
CA ILE B 53 -22.42 8.50 -2.75
C ILE B 53 -22.59 8.78 -4.23
N THR B 54 -21.77 9.71 -4.73
CA THR B 54 -21.86 10.10 -6.12
C THR B 54 -21.51 8.94 -7.05
N SER B 55 -20.57 8.08 -6.63
CA SER B 55 -20.22 6.86 -7.37
C SER B 55 -21.30 5.77 -7.36
N LEU B 56 -22.12 5.73 -6.31
CA LEU B 56 -23.22 4.77 -6.22
C LEU B 56 -24.44 5.27 -6.97
N THR B 57 -24.73 6.57 -6.87
CA THR B 57 -25.85 7.14 -7.59
C THR B 57 -25.55 7.23 -9.08
N GLY B 58 -24.31 7.59 -9.39
CA GLY B 58 -23.93 7.94 -10.74
C GLY B 58 -24.51 9.30 -11.13
N ARG B 59 -24.95 10.07 -10.13
CA ARG B 59 -25.57 11.38 -10.33
C ARG B 59 -24.68 12.47 -9.73
N ASP B 60 -24.12 13.30 -10.62
CA ASP B 60 -23.21 14.37 -10.24
C ASP B 60 -23.78 15.69 -10.75
N LYS B 61 -24.26 16.54 -9.84
CA LYS B 61 -24.76 17.86 -10.22
C LYS B 61 -23.63 18.88 -10.25
N ASN B 62 -22.53 18.59 -9.56
CA ASN B 62 -21.41 19.53 -9.53
C ASN B 62 -21.05 20.00 -10.93
N GLN B 63 -20.83 21.30 -11.06
CA GLN B 63 -20.48 21.91 -12.33
C GLN B 63 -19.07 21.52 -12.72
N VAL B 64 -18.89 21.19 -13.98
CA VAL B 64 -17.60 20.81 -14.52
C VAL B 64 -16.95 22.01 -15.22
N GLU B 65 -15.73 22.34 -14.80
CA GLU B 65 -14.93 23.36 -15.49
C GLU B 65 -13.53 22.81 -15.69
N GLY B 66 -12.83 23.34 -16.69
CA GLY B 66 -11.46 22.91 -16.98
C GLY B 66 -11.33 21.84 -18.06
N GLU B 67 -10.09 21.59 -18.46
CA GLU B 67 -9.80 20.58 -19.47
C GLU B 67 -9.22 19.29 -18.85
N VAL B 68 -8.66 19.42 -17.65
CA VAL B 68 -8.15 18.30 -16.87
C VAL B 68 -8.97 18.14 -15.60
N GLN B 69 -9.65 17.01 -15.48
CA GLN B 69 -10.36 16.66 -14.27
C GLN B 69 -9.49 15.72 -13.47
N VAL B 70 -9.60 15.81 -12.15
CA VAL B 70 -9.04 14.81 -11.27
C VAL B 70 -10.24 13.92 -10.99
N VAL B 71 -10.04 12.59 -11.11
CA VAL B 71 -11.13 11.62 -10.96
C VAL B 71 -10.79 10.49 -10.00
N SER B 72 -11.79 9.70 -9.63
CA SER B 72 -11.55 8.66 -8.67
C SER B 72 -12.59 7.54 -8.75
N THR B 73 -12.15 6.31 -8.50
CA THR B 73 -13.03 5.20 -8.13
C THR B 73 -12.90 4.92 -6.63
N ALA B 74 -13.61 3.90 -6.16
CA ALA B 74 -13.49 3.46 -4.76
C ALA B 74 -12.09 2.91 -4.44
N THR B 75 -11.30 2.57 -5.48
CA THR B 75 -9.96 1.97 -5.30
C THR B 75 -8.77 2.83 -5.75
N GLN B 76 -8.96 3.72 -6.73
CA GLN B 76 -7.84 4.52 -7.26
C GLN B 76 -8.26 5.97 -7.57
N SER B 77 -7.24 6.83 -7.69
CA SER B 77 -7.43 8.20 -8.14
C SER B 77 -6.46 8.52 -9.27
N PHE B 78 -6.96 9.25 -10.28
CA PHE B 78 -6.17 9.55 -11.45
C PHE B 78 -6.76 10.76 -12.20
N LEU B 79 -6.32 11.00 -13.44
CA LEU B 79 -6.76 12.20 -14.17
C LEU B 79 -7.56 11.86 -15.40
N ALA B 80 -8.16 12.88 -16.00
CA ALA B 80 -8.87 12.76 -17.27
C ALA B 80 -8.74 14.07 -18.04
N THR B 81 -8.42 13.96 -19.32
CA THR B 81 -8.19 15.12 -20.15
C THR B 81 -9.21 15.19 -21.28
N CYS B 82 -9.87 16.35 -21.41
CA CYS B 82 -10.83 16.56 -22.49
C CYS B 82 -10.06 17.03 -23.73
N VAL B 83 -10.36 16.38 -24.85
CA VAL B 83 -9.78 16.74 -26.15
C VAL B 83 -10.86 16.42 -27.16
N ASN B 84 -11.10 17.35 -28.09
CA ASN B 84 -12.08 17.17 -29.19
C ASN B 84 -13.48 16.88 -28.66
N GLY B 85 -13.84 17.55 -27.57
CA GLY B 85 -15.16 17.34 -26.97
C GLY B 85 -15.33 15.95 -26.36
N VAL B 86 -14.21 15.32 -25.99
CA VAL B 86 -14.28 14.04 -25.29
C VAL B 86 -13.36 14.07 -24.10
N CYS B 87 -13.88 13.58 -22.99
CA CYS B 87 -13.11 13.36 -21.77
C CYS B 87 -12.41 11.99 -21.85
N TRP B 88 -11.08 11.99 -21.93
CA TRP B 88 -10.31 10.76 -22.10
C TRP B 88 -9.54 10.36 -20.84
N THR B 89 -9.29 9.07 -20.69
CA THR B 89 -8.40 8.56 -19.65
C THR B 89 -8.05 7.09 -19.90
N VAL B 90 -7.35 6.48 -18.95
CA VAL B 90 -6.80 5.14 -19.14
C VAL B 90 -7.76 4.03 -18.78
N TYR B 91 -7.82 2.99 -19.63
CA TYR B 91 -8.58 1.77 -19.35
C TYR B 91 -8.17 1.12 -18.02
N HIS B 92 -6.88 1.18 -17.67
CA HIS B 92 -6.40 0.45 -16.48
C HIS B 92 -6.82 1.09 -15.19
N GLY B 93 -7.40 2.29 -15.22
CA GLY B 93 -8.01 2.92 -14.04
C GLY B 93 -9.54 2.97 -14.10
N ALA B 94 -10.07 3.27 -15.28
CA ALA B 94 -11.50 3.45 -15.44
C ALA B 94 -12.20 2.16 -15.82
N GLY B 95 -11.48 1.22 -16.41
CA GLY B 95 -12.14 0.07 -17.00
C GLY B 95 -13.22 0.53 -17.96
N SER B 96 -14.39 -0.11 -17.87
CA SER B 96 -15.55 0.20 -18.73
C SER B 96 -16.62 0.95 -17.92
N LYS B 97 -16.19 1.55 -16.81
CA LYS B 97 -17.10 2.17 -15.86
C LYS B 97 -17.79 3.35 -16.48
N THR B 98 -18.95 3.69 -15.94
CA THR B 98 -19.65 4.92 -16.33
C THR B 98 -19.08 6.12 -15.57
N LEU B 99 -19.45 7.31 -16.02
CA LEU B 99 -19.02 8.56 -15.39
C LEU B 99 -20.28 9.21 -14.88
N ALA B 100 -20.28 9.55 -13.60
CA ALA B 100 -21.41 10.21 -12.97
C ALA B 100 -21.59 11.58 -13.63
N GLY B 101 -22.85 11.92 -13.90
CA GLY B 101 -23.21 13.15 -14.62
C GLY B 101 -24.52 13.74 -14.13
N PRO B 102 -24.85 14.96 -14.59
CA PRO B 102 -26.04 15.70 -14.16
C PRO B 102 -27.32 14.89 -14.17
N LYS B 103 -27.57 14.20 -15.28
CA LYS B 103 -28.79 13.41 -15.46
C LYS B 103 -28.55 11.91 -15.16
N GLY B 104 -27.41 11.57 -14.57
CA GLY B 104 -27.12 10.19 -14.19
C GLY B 104 -25.89 9.63 -14.88
N PRO B 105 -25.63 8.32 -14.69
CA PRO B 105 -24.47 7.64 -15.23
C PRO B 105 -24.31 7.86 -16.71
N ILE B 106 -23.08 8.21 -17.12
CA ILE B 106 -22.76 8.36 -18.52
C ILE B 106 -22.02 7.09 -18.96
N THR B 107 -22.57 6.43 -19.99
CA THR B 107 -21.93 5.28 -20.60
C THR B 107 -20.78 5.81 -21.44
N GLN B 108 -19.73 5.00 -21.59
CA GLN B 108 -18.58 5.38 -22.41
C GLN B 108 -18.92 5.38 -23.90
N MET B 109 -18.43 6.42 -24.57
CA MET B 109 -18.57 6.60 -26.01
C MET B 109 -17.51 5.77 -26.74
N TYR B 110 -16.30 5.71 -26.19
CA TYR B 110 -15.21 4.92 -26.77
C TYR B 110 -14.51 4.06 -25.74
N THR B 111 -14.19 2.83 -26.13
CA THR B 111 -13.50 1.86 -25.26
C THR B 111 -12.43 1.12 -26.07
N ASN B 112 -11.21 1.67 -26.07
CA ASN B 112 -10.10 1.05 -26.80
C ASN B 112 -9.10 0.40 -25.85
N VAL B 113 -9.37 -0.86 -25.50
CA VAL B 113 -8.57 -1.58 -24.53
C VAL B 113 -7.14 -1.71 -25.00
N ASP B 114 -6.96 -1.92 -26.30
CA ASP B 114 -5.65 -2.17 -26.90
C ASP B 114 -4.67 -1.00 -26.72
N GLN B 115 -5.22 0.23 -26.68
CA GLN B 115 -4.41 1.43 -26.53
C GLN B 115 -4.47 2.02 -25.10
N ASP B 116 -5.22 1.36 -24.22
CA ASP B 116 -5.36 1.75 -22.82
C ASP B 116 -6.04 3.11 -22.77
N LEU B 117 -7.11 3.25 -23.55
CA LEU B 117 -7.84 4.51 -23.72
C LEU B 117 -9.36 4.31 -23.67
N VAL B 118 -10.03 5.15 -22.89
CA VAL B 118 -11.47 5.21 -22.89
C VAL B 118 -11.88 6.68 -22.91
N GLY B 119 -13.16 6.94 -23.18
CA GLY B 119 -13.63 8.31 -23.32
C GLY B 119 -15.12 8.48 -23.16
N TRP B 120 -15.50 9.48 -22.37
CA TRP B 120 -16.88 9.93 -22.23
C TRP B 120 -17.07 11.25 -22.98
N GLN B 121 -18.29 11.48 -23.48
CA GLN B 121 -18.62 12.75 -24.11
C GLN B 121 -18.39 13.80 -23.05
N ALA B 122 -17.67 14.86 -23.40
CA ALA B 122 -17.40 15.94 -22.45
C ALA B 122 -18.69 16.53 -21.86
N PRO B 123 -18.78 16.63 -20.52
CA PRO B 123 -20.01 17.20 -19.94
C PRO B 123 -20.13 18.71 -20.16
N PRO B 124 -21.35 19.25 -20.03
CA PRO B 124 -21.53 20.70 -20.09
C PRO B 124 -20.60 21.47 -19.14
N GLY B 125 -19.98 22.53 -19.65
CA GLY B 125 -19.09 23.38 -18.86
C GLY B 125 -17.62 23.10 -19.09
N ALA B 126 -17.30 21.92 -19.60
CA ALA B 126 -15.91 21.50 -19.83
C ALA B 126 -15.32 22.14 -21.07
N ARG B 127 -14.02 22.39 -21.02
CA ARG B 127 -13.26 22.88 -22.18
C ARG B 127 -12.45 21.73 -22.74
N SER B 128 -12.04 21.84 -24.00
CA SER B 128 -11.17 20.85 -24.63
C SER B 128 -9.85 21.48 -24.99
N LEU B 129 -8.79 20.71 -24.89
CA LEU B 129 -7.54 21.10 -25.50
C LEU B 129 -7.66 20.78 -27.00
N THR B 130 -6.88 21.48 -27.81
CA THR B 130 -6.80 21.17 -29.23
C THR B 130 -5.52 20.36 -29.47
N PRO B 131 -5.56 19.40 -30.43
CA PRO B 131 -4.37 18.62 -30.82
C PRO B 131 -3.21 19.47 -31.31
N CYS B 132 -2.02 18.88 -31.28
CA CYS B 132 -0.77 19.54 -31.64
C CYS B 132 -0.22 18.95 -32.94
N THR B 133 0.03 19.82 -33.92
CA THR B 133 0.53 19.41 -35.24
C THR B 133 1.64 20.30 -35.79
N CYS B 134 2.10 21.28 -35.01
CA CYS B 134 3.38 21.93 -35.30
C CYS B 134 4.51 20.89 -35.15
N GLY B 135 4.30 19.93 -34.25
CA GLY B 135 5.23 18.82 -34.06
C GLY B 135 6.46 19.22 -33.26
N SER B 136 6.24 19.86 -32.11
CA SER B 136 7.35 20.23 -31.22
C SER B 136 7.85 19.00 -30.45
N SER B 137 9.12 19.03 -30.03
CA SER B 137 9.73 17.94 -29.26
C SER B 137 10.00 18.33 -27.80
N ASP B 138 9.88 19.61 -27.46
CA ASP B 138 9.95 20.02 -26.05
C ASP B 138 8.53 19.98 -25.46
N LEU B 139 8.26 18.99 -24.64
CA LEU B 139 6.90 18.72 -24.13
C LEU B 139 6.79 18.95 -22.61
N TYR B 140 5.55 19.08 -22.14
CA TYR B 140 5.28 19.38 -20.73
C TYR B 140 4.14 18.52 -20.19
N LEU B 141 4.47 17.74 -19.18
CA LEU B 141 3.54 16.82 -18.55
C LEU B 141 2.99 17.45 -17.30
N VAL B 142 1.66 17.50 -17.20
CA VAL B 142 0.97 17.99 -16.03
C VAL B 142 0.54 16.81 -15.16
N THR B 143 0.79 16.92 -13.85
CA THR B 143 0.51 15.86 -12.89
C THR B 143 -0.74 16.15 -12.03
N ARG B 144 -1.14 15.19 -11.21
CA ARG B 144 -2.24 15.39 -10.27
C ARG B 144 -1.90 16.46 -9.21
N HIS B 145 -0.61 16.70 -8.96
CA HIS B 145 -0.21 17.74 -7.98
C HIS B 145 -0.01 19.08 -8.66
N ALA B 146 -0.31 19.14 -9.95
CA ALA B 146 -0.28 20.39 -10.72
C ALA B 146 1.11 20.93 -10.98
N ASP B 147 2.13 20.07 -10.91
CA ASP B 147 3.48 20.43 -11.36
C ASP B 147 3.52 20.29 -12.90
N VAL B 148 4.51 20.92 -13.52
CA VAL B 148 4.66 20.89 -14.99
C VAL B 148 6.06 20.40 -15.37
N ILE B 149 6.13 19.16 -15.86
CA ILE B 149 7.39 18.42 -16.02
C ILE B 149 7.87 18.44 -17.47
N PRO B 150 9.04 19.05 -17.77
CA PRO B 150 9.54 19.06 -19.16
C PRO B 150 9.94 17.66 -19.67
N VAL B 151 9.59 17.35 -20.92
CA VAL B 151 9.82 16.03 -21.49
C VAL B 151 10.27 16.16 -22.93
N ARG B 152 11.37 15.48 -23.26
CA ARG B 152 11.87 15.44 -24.64
C ARG B 152 11.25 14.23 -25.33
N ARG B 153 10.61 14.47 -26.46
CA ARG B 153 9.95 13.42 -27.22
C ARG B 153 11.01 12.49 -27.76
N ARG B 154 10.78 11.19 -27.71
CA ARG B 154 11.68 10.19 -28.30
C ARG B 154 11.07 9.38 -29.45
N GLY B 155 9.76 9.17 -29.42
CA GLY B 155 9.06 8.48 -30.50
C GLY B 155 7.61 8.91 -30.63
N ASP B 156 6.80 8.05 -31.20
CA ASP B 156 5.37 8.29 -31.29
C ASP B 156 4.73 8.29 -29.90
N SER B 157 5.12 7.35 -29.05
CA SER B 157 4.50 7.22 -27.72
C SER B 157 5.46 7.29 -26.50
N ARG B 158 6.73 7.63 -26.73
CA ARG B 158 7.73 7.76 -25.64
C ARG B 158 8.31 9.16 -25.49
N GLY B 159 8.66 9.52 -24.26
CA GLY B 159 9.39 10.75 -23.97
C GLY B 159 10.28 10.57 -22.74
N SER B 160 11.45 11.21 -22.75
CA SER B 160 12.36 11.09 -21.61
C SER B 160 12.21 12.28 -20.68
N LEU B 161 12.03 11.99 -19.39
CA LEU B 161 12.08 12.98 -18.36
C LEU B 161 13.46 13.64 -18.41
N LEU B 162 13.51 14.97 -18.51
CA LEU B 162 14.77 15.73 -18.39
C LEU B 162 15.46 15.48 -17.06
N SER B 163 14.69 15.37 -15.98
CA SER B 163 15.20 15.00 -14.66
C SER B 163 14.50 13.73 -14.18
N PRO B 164 15.23 12.62 -14.08
CA PRO B 164 14.62 11.42 -13.55
C PRO B 164 14.00 11.63 -12.18
N ARG B 165 12.85 11.02 -11.92
CA ARG B 165 12.19 11.11 -10.62
C ARG B 165 11.76 9.74 -10.13
N PRO B 166 11.66 9.60 -8.80
CA PRO B 166 11.16 8.35 -8.27
C PRO B 166 9.81 8.07 -8.90
N VAL B 167 9.51 6.80 -9.14
CA VAL B 167 8.26 6.43 -9.79
C VAL B 167 7.04 6.92 -9.01
N SER B 168 7.12 6.84 -7.68
CA SER B 168 6.00 7.17 -6.80
C SER B 168 5.41 8.58 -6.99
N TYR B 169 6.21 9.51 -7.48
CA TYR B 169 5.80 10.89 -7.69
C TYR B 169 4.89 11.06 -8.92
N LEU B 170 4.93 10.09 -9.85
CA LEU B 170 4.00 10.07 -10.98
C LEU B 170 2.72 9.27 -10.69
N LYS B 171 2.59 8.67 -9.52
CA LYS B 171 1.43 7.83 -9.27
C LYS B 171 0.19 8.69 -9.11
N GLY B 172 -0.90 8.26 -9.75
CA GLY B 172 -2.15 9.02 -9.74
C GLY B 172 -2.26 10.06 -10.83
N SER B 173 -1.27 10.11 -11.73
CA SER B 173 -1.27 11.09 -12.80
C SER B 173 -1.55 10.48 -14.17
N SER B 174 -1.87 9.19 -14.22
CA SER B 174 -2.37 8.55 -15.44
C SER B 174 -3.57 9.33 -15.94
N GLY B 175 -3.53 9.72 -17.21
CA GLY B 175 -4.63 10.48 -17.80
C GLY B 175 -4.32 11.96 -17.96
N GLY B 176 -3.24 12.43 -17.35
CA GLY B 176 -2.87 13.84 -17.45
C GLY B 176 -2.38 14.10 -18.85
N PRO B 177 -2.43 15.36 -19.32
CA PRO B 177 -1.97 15.72 -20.66
C PRO B 177 -0.47 15.87 -20.79
N LEU B 178 0.05 15.50 -21.96
CA LEU B 178 1.38 15.88 -22.43
C LEU B 178 1.14 17.01 -23.42
N LEU B 179 1.75 18.16 -23.15
CA LEU B 179 1.51 19.38 -23.90
C LEU B 179 2.73 19.85 -24.63
N CYS B 180 2.56 20.29 -25.88
CA CYS B 180 3.62 21.04 -26.56
C CYS B 180 3.65 22.47 -25.95
N PRO B 181 4.68 23.28 -26.31
CA PRO B 181 4.83 24.59 -25.65
C PRO B 181 3.65 25.50 -25.89
N SER B 182 3.08 25.44 -27.10
CA SER B 182 1.93 26.27 -27.47
C SER B 182 0.65 25.90 -26.68
N GLY B 183 0.71 24.86 -25.83
CA GLY B 183 -0.40 24.51 -24.94
C GLY B 183 -1.38 23.45 -25.45
N HIS B 184 -1.15 22.93 -26.66
CA HIS B 184 -2.01 21.92 -27.26
C HIS B 184 -1.70 20.54 -26.71
N ALA B 185 -2.53 19.57 -27.06
CA ALA B 185 -2.41 18.20 -26.55
C ALA B 185 -1.61 17.30 -27.48
N VAL B 186 -0.54 16.68 -26.99
CA VAL B 186 0.16 15.63 -27.72
C VAL B 186 -0.39 14.22 -27.38
N GLY B 187 -0.97 14.07 -26.20
CA GLY B 187 -1.50 12.78 -25.75
C GLY B 187 -1.73 12.79 -24.24
N ILE B 188 -2.11 11.62 -23.71
CA ILE B 188 -2.24 11.49 -22.26
C ILE B 188 -1.28 10.47 -21.69
N PHE B 189 -0.80 10.77 -20.48
CA PHE B 189 0.17 9.96 -19.75
C PHE B 189 -0.49 8.62 -19.43
N ARG B 190 0.21 7.50 -19.66
CA ARG B 190 -0.34 6.20 -19.25
C ARG B 190 0.54 5.35 -18.36
N ALA B 191 1.85 5.56 -18.37
CA ALA B 191 2.75 4.73 -17.55
C ALA B 191 4.20 5.24 -17.53
N ALA B 192 4.93 4.93 -16.45
CA ALA B 192 6.37 5.30 -16.35
C ALA B 192 7.27 4.19 -16.89
N VAL B 193 8.43 4.58 -17.44
CA VAL B 193 9.46 3.65 -17.89
C VAL B 193 10.63 3.66 -16.88
N CYS B 194 10.56 2.74 -15.90
CA CYS B 194 11.50 2.66 -14.79
C CYS B 194 12.81 1.97 -15.15
N THR B 195 13.88 2.44 -14.49
CA THR B 195 15.17 1.76 -14.41
C THR B 195 15.43 1.63 -12.90
N ARG B 196 15.34 0.39 -12.38
CA ARG B 196 15.48 0.10 -10.95
C ARG B 196 14.64 1.00 -10.06
N GLY B 197 13.35 1.10 -10.36
CA GLY B 197 12.42 1.88 -9.54
C GLY B 197 12.57 3.39 -9.61
N VAL B 198 13.18 3.87 -10.69
CA VAL B 198 13.35 5.30 -10.93
C VAL B 198 12.91 5.61 -12.37
N ALA B 199 12.18 6.71 -12.56
CA ALA B 199 11.54 6.95 -13.85
C ALA B 199 12.34 7.88 -14.74
N LYS B 200 12.89 7.35 -15.84
CA LYS B 200 13.65 8.14 -16.80
C LYS B 200 12.82 8.58 -18.00
N ALA B 201 11.67 7.93 -18.20
CA ALA B 201 10.86 8.23 -19.39
C ALA B 201 9.39 7.94 -19.11
N VAL B 202 8.52 8.33 -20.04
CA VAL B 202 7.07 8.19 -19.91
C VAL B 202 6.41 7.71 -21.21
N ASP B 203 5.50 6.74 -21.05
CA ASP B 203 4.65 6.23 -22.12
C ASP B 203 3.37 7.05 -22.09
N PHE B 204 2.91 7.42 -23.27
CA PHE B 204 1.69 8.18 -23.37
C PHE B 204 0.86 7.68 -24.56
N VAL B 205 -0.44 7.96 -24.52
CA VAL B 205 -1.36 7.64 -25.61
C VAL B 205 -1.45 8.87 -26.51
N PRO B 206 -0.91 8.77 -27.73
CA PRO B 206 -0.85 9.95 -28.60
C PRO B 206 -2.19 10.39 -29.17
N VAL B 207 -2.37 11.70 -29.29
CA VAL B 207 -3.58 12.29 -29.83
C VAL B 207 -4.05 11.70 -31.17
N GLU B 208 -3.14 11.21 -32.01
CA GLU B 208 -3.56 10.55 -33.25
C GLU B 208 -4.29 9.22 -32.99
N SER B 209 -3.93 8.51 -31.91
CA SER B 209 -4.66 7.30 -31.51
C SER B 209 -6.06 7.66 -31.04
N MET B 210 -6.18 8.83 -30.42
CA MET B 210 -7.46 9.34 -30.00
C MET B 210 -8.38 9.62 -31.18
N GLU B 211 -7.83 10.22 -32.24
CA GLU B 211 -8.61 10.53 -33.44
C GLU B 211 -8.94 9.26 -34.20
N THR B 212 -8.00 8.34 -34.31
CA THR B 212 -8.31 7.03 -34.88
C THR B 212 -9.48 6.36 -34.17
N THR B 213 -9.48 6.42 -32.83
CA THR B 213 -10.52 5.76 -32.02
C THR B 213 -11.88 6.40 -32.28
N MET B 214 -11.88 7.72 -32.42
CA MET B 214 -13.09 8.51 -32.70
C MET B 214 -13.76 8.25 -34.07
N ARG B 215 -12.97 7.81 -35.04
CA ARG B 215 -13.48 7.49 -36.38
C ARG B 215 -13.89 6.00 -36.52
N SER B 216 -13.60 5.20 -35.50
CA SER B 216 -14.02 3.79 -35.49
C SER B 216 -15.48 3.64 -35.11
N PRO B 217 -16.16 2.62 -35.65
CA PRO B 217 -17.56 2.36 -35.26
C PRO B 217 -17.70 1.89 -33.81
N VAL B 218 -18.68 2.45 -33.08
CA VAL B 218 -18.93 2.03 -31.69
C VAL B 218 -19.59 0.63 -31.65
N PHE B 219 -20.56 0.40 -32.53
CA PHE B 219 -21.19 -0.91 -32.67
C PHE B 219 -20.43 -1.68 -33.76
N THR B 220 -19.86 -2.82 -33.39
CA THR B 220 -19.23 -3.73 -34.35
C THR B 220 -19.69 -5.15 -34.07
N ASP B 221 -20.49 -5.71 -34.97
CA ASP B 221 -21.15 -7.00 -34.76
C ASP B 221 -20.22 -8.20 -34.93
N ASN B 222 -19.92 -8.87 -33.80
CA ASN B 222 -19.09 -10.07 -33.77
C ASN B 222 -19.92 -11.26 -33.26
N SER B 223 -21.17 -11.34 -33.68
CA SER B 223 -22.03 -12.46 -33.30
C SER B 223 -22.12 -13.52 -34.41
N SER B 224 -21.75 -13.14 -35.64
CA SER B 224 -21.76 -14.08 -36.76
C SER B 224 -20.36 -14.57 -37.09
N PRO B 225 -20.21 -15.89 -37.31
CA PRO B 225 -18.93 -16.35 -37.87
C PRO B 225 -18.75 -15.82 -39.29
N PRO B 226 -17.53 -15.41 -39.65
CA PRO B 226 -17.29 -14.90 -41.00
C PRO B 226 -17.11 -16.01 -42.02
N ALA B 227 -17.25 -15.68 -43.29
CA ALA B 227 -17.03 -16.61 -44.38
C ALA B 227 -15.52 -16.68 -44.67
N VAL B 228 -15.06 -17.80 -45.20
CA VAL B 228 -13.62 -18.00 -45.32
C VAL B 228 -13.11 -17.04 -46.39
N PRO B 229 -12.15 -16.16 -46.02
CA PRO B 229 -11.64 -15.18 -46.98
C PRO B 229 -10.65 -15.75 -48.01
N GLN B 230 -10.37 -14.95 -49.03
CA GLN B 230 -9.49 -15.35 -50.13
C GLN B 230 -8.05 -15.50 -49.64
N SER B 231 -7.57 -14.52 -48.86
CA SER B 231 -6.26 -14.59 -48.20
C SER B 231 -6.41 -14.48 -46.68
N PHE B 232 -5.31 -14.64 -45.96
CA PHE B 232 -5.33 -14.82 -44.50
C PHE B 232 -5.97 -13.66 -43.74
N GLN B 233 -6.82 -13.99 -42.77
CA GLN B 233 -7.44 -13.02 -41.89
C GLN B 233 -7.69 -13.57 -40.49
N VAL B 234 -7.57 -12.67 -39.52
CA VAL B 234 -7.91 -12.96 -38.13
C VAL B 234 -9.22 -12.26 -37.85
N ALA B 235 -10.21 -13.03 -37.43
CA ALA B 235 -11.54 -12.52 -37.10
C ALA B 235 -11.98 -12.84 -35.66
N HIS B 236 -12.85 -12.02 -35.09
CA HIS B 236 -13.43 -12.22 -33.74
C HIS B 236 -14.88 -12.69 -33.77
N LEU B 237 -15.24 -13.50 -32.77
CA LEU B 237 -16.56 -14.04 -32.63
C LEU B 237 -17.01 -13.94 -31.18
N HIS B 238 -17.92 -13.01 -30.93
CA HIS B 238 -18.46 -12.80 -29.60
C HIS B 238 -19.87 -13.39 -29.55
N ALA B 239 -20.02 -14.51 -28.85
CA ALA B 239 -21.30 -15.21 -28.78
C ALA B 239 -21.38 -16.01 -27.50
N PRO B 240 -22.61 -16.17 -26.94
CA PRO B 240 -22.90 -16.96 -25.73
C PRO B 240 -22.42 -18.40 -25.76
N THR B 241 -22.07 -18.93 -24.60
CA THR B 241 -21.58 -20.31 -24.50
C THR B 241 -22.76 -21.26 -24.80
N GLY B 242 -22.68 -21.94 -25.94
CA GLY B 242 -23.77 -22.78 -26.42
C GLY B 242 -24.55 -22.15 -27.57
N SER B 243 -23.99 -21.11 -28.18
CA SER B 243 -24.46 -20.58 -29.46
C SER B 243 -24.23 -21.59 -30.57
N GLY B 244 -23.34 -22.54 -30.31
CA GLY B 244 -22.84 -23.44 -31.32
C GLY B 244 -21.57 -22.91 -31.94
N LYS B 245 -20.91 -21.95 -31.29
CA LYS B 245 -19.63 -21.42 -31.77
C LYS B 245 -18.55 -22.50 -31.93
N SER B 246 -18.64 -23.56 -31.14
CA SER B 246 -17.62 -24.60 -31.16
C SER B 246 -18.18 -25.93 -31.66
N THR B 247 -19.47 -25.94 -32.00
CA THR B 247 -20.14 -27.12 -32.54
C THR B 247 -20.73 -26.85 -33.93
N LYS B 248 -21.82 -26.07 -33.98
CA LYS B 248 -22.51 -25.72 -35.23
C LYS B 248 -21.63 -25.08 -36.29
N VAL B 249 -20.78 -24.14 -35.90
CA VAL B 249 -19.95 -23.42 -36.88
C VAL B 249 -18.83 -24.26 -37.47
N PRO B 250 -18.09 -25.01 -36.63
CA PRO B 250 -17.20 -26.04 -37.20
C PRO B 250 -17.92 -27.02 -38.15
N ALA B 251 -19.12 -27.47 -37.80
CA ALA B 251 -19.90 -28.31 -38.71
C ALA B 251 -20.23 -27.63 -40.03
N ALA B 252 -20.61 -26.35 -39.98
CA ALA B 252 -20.95 -25.57 -41.20
C ALA B 252 -19.75 -25.41 -42.12
N TYR B 253 -18.64 -25.01 -41.53
CA TYR B 253 -17.39 -24.91 -42.28
C TYR B 253 -17.04 -26.25 -42.95
N ALA B 254 -17.19 -27.37 -42.24
CA ALA B 254 -16.77 -28.67 -42.80
C ALA B 254 -17.65 -29.08 -43.98
N ALA B 255 -18.94 -28.77 -43.88
CA ALA B 255 -19.87 -28.89 -45.02
C ALA B 255 -19.37 -28.09 -46.24
N GLN B 256 -19.00 -26.83 -46.04
CA GLN B 256 -18.43 -26.08 -47.16
C GLN B 256 -17.18 -26.78 -47.70
N GLY B 257 -16.58 -27.68 -46.94
CA GLY B 257 -15.47 -28.50 -47.41
C GLY B 257 -14.10 -28.22 -46.81
N TYR B 258 -14.07 -27.48 -45.70
CA TYR B 258 -12.80 -27.10 -45.07
C TYR B 258 -12.33 -28.03 -43.94
N LYS B 259 -11.03 -27.98 -43.68
CA LYS B 259 -10.44 -28.65 -42.51
C LYS B 259 -10.34 -27.60 -41.38
N VAL B 260 -10.93 -27.94 -40.24
CA VAL B 260 -11.05 -26.98 -39.13
C VAL B 260 -10.50 -27.56 -37.80
N LEU B 261 -9.73 -26.73 -37.09
CA LEU B 261 -9.16 -27.08 -35.78
C LEU B 261 -9.81 -26.20 -34.73
N VAL B 262 -10.37 -26.84 -33.70
CA VAL B 262 -10.96 -26.14 -32.58
C VAL B 262 -10.06 -26.34 -31.37
N LEU B 263 -9.54 -25.24 -30.86
CA LEU B 263 -8.68 -25.25 -29.66
C LEU B 263 -9.47 -24.74 -28.48
N ASN B 264 -9.31 -25.41 -27.33
CA ASN B 264 -10.11 -25.12 -26.15
C ASN B 264 -9.28 -25.42 -24.90
N PRO B 265 -9.45 -24.66 -23.79
CA PRO B 265 -8.58 -24.89 -22.64
C PRO B 265 -8.95 -26.10 -21.78
N SER B 266 -10.18 -26.59 -21.86
CA SER B 266 -10.66 -27.70 -21.00
C SER B 266 -10.58 -29.07 -21.62
N VAL B 267 -9.96 -30.00 -20.90
CA VAL B 267 -9.85 -31.39 -21.36
C VAL B 267 -11.23 -32.01 -21.44
N ALA B 268 -12.02 -31.79 -20.41
CA ALA B 268 -13.37 -32.33 -20.38
C ALA B 268 -14.30 -31.71 -21.47
N ALA B 269 -14.11 -30.45 -21.84
CA ALA B 269 -14.93 -29.88 -22.91
C ALA B 269 -14.48 -30.42 -24.27
N THR B 270 -13.17 -30.56 -24.46
CA THR B 270 -12.64 -31.11 -25.72
C THR B 270 -13.12 -32.52 -26.00
N LEU B 271 -13.08 -33.39 -24.99
CA LEU B 271 -13.61 -34.75 -25.10
C LEU B 271 -15.12 -34.72 -25.36
N GLY B 272 -15.84 -33.91 -24.60
CA GLY B 272 -17.28 -33.84 -24.73
C GLY B 272 -17.71 -33.53 -26.15
N PHE B 273 -16.92 -32.72 -26.86
CA PHE B 273 -17.28 -32.34 -28.23
C PHE B 273 -17.33 -33.53 -29.19
N GLY B 274 -16.50 -34.55 -28.95
CA GLY B 274 -16.42 -35.71 -29.83
C GLY B 274 -17.72 -36.50 -29.92
N ALA B 275 -18.31 -36.77 -28.75
CA ALA B 275 -19.60 -37.45 -28.66
C ALA B 275 -20.75 -36.55 -29.10
N TYR B 276 -20.65 -35.26 -28.85
CA TYR B 276 -21.73 -34.37 -29.22
C TYR B 276 -21.79 -34.28 -30.76
N MET B 277 -20.63 -34.15 -31.39
CA MET B 277 -20.55 -33.92 -32.83
C MET B 277 -20.91 -35.17 -33.61
N SER B 278 -20.59 -36.34 -33.06
CA SER B 278 -20.91 -37.60 -33.75
C SER B 278 -22.41 -37.84 -33.76
N LYS B 279 -23.10 -37.46 -32.69
CA LYS B 279 -24.57 -37.55 -32.66
C LYS B 279 -25.22 -36.47 -33.54
N ALA B 280 -24.94 -35.21 -33.23
CA ALA B 280 -25.73 -34.08 -33.72
C ALA B 280 -25.47 -33.68 -35.16
N HIS B 281 -24.22 -33.73 -35.61
CA HIS B 281 -23.88 -33.35 -36.98
C HIS B 281 -23.22 -34.47 -37.78
N GLY B 282 -23.28 -35.70 -37.27
CA GLY B 282 -22.78 -36.87 -38.03
C GLY B 282 -21.32 -36.78 -38.41
N ILE B 283 -20.48 -36.31 -37.50
CA ILE B 283 -19.04 -36.20 -37.74
C ILE B 283 -18.29 -36.80 -36.53
N ASP B 284 -17.47 -37.81 -36.78
CA ASP B 284 -16.66 -38.40 -35.72
C ASP B 284 -15.26 -37.77 -35.78
N PRO B 285 -15.02 -36.74 -34.95
CA PRO B 285 -13.85 -35.93 -35.18
C PRO B 285 -12.60 -36.43 -34.49
N ASN B 286 -11.45 -35.92 -34.93
CA ASN B 286 -10.20 -36.18 -34.23
C ASN B 286 -10.24 -35.45 -32.89
N ILE B 287 -9.69 -36.10 -31.86
CA ILE B 287 -9.67 -35.61 -30.47
C ILE B 287 -8.24 -35.69 -29.97
N ARG B 288 -7.74 -34.59 -29.42
CA ARG B 288 -6.38 -34.53 -28.95
C ARG B 288 -6.22 -33.84 -27.59
N THR B 289 -6.16 -34.66 -26.55
CA THR B 289 -5.80 -34.22 -25.21
C THR B 289 -4.61 -35.03 -24.72
N GLY B 290 -4.09 -34.67 -23.54
CA GLY B 290 -2.97 -35.39 -22.91
C GLY B 290 -3.40 -36.77 -22.43
N VAL B 291 -4.57 -36.88 -21.82
CA VAL B 291 -5.07 -38.19 -21.34
C VAL B 291 -5.69 -39.08 -22.44
N ARG B 292 -6.18 -38.50 -23.52
CA ARG B 292 -6.78 -39.30 -24.60
C ARG B 292 -6.63 -38.66 -25.99
N THR B 293 -6.39 -39.50 -26.98
CA THR B 293 -6.24 -39.08 -28.34
C THR B 293 -6.93 -40.07 -29.26
N ILE B 294 -7.67 -39.53 -30.22
CA ILE B 294 -8.39 -40.32 -31.21
C ILE B 294 -8.21 -39.68 -32.59
N THR B 295 -7.68 -40.45 -33.53
CA THR B 295 -7.59 -40.01 -34.92
C THR B 295 -8.58 -40.82 -35.79
N THR B 296 -9.59 -40.17 -36.33
CA THR B 296 -10.54 -40.80 -37.26
C THR B 296 -10.39 -40.38 -38.73
N GLY B 297 -9.39 -39.57 -39.05
CA GLY B 297 -9.26 -38.97 -40.39
C GLY B 297 -10.29 -37.88 -40.77
N ALA B 298 -11.17 -37.56 -39.83
CA ALA B 298 -12.21 -36.58 -40.06
C ALA B 298 -11.58 -35.22 -40.40
N PRO B 299 -12.36 -34.33 -41.03
CA PRO B 299 -11.83 -33.00 -41.37
C PRO B 299 -11.92 -31.99 -40.22
N VAL B 300 -12.55 -32.39 -39.10
CA VAL B 300 -12.63 -31.56 -37.88
C VAL B 300 -11.83 -32.16 -36.71
N THR B 301 -10.90 -31.38 -36.17
CA THR B 301 -10.13 -31.79 -34.99
C THR B 301 -10.38 -30.85 -33.81
N TYR B 302 -10.56 -31.45 -32.64
CA TYR B 302 -10.72 -30.75 -31.36
C TYR B 302 -9.50 -31.10 -30.51
N SER B 303 -8.80 -30.08 -30.02
CA SER B 303 -7.59 -30.26 -29.22
C SER B 303 -7.61 -29.28 -28.03
N THR B 304 -6.86 -29.60 -26.98
CA THR B 304 -6.55 -28.57 -25.98
C THR B 304 -5.42 -27.74 -26.56
N TYR B 305 -5.33 -26.47 -26.17
CA TYR B 305 -4.10 -25.65 -26.41
C TYR B 305 -2.81 -26.39 -25.96
N GLY B 306 -2.83 -26.96 -24.75
CA GLY B 306 -1.64 -27.64 -24.21
C GLY B 306 -1.19 -28.80 -25.06
N LYS B 307 -2.15 -29.61 -25.53
CA LYS B 307 -1.83 -30.76 -26.39
C LYS B 307 -1.39 -30.30 -27.78
N PHE B 308 -1.97 -29.18 -28.24
CA PHE B 308 -1.56 -28.48 -29.45
C PHE B 308 -0.11 -28.01 -29.36
N LEU B 309 0.29 -27.43 -28.22
CA LEU B 309 1.71 -27.05 -28.01
C LEU B 309 2.68 -28.26 -27.90
N ALA B 310 2.21 -29.36 -27.29
CA ALA B 310 2.99 -30.61 -27.19
C ALA B 310 3.23 -31.24 -28.55
N ASP B 311 2.21 -31.22 -29.40
CA ASP B 311 2.31 -31.71 -30.78
C ASP B 311 3.16 -30.79 -31.66
N GLY B 312 3.65 -29.69 -31.11
CA GLY B 312 4.60 -28.84 -31.80
C GLY B 312 3.97 -27.81 -32.71
N GLY B 313 2.82 -27.27 -32.31
CA GLY B 313 2.16 -26.18 -33.05
C GLY B 313 1.54 -26.63 -34.37
N CYS B 314 1.31 -25.65 -35.26
CA CYS B 314 0.70 -25.90 -36.58
C CYS B 314 1.51 -26.88 -37.45
N SER B 315 0.85 -27.92 -37.94
CA SER B 315 1.42 -28.81 -38.97
C SER B 315 1.19 -28.18 -40.36
N GLY B 316 2.25 -27.91 -41.10
CA GLY B 316 2.10 -27.32 -42.43
C GLY B 316 0.97 -27.96 -43.23
N GLY B 317 -0.02 -27.16 -43.62
CA GLY B 317 -1.08 -27.61 -44.53
C GLY B 317 -2.21 -28.46 -43.96
N ALA B 318 -2.18 -28.75 -42.66
CA ALA B 318 -3.19 -29.61 -42.08
C ALA B 318 -4.57 -28.93 -41.93
N TYR B 319 -4.61 -27.62 -41.84
CA TYR B 319 -5.89 -26.94 -41.54
C TYR B 319 -6.14 -25.64 -42.32
N ASP B 320 -7.42 -25.41 -42.66
CA ASP B 320 -7.83 -24.22 -43.39
C ASP B 320 -8.21 -23.15 -42.42
N ILE B 321 -8.92 -23.57 -41.38
CA ILE B 321 -9.46 -22.67 -40.36
C ILE B 321 -9.03 -23.14 -38.97
N ILE B 322 -8.57 -22.20 -38.13
CA ILE B 322 -8.29 -22.52 -36.74
C ILE B 322 -9.18 -21.68 -35.82
N ILE B 323 -9.88 -22.34 -34.91
CA ILE B 323 -10.78 -21.67 -34.02
C ILE B 323 -10.25 -21.74 -32.59
N CYS B 324 -9.72 -20.62 -32.10
CA CYS B 324 -9.25 -20.53 -30.72
C CYS B 324 -10.43 -20.23 -29.82
N ASP B 325 -10.95 -21.25 -29.16
CA ASP B 325 -12.10 -21.08 -28.30
C ASP B 325 -11.68 -20.58 -26.89
N GLU B 326 -12.61 -19.93 -26.18
CA GLU B 326 -12.38 -19.29 -24.89
C GLU B 326 -11.08 -18.45 -24.87
N CYS B 327 -10.95 -17.64 -25.90
CA CYS B 327 -9.81 -16.75 -26.03
C CYS B 327 -9.84 -15.58 -25.05
N HIS B 328 -10.71 -15.65 -24.03
CA HIS B 328 -10.73 -14.72 -22.90
C HIS B 328 -9.82 -15.21 -21.78
N SER B 329 -9.45 -16.50 -21.83
CA SER B 329 -8.72 -17.15 -20.75
C SER B 329 -7.27 -16.67 -20.71
N THR B 330 -6.84 -16.27 -19.53
CA THR B 330 -5.54 -15.66 -19.36
C THR B 330 -4.59 -16.58 -18.57
N ASP B 331 -4.76 -17.89 -18.76
CA ASP B 331 -3.81 -18.89 -18.28
C ASP B 331 -2.64 -19.01 -19.27
N SER B 332 -1.49 -19.53 -18.83
CA SER B 332 -0.29 -19.45 -19.67
C SER B 332 -0.35 -20.32 -20.94
N THR B 333 -0.90 -21.52 -20.81
CA THR B 333 -1.07 -22.43 -21.95
C THR B 333 -1.98 -21.80 -23.02
N THR B 334 -3.06 -21.14 -22.61
CA THR B 334 -3.96 -20.55 -23.59
C THR B 334 -3.30 -19.40 -24.37
N ILE B 335 -2.61 -18.52 -23.64
CA ILE B 335 -1.91 -17.38 -24.23
C ILE B 335 -0.80 -17.86 -25.16
N LEU B 336 -0.04 -18.81 -24.66
CA LEU B 336 1.05 -19.39 -25.45
C LEU B 336 0.50 -20.14 -26.66
N GLY B 337 -0.60 -20.87 -26.48
CA GLY B 337 -1.23 -21.59 -27.60
C GLY B 337 -1.77 -20.64 -28.66
N ILE B 338 -2.50 -19.61 -28.24
CA ILE B 338 -3.03 -18.64 -29.17
C ILE B 338 -1.95 -17.80 -29.87
N GLY B 339 -0.83 -17.52 -29.20
CA GLY B 339 0.25 -16.76 -29.83
C GLY B 339 1.06 -17.57 -30.84
N THR B 340 1.16 -18.88 -30.58
CA THR B 340 1.69 -19.87 -31.52
C THR B 340 0.86 -19.87 -32.82
N VAL B 341 -0.45 -19.97 -32.70
CA VAL B 341 -1.33 -19.97 -33.87
C VAL B 341 -1.22 -18.68 -34.67
N LEU B 342 -1.13 -17.56 -33.96
CA LEU B 342 -1.03 -16.25 -34.60
C LEU B 342 0.32 -16.11 -35.29
N ASP B 343 1.35 -16.76 -34.76
CA ASP B 343 2.65 -16.75 -35.43
C ASP B 343 2.78 -17.66 -36.66
N GLN B 344 2.00 -18.75 -36.71
CA GLN B 344 2.24 -19.87 -37.62
C GLN B 344 1.17 -20.11 -38.69
N ALA B 345 -0.05 -19.71 -38.40
CA ALA B 345 -1.20 -20.16 -39.17
C ALA B 345 -1.09 -19.83 -40.66
N GLU B 346 -0.67 -18.60 -40.97
CA GLU B 346 -0.55 -18.17 -42.36
C GLU B 346 0.50 -18.99 -43.07
N THR B 347 1.70 -19.04 -42.50
CA THR B 347 2.81 -19.82 -43.07
C THR B 347 2.47 -21.30 -43.29
N ALA B 348 1.68 -21.88 -42.38
CA ALA B 348 1.27 -23.30 -42.49
C ALA B 348 0.03 -23.54 -43.38
N GLY B 349 -0.48 -22.48 -44.02
CA GLY B 349 -1.46 -22.59 -45.09
C GLY B 349 -2.87 -22.21 -44.73
N ALA B 350 -3.09 -21.76 -43.49
CA ALA B 350 -4.43 -21.41 -43.05
C ALA B 350 -4.86 -20.14 -43.74
N ARG B 351 -6.17 -20.00 -43.95
CA ARG B 351 -6.79 -18.77 -44.44
C ARG B 351 -7.58 -18.02 -43.35
N LEU B 352 -7.80 -18.65 -42.19
CA LEU B 352 -8.68 -18.05 -41.20
C LEU B 352 -8.42 -18.45 -39.75
N VAL B 353 -8.22 -17.43 -38.91
CA VAL B 353 -8.21 -17.64 -37.46
C VAL B 353 -9.41 -16.94 -36.87
N VAL B 354 -10.14 -17.66 -36.02
CA VAL B 354 -11.29 -17.12 -35.34
C VAL B 354 -11.04 -17.09 -33.83
N LEU B 355 -11.09 -15.89 -33.26
CA LEU B 355 -10.87 -15.75 -31.82
C LEU B 355 -12.20 -15.64 -31.10
N ALA B 356 -12.51 -16.65 -30.30
CA ALA B 356 -13.88 -16.86 -29.87
C ALA B 356 -14.03 -16.81 -28.36
N THR B 357 -14.98 -15.99 -27.93
CA THR B 357 -15.32 -15.90 -26.51
C THR B 357 -16.70 -15.32 -26.38
N ALA B 358 -17.36 -15.63 -25.28
CA ALA B 358 -18.57 -14.90 -24.90
C ALA B 358 -18.26 -13.61 -24.13
N THR B 359 -17.09 -13.54 -23.47
CA THR B 359 -16.74 -12.39 -22.62
C THR B 359 -15.47 -11.68 -23.06
N PRO B 360 -15.55 -10.89 -24.13
CA PRO B 360 -14.34 -10.23 -24.64
C PRO B 360 -13.84 -9.09 -23.75
N PRO B 361 -12.59 -8.64 -23.98
CA PRO B 361 -12.03 -7.61 -23.15
C PRO B 361 -12.83 -6.31 -23.24
N GLY B 362 -13.27 -5.77 -22.11
CA GLY B 362 -14.08 -4.55 -22.10
C GLY B 362 -15.54 -4.80 -21.84
N SER B 363 -15.93 -6.07 -21.85
CA SER B 363 -17.29 -6.47 -21.50
C SER B 363 -17.53 -6.29 -19.99
N VAL B 364 -18.77 -5.98 -19.63
CA VAL B 364 -19.25 -6.04 -18.25
C VAL B 364 -20.40 -7.04 -18.16
N THR B 365 -20.70 -7.53 -16.95
CA THR B 365 -21.83 -8.42 -16.80
C THR B 365 -23.10 -7.63 -16.94
N VAL B 366 -24.00 -8.13 -17.77
CA VAL B 366 -25.34 -7.58 -17.90
C VAL B 366 -26.34 -8.64 -17.44
N PRO B 367 -27.55 -8.21 -17.06
CA PRO B 367 -28.61 -9.16 -16.69
C PRO B 367 -28.76 -10.30 -17.69
N HIS B 368 -28.97 -11.50 -17.17
CA HIS B 368 -29.25 -12.66 -17.98
C HIS B 368 -30.74 -12.98 -17.80
N PRO B 369 -31.48 -13.15 -18.91
CA PRO B 369 -32.92 -13.34 -18.82
C PRO B 369 -33.28 -14.57 -17.99
N ASN B 370 -32.66 -15.68 -18.36
CA ASN B 370 -32.79 -16.98 -17.72
C ASN B 370 -32.24 -17.13 -16.26
N ILE B 371 -31.67 -16.07 -15.68
CA ILE B 371 -31.03 -16.18 -14.35
C ILE B 371 -31.46 -15.09 -13.40
N GLU B 372 -31.89 -15.49 -12.21
CA GLU B 372 -32.45 -14.57 -11.25
C GLU B 372 -31.42 -14.30 -10.16
N GLU B 373 -31.11 -13.04 -9.95
CA GLU B 373 -29.96 -12.71 -9.13
C GLU B 373 -30.38 -12.17 -7.76
N VAL B 374 -29.86 -12.80 -6.71
CA VAL B 374 -30.29 -12.48 -5.35
C VAL B 374 -29.09 -12.40 -4.43
N ALA B 375 -28.87 -11.21 -3.89
CA ALA B 375 -27.80 -10.96 -2.95
C ALA B 375 -27.97 -11.84 -1.73
N LEU B 376 -26.85 -12.26 -1.16
CA LEU B 376 -26.86 -12.91 0.13
C LEU B 376 -27.05 -11.86 1.22
N SER B 377 -27.56 -12.30 2.36
CA SER B 377 -27.78 -11.45 3.52
C SER B 377 -27.06 -12.08 4.69
N ASN B 378 -27.36 -11.61 5.89
CA ASN B 378 -26.73 -12.12 7.11
C ASN B 378 -27.50 -13.26 7.77
N THR B 379 -28.74 -13.45 7.34
CA THR B 379 -29.56 -14.50 7.90
C THR B 379 -29.32 -15.77 7.06
N GLY B 380 -29.06 -16.88 7.77
CA GLY B 380 -28.59 -18.10 7.17
C GLY B 380 -27.89 -18.89 8.22
N GLU B 381 -28.04 -20.21 8.15
CA GLU B 381 -27.39 -21.11 9.08
C GLU B 381 -25.92 -21.25 8.75
N ILE B 382 -25.54 -20.95 7.50
CA ILE B 382 -24.22 -21.29 6.97
C ILE B 382 -23.41 -20.03 6.67
N PRO B 383 -22.36 -19.77 7.48
CA PRO B 383 -21.63 -18.53 7.22
C PRO B 383 -20.78 -18.68 5.96
N PHE B 384 -20.70 -17.61 5.18
CA PHE B 384 -20.05 -17.68 3.89
C PHE B 384 -19.50 -16.29 3.50
N TYR B 385 -18.22 -16.08 3.77
CA TYR B 385 -17.50 -14.86 3.35
C TYR B 385 -18.13 -13.60 3.92
N GLY B 386 -18.44 -13.64 5.21
CA GLY B 386 -19.09 -12.52 5.89
C GLY B 386 -20.60 -12.52 5.81
N LYS B 387 -21.17 -13.14 4.77
CA LYS B 387 -22.62 -13.24 4.66
C LYS B 387 -23.06 -14.66 5.06
N ALA B 388 -24.28 -15.07 4.71
CA ALA B 388 -24.78 -16.39 5.07
C ALA B 388 -25.55 -17.12 3.96
N ILE B 389 -25.62 -18.43 4.06
CA ILE B 389 -26.47 -19.21 3.17
C ILE B 389 -27.59 -19.88 3.97
N PRO B 390 -28.85 -19.72 3.51
CA PRO B 390 -29.92 -20.47 4.14
C PRO B 390 -29.80 -21.94 3.77
N ILE B 391 -29.93 -22.83 4.77
CA ILE B 391 -29.96 -24.27 4.51
C ILE B 391 -31.10 -24.68 3.54
N GLU B 392 -32.17 -23.89 3.53
CA GLU B 392 -33.33 -24.10 2.65
C GLU B 392 -33.01 -23.80 1.17
N ALA B 393 -31.95 -23.03 0.91
CA ALA B 393 -31.54 -22.69 -0.47
C ALA B 393 -30.76 -23.80 -1.16
N ILE B 394 -30.16 -24.70 -0.38
CA ILE B 394 -29.36 -25.78 -0.95
C ILE B 394 -29.76 -27.19 -0.50
N ARG B 395 -30.87 -27.36 0.20
CA ARG B 395 -31.16 -28.67 0.83
C ARG B 395 -31.42 -29.74 -0.25
N GLY B 396 -32.30 -29.45 -1.21
CA GLY B 396 -32.47 -30.33 -2.34
C GLY B 396 -31.87 -29.74 -3.59
N GLY B 397 -31.67 -30.56 -4.60
CA GLY B 397 -31.21 -30.10 -5.88
C GLY B 397 -29.70 -30.15 -6.05
N ARG B 398 -29.26 -29.59 -7.18
CA ARG B 398 -27.85 -29.48 -7.52
C ARG B 398 -27.38 -28.02 -7.48
N HIS B 399 -26.39 -27.75 -6.63
CA HIS B 399 -25.90 -26.41 -6.40
C HIS B 399 -24.39 -26.39 -6.38
N LEU B 400 -23.83 -25.32 -6.96
CA LEU B 400 -22.39 -25.14 -7.10
C LEU B 400 -21.99 -23.91 -6.27
N ILE B 401 -21.01 -24.07 -5.41
CA ILE B 401 -20.55 -22.95 -4.59
C ILE B 401 -19.09 -22.67 -4.92
N PHE B 402 -18.80 -21.46 -5.38
CA PHE B 402 -17.42 -21.07 -5.70
C PHE B 402 -16.78 -20.43 -4.47
N CYS B 403 -15.69 -21.02 -4.01
CA CYS B 403 -14.76 -20.45 -3.01
C CYS B 403 -13.39 -20.12 -3.63
N HIS B 404 -12.65 -19.22 -2.98
CA HIS B 404 -11.41 -18.71 -3.55
C HIS B 404 -10.24 -19.71 -3.41
N SER B 405 -10.25 -20.52 -2.34
CA SER B 405 -9.19 -21.49 -2.05
C SER B 405 -9.69 -22.91 -1.84
N LYS B 406 -8.80 -23.89 -1.89
CA LYS B 406 -9.20 -25.25 -1.58
C LYS B 406 -9.43 -25.48 -0.08
N LYS B 407 -8.61 -24.86 0.74
CA LYS B 407 -8.81 -24.93 2.18
C LYS B 407 -10.28 -24.58 2.49
N LYS B 408 -10.77 -23.50 1.90
CA LYS B 408 -12.14 -23.06 2.11
C LYS B 408 -13.16 -24.04 1.51
N CYS B 409 -12.83 -24.62 0.37
CA CYS B 409 -13.70 -25.64 -0.20
C CYS B 409 -13.85 -26.78 0.79
N ASP B 410 -12.74 -27.18 1.39
CA ASP B 410 -12.70 -28.34 2.26
C ASP B 410 -13.54 -28.13 3.51
N GLU B 411 -13.42 -26.95 4.11
CA GLU B 411 -14.15 -26.69 5.36
C GLU B 411 -15.64 -26.46 5.16
N LEU B 412 -16.02 -25.78 4.08
CA LEU B 412 -17.43 -25.64 3.74
C LEU B 412 -18.07 -27.01 3.38
N ALA B 413 -17.37 -27.82 2.62
CA ALA B 413 -17.82 -29.19 2.34
C ALA B 413 -18.06 -30.02 3.61
N ALA B 414 -17.15 -29.90 4.58
CA ALA B 414 -17.24 -30.65 5.83
C ALA B 414 -18.44 -30.17 6.65
N LYS B 415 -18.60 -28.87 6.76
CA LYS B 415 -19.75 -28.27 7.43
C LYS B 415 -21.04 -28.89 6.87
N LEU B 416 -21.21 -28.75 5.56
CA LEU B 416 -22.41 -29.21 4.88
C LEU B 416 -22.64 -30.69 5.13
N SER B 417 -21.58 -31.48 5.03
CA SER B 417 -21.69 -32.93 5.31
C SER B 417 -22.15 -33.25 6.74
N GLY B 418 -21.74 -32.42 7.70
CA GLY B 418 -22.05 -32.61 9.11
C GLY B 418 -23.48 -32.27 9.40
N LEU B 419 -24.06 -31.40 8.57
CA LEU B 419 -25.50 -31.11 8.59
C LEU B 419 -26.32 -32.13 7.76
N GLY B 420 -25.68 -33.17 7.24
CA GLY B 420 -26.36 -34.18 6.40
C GLY B 420 -26.78 -33.68 5.02
N ILE B 421 -26.06 -32.68 4.51
CA ILE B 421 -26.22 -32.26 3.13
C ILE B 421 -25.23 -33.08 2.36
N ASN B 422 -25.64 -33.57 1.20
CA ASN B 422 -24.77 -34.34 0.37
C ASN B 422 -23.83 -33.40 -0.39
N ALA B 423 -22.58 -33.34 0.06
CA ALA B 423 -21.66 -32.26 -0.35
C ALA B 423 -20.30 -32.81 -0.59
N VAL B 424 -19.66 -32.25 -1.60
CA VAL B 424 -18.39 -32.73 -2.10
C VAL B 424 -17.52 -31.50 -2.50
N ALA B 425 -16.19 -31.65 -2.42
CA ALA B 425 -15.22 -30.59 -2.80
C ALA B 425 -14.54 -30.91 -4.11
N TYR B 426 -14.23 -29.88 -4.91
CA TYR B 426 -13.46 -30.08 -6.16
C TYR B 426 -12.48 -28.96 -6.41
N TYR B 427 -11.24 -29.35 -6.69
CA TYR B 427 -10.20 -28.38 -7.02
C TYR B 427 -9.08 -29.10 -7.70
N ARG B 428 -8.10 -28.34 -8.20
CA ARG B 428 -6.89 -28.91 -8.83
C ARG B 428 -6.23 -29.97 -7.94
N GLY B 429 -6.12 -31.18 -8.47
CA GLY B 429 -5.54 -32.28 -7.71
C GLY B 429 -6.49 -33.46 -7.61
N LEU B 430 -7.77 -33.16 -7.47
CA LEU B 430 -8.76 -34.19 -7.28
C LEU B 430 -9.24 -34.73 -8.62
N ASP B 431 -9.58 -36.02 -8.65
CA ASP B 431 -10.18 -36.61 -9.83
C ASP B 431 -11.59 -36.14 -9.92
N VAL B 432 -12.05 -35.88 -11.14
CA VAL B 432 -13.36 -35.27 -11.32
C VAL B 432 -14.49 -36.24 -10.90
N SER B 433 -14.19 -37.54 -10.84
CA SER B 433 -15.14 -38.55 -10.31
C SER B 433 -15.83 -38.22 -8.97
N VAL B 434 -15.25 -37.36 -8.16
CA VAL B 434 -15.98 -36.82 -6.98
C VAL B 434 -17.26 -36.08 -7.37
N ILE B 435 -17.40 -35.75 -8.66
CA ILE B 435 -18.70 -35.43 -9.35
C ILE B 435 -19.86 -35.08 -8.44
N PRO B 436 -20.92 -35.95 -8.26
CA PRO B 436 -21.53 -37.21 -8.77
C PRO B 436 -22.29 -37.30 -10.13
N THR B 437 -22.78 -36.21 -10.69
CA THR B 437 -23.39 -36.20 -12.10
C THR B 437 -24.89 -36.43 -12.16
N ILE B 438 -25.38 -37.28 -11.26
CA ILE B 438 -26.81 -37.48 -11.09
C ILE B 438 -27.05 -37.42 -9.59
N GLY B 439 -28.16 -36.80 -9.19
CA GLY B 439 -28.57 -36.80 -7.79
C GLY B 439 -28.35 -35.49 -7.08
N ASP B 440 -28.97 -35.33 -5.93
CA ASP B 440 -28.76 -34.15 -5.11
C ASP B 440 -27.29 -34.02 -4.72
N VAL B 441 -26.72 -32.85 -4.96
CA VAL B 441 -25.39 -32.56 -4.49
C VAL B 441 -25.14 -31.07 -4.43
N VAL B 442 -24.30 -30.68 -3.48
CA VAL B 442 -23.70 -29.37 -3.46
C VAL B 442 -22.23 -29.61 -3.81
N VAL B 443 -21.75 -28.92 -4.84
CA VAL B 443 -20.34 -28.95 -5.21
C VAL B 443 -19.70 -27.65 -4.68
N VAL B 444 -18.69 -27.79 -3.83
CA VAL B 444 -17.94 -26.65 -3.31
C VAL B 444 -16.61 -26.72 -4.04
N ALA B 445 -16.30 -25.68 -4.81
CA ALA B 445 -15.15 -25.76 -5.71
C ALA B 445 -14.49 -24.43 -6.01
N THR B 446 -13.29 -24.52 -6.56
CA THR B 446 -12.60 -23.38 -7.12
C THR B 446 -12.77 -23.36 -8.63
N ASP B 447 -12.18 -22.33 -9.27
CA ASP B 447 -12.23 -22.18 -10.73
C ASP B 447 -11.64 -23.37 -11.52
N ALA B 448 -10.94 -24.26 -10.84
CA ALA B 448 -10.56 -25.53 -11.45
C ALA B 448 -11.77 -26.23 -12.13
N LEU B 449 -12.95 -26.08 -11.52
CA LEU B 449 -14.20 -26.61 -11.99
C LEU B 449 -14.43 -26.24 -13.45
N MET B 450 -14.14 -24.98 -13.78
CA MET B 450 -14.36 -24.42 -15.12
C MET B 450 -13.74 -25.30 -16.20
N THR B 451 -12.55 -25.81 -15.94
CA THR B 451 -11.88 -26.70 -16.88
C THR B 451 -12.08 -28.23 -16.63
N GLY B 452 -12.46 -28.61 -15.40
CA GLY B 452 -12.49 -30.03 -15.01
C GLY B 452 -13.78 -30.78 -15.29
N TYR B 453 -14.90 -30.06 -15.26
CA TYR B 453 -16.25 -30.61 -15.28
C TYR B 453 -17.12 -29.68 -16.13
N THR B 454 -18.04 -30.24 -16.92
CA THR B 454 -18.82 -29.43 -17.88
C THR B 454 -20.32 -29.24 -17.57
N GLY B 455 -20.83 -29.88 -16.53
CA GLY B 455 -22.25 -29.78 -16.20
C GLY B 455 -22.71 -28.41 -15.68
N ASP B 456 -24.03 -28.21 -15.65
CA ASP B 456 -24.60 -26.99 -15.08
C ASP B 456 -25.49 -27.30 -13.84
N PHE B 457 -26.01 -26.25 -13.22
CA PHE B 457 -26.50 -26.36 -11.84
C PHE B 457 -27.74 -25.52 -11.62
N ASP B 458 -28.63 -25.99 -10.76
CA ASP B 458 -29.83 -25.25 -10.39
C ASP B 458 -29.50 -23.86 -9.84
N SER B 459 -28.40 -23.75 -9.11
CA SER B 459 -27.94 -22.44 -8.66
C SER B 459 -26.42 -22.39 -8.61
N VAL B 460 -25.90 -21.16 -8.71
CA VAL B 460 -24.52 -20.86 -8.39
C VAL B 460 -24.51 -19.84 -7.27
N ILE B 461 -23.76 -20.13 -6.20
CA ILE B 461 -23.47 -19.19 -5.11
C ILE B 461 -21.98 -18.85 -5.25
N ASP B 462 -21.65 -17.56 -5.24
CA ASP B 462 -20.31 -17.08 -5.66
C ASP B 462 -19.73 -16.13 -4.62
N CYS B 463 -18.58 -16.51 -4.06
CA CYS B 463 -17.80 -15.66 -3.12
C CYS B 463 -17.30 -14.32 -3.72
N ASN B 464 -17.25 -14.23 -5.05
CA ASN B 464 -16.87 -13.01 -5.82
C ASN B 464 -15.41 -12.54 -5.65
N THR B 465 -14.56 -13.42 -5.12
CA THR B 465 -13.13 -13.22 -5.06
C THR B 465 -12.38 -14.38 -5.74
N CYS B 466 -11.14 -14.08 -6.15
CA CYS B 466 -10.22 -14.99 -6.81
C CYS B 466 -8.83 -14.96 -6.18
N VAL B 467 -8.12 -16.07 -6.25
CA VAL B 467 -6.69 -16.07 -6.02
C VAL B 467 -5.99 -15.74 -7.35
N THR B 468 -5.00 -14.88 -7.27
CA THR B 468 -4.15 -14.59 -8.41
C THR B 468 -2.73 -14.31 -7.95
N GLN B 469 -1.83 -14.27 -8.92
CA GLN B 469 -0.43 -14.04 -8.67
C GLN B 469 -0.01 -12.72 -9.27
N THR B 470 0.89 -12.03 -8.57
CA THR B 470 1.34 -10.71 -8.98
C THR B 470 2.85 -10.64 -8.80
N VAL B 471 3.52 -10.13 -9.83
CA VAL B 471 4.94 -9.89 -9.76
C VAL B 471 5.26 -8.55 -9.06
N ASP B 472 6.32 -8.55 -8.28
CA ASP B 472 6.79 -7.32 -7.66
C ASP B 472 8.28 -7.19 -7.98
N PHE B 473 8.66 -6.12 -8.68
CA PHE B 473 10.06 -5.90 -9.01
C PHE B 473 10.73 -5.24 -7.81
N SER B 474 10.94 -6.06 -6.77
CA SER B 474 11.28 -5.61 -5.43
C SER B 474 12.77 -5.53 -5.15
N LEU B 475 13.58 -5.85 -6.15
CA LEU B 475 15.02 -5.60 -6.02
C LEU B 475 15.56 -6.01 -4.65
N ASP B 476 15.13 -7.19 -4.16
CA ASP B 476 15.49 -7.69 -2.83
C ASP B 476 15.80 -9.19 -2.80
N PRO B 477 16.72 -9.64 -3.65
CA PRO B 477 17.54 -8.91 -4.61
C PRO B 477 16.99 -8.69 -6.01
N THR B 478 15.87 -9.31 -6.40
CA THR B 478 15.48 -9.34 -7.84
C THR B 478 14.00 -9.10 -8.10
N PHE B 479 13.18 -10.16 -8.01
CA PHE B 479 11.75 -10.04 -8.08
C PHE B 479 11.07 -10.99 -7.15
N THR B 480 9.79 -10.71 -6.89
CA THR B 480 8.94 -11.52 -6.05
C THR B 480 7.66 -11.93 -6.80
N ILE B 481 7.25 -13.19 -6.66
CA ILE B 481 5.95 -13.66 -7.19
C ILE B 481 5.07 -14.02 -6.02
N GLU B 482 4.11 -13.16 -5.75
CA GLU B 482 3.26 -13.23 -4.59
C GLU B 482 1.88 -13.77 -5.00
N THR B 483 1.31 -14.62 -4.15
CA THR B 483 -0.04 -15.10 -4.33
C THR B 483 -0.96 -14.23 -3.46
N THR B 484 -1.99 -13.66 -4.06
CA THR B 484 -2.93 -12.76 -3.35
C THR B 484 -4.40 -13.01 -3.68
N THR B 485 -5.27 -12.76 -2.70
CA THR B 485 -6.71 -12.87 -2.89
C THR B 485 -7.27 -11.53 -3.29
N VAL B 486 -7.98 -11.47 -4.42
CA VAL B 486 -8.48 -10.21 -4.96
C VAL B 486 -9.92 -10.33 -5.51
N PRO B 487 -10.62 -9.19 -5.63
CA PRO B 487 -11.96 -9.23 -6.23
C PRO B 487 -11.97 -9.75 -7.65
N GLN B 488 -13.08 -10.41 -8.02
CA GLN B 488 -13.25 -10.97 -9.36
C GLN B 488 -13.45 -9.89 -10.43
N ASP B 489 -13.03 -10.17 -11.67
CA ASP B 489 -13.31 -9.25 -12.77
C ASP B 489 -14.60 -9.67 -13.46
N ALA B 490 -14.90 -9.02 -14.58
CA ALA B 490 -16.18 -9.24 -15.27
C ALA B 490 -16.29 -10.58 -15.98
N VAL B 491 -15.16 -11.18 -16.32
CA VAL B 491 -15.16 -12.48 -16.98
C VAL B 491 -15.43 -13.56 -15.94
N SER B 492 -14.69 -13.53 -14.82
CA SER B 492 -14.94 -14.40 -13.68
C SER B 492 -16.39 -14.39 -13.22
N ARG B 493 -17.01 -13.21 -13.15
CA ARG B 493 -18.37 -13.13 -12.65
C ARG B 493 -19.31 -13.77 -13.65
N SER B 494 -19.11 -13.46 -14.93
CA SER B 494 -19.96 -13.99 -15.99
C SER B 494 -19.82 -15.49 -16.16
N GLN B 495 -18.58 -15.98 -16.16
CA GLN B 495 -18.31 -17.41 -16.34
C GLN B 495 -18.79 -18.24 -15.14
N ARG B 496 -18.71 -17.69 -13.95
CA ARG B 496 -19.19 -18.41 -12.75
C ARG B 496 -20.73 -18.44 -12.72
N ARG B 497 -21.35 -17.30 -12.93
CA ARG B 497 -22.81 -17.19 -13.06
C ARG B 497 -23.36 -18.08 -14.18
N GLY B 498 -22.58 -18.27 -15.23
CA GLY B 498 -22.99 -19.06 -16.38
C GLY B 498 -22.86 -20.55 -16.19
N ARG B 499 -22.78 -21.01 -14.96
CA ARG B 499 -22.85 -22.44 -14.68
C ARG B 499 -24.27 -22.85 -14.22
N THR B 500 -25.17 -21.87 -14.15
CA THR B 500 -26.61 -22.10 -14.04
C THR B 500 -27.29 -21.30 -15.17
N GLY B 501 -28.55 -21.63 -15.45
CA GLY B 501 -29.33 -20.91 -16.45
C GLY B 501 -29.10 -21.31 -17.91
N ARG B 502 -28.52 -22.50 -18.14
CA ARG B 502 -28.24 -22.99 -19.51
C ARG B 502 -29.42 -23.78 -20.05
N GLY B 503 -30.22 -23.16 -20.89
CA GLY B 503 -31.42 -23.80 -21.45
C GLY B 503 -32.41 -24.26 -20.39
N ARG B 504 -32.35 -23.66 -19.20
CA ARG B 504 -33.29 -23.96 -18.13
C ARG B 504 -33.09 -22.95 -17.01
N ARG B 505 -34.13 -22.71 -16.21
CA ARG B 505 -34.09 -21.63 -15.22
C ARG B 505 -32.94 -21.80 -14.25
N GLY B 506 -32.57 -20.69 -13.61
CA GLY B 506 -31.41 -20.68 -12.74
C GLY B 506 -31.37 -19.50 -11.79
N ILE B 507 -30.52 -19.62 -10.79
CA ILE B 507 -30.43 -18.63 -9.74
C ILE B 507 -28.95 -18.40 -9.45
N TYR B 508 -28.57 -17.17 -9.21
CA TYR B 508 -27.18 -16.81 -8.90
C TYR B 508 -27.20 -15.95 -7.64
N ARG B 509 -26.39 -16.31 -6.66
CA ARG B 509 -26.36 -15.63 -5.35
C ARG B 509 -24.95 -15.15 -5.11
N PHE B 510 -24.81 -13.94 -4.59
CA PHE B 510 -23.54 -13.29 -4.53
C PHE B 510 -23.31 -12.60 -3.22
N VAL B 511 -22.05 -12.62 -2.76
CA VAL B 511 -21.65 -11.89 -1.57
C VAL B 511 -21.51 -10.38 -1.82
N THR B 512 -21.08 -9.97 -3.01
CA THR B 512 -20.93 -8.54 -3.33
C THR B 512 -21.19 -8.27 -4.81
N PRO B 513 -21.74 -7.10 -5.15
CA PRO B 513 -22.15 -6.81 -6.54
C PRO B 513 -21.07 -6.24 -7.47
N GLY B 514 -19.86 -6.02 -6.95
CA GLY B 514 -18.80 -5.40 -7.77
C GLY B 514 -18.28 -6.19 -8.97
N GLU B 515 -17.18 -5.68 -9.54
CA GLU B 515 -16.55 -6.21 -10.75
C GLU B 515 -15.34 -5.36 -11.09
N ARG B 516 -14.14 -5.94 -11.10
CA ARG B 516 -12.95 -5.29 -11.67
C ARG B 516 -13.05 -5.30 -13.20
N PRO B 517 -12.31 -4.41 -13.88
CA PRO B 517 -12.35 -4.39 -15.36
C PRO B 517 -11.80 -5.68 -15.98
N SER B 518 -12.45 -6.15 -17.05
CA SER B 518 -12.07 -7.39 -17.69
C SER B 518 -10.95 -7.17 -18.71
N GLY B 519 -10.21 -8.25 -18.98
CA GLY B 519 -9.31 -8.28 -20.11
C GLY B 519 -7.85 -7.94 -19.89
N MET B 520 -7.43 -7.71 -18.65
CA MET B 520 -6.01 -7.47 -18.34
C MET B 520 -5.40 -8.64 -17.60
N PHE B 521 -4.13 -8.91 -17.85
CA PHE B 521 -3.41 -9.88 -17.03
C PHE B 521 -2.06 -9.36 -16.55
N ASP B 522 -1.64 -9.87 -15.39
CA ASP B 522 -0.40 -9.44 -14.73
C ASP B 522 0.87 -10.00 -15.39
N SER B 523 1.97 -9.30 -15.15
CA SER B 523 3.26 -9.69 -15.71
C SER B 523 3.72 -11.09 -15.25
N SER B 524 3.24 -11.57 -14.10
CA SER B 524 3.55 -12.94 -13.70
C SER B 524 3.04 -13.97 -14.73
N VAL B 525 1.90 -13.69 -15.35
CA VAL B 525 1.39 -14.58 -16.39
C VAL B 525 2.44 -14.74 -17.51
N LEU B 526 3.08 -13.63 -17.89
CA LEU B 526 4.15 -13.69 -18.89
C LEU B 526 5.28 -14.60 -18.41
N CYS B 527 5.72 -14.37 -17.18
CA CYS B 527 6.79 -15.18 -16.59
C CYS B 527 6.39 -16.65 -16.65
N GLU B 528 5.15 -16.95 -16.27
CA GLU B 528 4.59 -18.31 -16.43
C GLU B 528 4.74 -18.90 -17.83
N CYS B 529 4.50 -18.09 -18.86
CA CYS B 529 4.62 -18.57 -20.24
C CYS B 529 6.03 -19.04 -20.56
N TYR B 530 7.04 -18.27 -20.15
CA TYR B 530 8.43 -18.67 -20.43
C TYR B 530 8.76 -19.95 -19.68
N ASP B 531 8.33 -20.00 -18.42
CA ASP B 531 8.54 -21.14 -17.51
C ASP B 531 7.98 -22.44 -18.14
N ALA B 532 6.72 -22.41 -18.54
CA ALA B 532 6.08 -23.57 -19.19
C ALA B 532 6.78 -23.94 -20.50
N GLY B 533 7.08 -22.94 -21.31
CA GLY B 533 7.87 -23.16 -22.53
C GLY B 533 9.16 -23.95 -22.29
N CYS B 534 9.84 -23.66 -21.19
CA CYS B 534 11.05 -24.37 -20.82
C CYS B 534 10.71 -25.73 -20.19
N ALA B 535 9.70 -25.77 -19.35
CA ALA B 535 9.41 -26.99 -18.59
C ALA B 535 8.67 -28.08 -19.37
N TRP B 536 7.76 -27.66 -20.25
CA TRP B 536 6.80 -28.56 -20.87
C TRP B 536 6.93 -28.65 -22.41
N TYR B 537 7.25 -27.56 -23.08
CA TYR B 537 7.05 -27.47 -24.54
C TYR B 537 8.31 -27.25 -25.35
N GLU B 538 9.46 -27.48 -24.73
CA GLU B 538 10.74 -27.46 -25.43
C GLU B 538 10.95 -26.15 -26.20
N LEU B 539 10.48 -25.04 -25.65
CA LEU B 539 10.60 -23.74 -26.30
C LEU B 539 11.74 -22.96 -25.66
N THR B 540 12.68 -22.49 -26.47
CA THR B 540 13.65 -21.49 -25.98
C THR B 540 12.95 -20.20 -25.58
N PRO B 541 13.56 -19.43 -24.64
CA PRO B 541 13.05 -18.09 -24.36
C PRO B 541 12.90 -17.21 -25.61
N ALA B 542 13.88 -17.24 -26.51
CA ALA B 542 13.73 -16.55 -27.80
C ALA B 542 12.49 -17.04 -28.56
N GLU B 543 12.25 -18.34 -28.57
CA GLU B 543 11.08 -18.89 -29.28
C GLU B 543 9.82 -18.37 -28.63
N THR B 544 9.70 -18.56 -27.31
CA THR B 544 8.56 -18.05 -26.52
C THR B 544 8.23 -16.57 -26.82
N SER B 545 9.27 -15.74 -26.95
CA SER B 545 9.11 -14.31 -27.21
C SER B 545 8.41 -14.06 -28.53
N VAL B 546 8.82 -14.80 -29.57
CA VAL B 546 8.19 -14.70 -30.89
C VAL B 546 6.67 -14.93 -30.82
N ARG B 547 6.27 -15.92 -30.04
CA ARG B 547 4.86 -16.35 -29.97
C ARG B 547 4.03 -15.37 -29.15
N LEU B 548 4.54 -14.97 -28.00
CA LEU B 548 3.87 -13.95 -27.18
C LEU B 548 3.73 -12.62 -27.96
N ARG B 549 4.79 -12.23 -28.67
CA ARG B 549 4.81 -11.00 -29.49
C ARG B 549 3.63 -10.96 -30.51
N ALA B 550 3.31 -12.12 -31.10
CA ALA B 550 2.12 -12.23 -31.97
C ALA B 550 0.83 -12.04 -31.18
N TYR B 551 0.77 -12.60 -29.98
CA TYR B 551 -0.38 -12.36 -29.10
C TYR B 551 -0.50 -10.85 -28.80
N LEU B 552 0.53 -10.25 -28.20
CA LEU B 552 0.49 -8.81 -27.92
C LEU B 552 0.05 -8.00 -29.15
N ASN B 553 0.74 -8.19 -30.27
CA ASN B 553 0.50 -7.38 -31.49
C ASN B 553 -0.84 -7.57 -32.21
N THR B 554 -1.59 -8.59 -31.82
CA THR B 554 -2.92 -8.83 -32.38
C THR B 554 -3.94 -8.14 -31.46
N PRO B 555 -4.84 -7.32 -32.06
CA PRO B 555 -5.83 -6.60 -31.25
C PRO B 555 -7.09 -7.42 -30.93
N GLY B 556 -7.82 -6.97 -29.92
CA GLY B 556 -9.07 -7.58 -29.51
C GLY B 556 -8.86 -8.74 -28.56
N LEU B 557 -7.63 -8.93 -28.12
CA LEU B 557 -7.28 -9.95 -27.15
C LEU B 557 -6.97 -9.30 -25.82
N PRO B 558 -6.96 -10.08 -24.76
CA PRO B 558 -6.47 -9.60 -23.45
C PRO B 558 -5.12 -8.92 -23.56
N VAL B 559 -4.88 -7.99 -22.65
CA VAL B 559 -3.72 -7.12 -22.73
C VAL B 559 -2.90 -7.17 -21.46
N CYS B 560 -1.62 -6.90 -21.63
CA CYS B 560 -0.67 -6.90 -20.53
C CYS B 560 0.40 -5.83 -20.82
N GLN B 561 1.30 -5.64 -19.87
CA GLN B 561 2.42 -4.75 -20.07
C GLN B 561 3.49 -5.48 -20.87
N ASP B 562 4.25 -4.73 -21.66
CA ASP B 562 5.25 -5.35 -22.52
C ASP B 562 6.53 -5.51 -21.74
N HIS B 563 6.66 -6.68 -21.10
CA HIS B 563 7.85 -7.03 -20.32
C HIS B 563 8.56 -8.26 -20.89
N LEU B 564 8.45 -8.47 -22.21
CA LEU B 564 8.97 -9.68 -22.84
C LEU B 564 10.48 -9.76 -22.82
N GLU B 565 11.16 -8.68 -23.20
CA GLU B 565 12.64 -8.66 -23.19
C GLU B 565 13.15 -8.96 -21.80
N PHE B 566 12.54 -8.34 -20.80
CA PHE B 566 12.91 -8.62 -19.43
C PHE B 566 12.82 -10.09 -19.11
N TRP B 567 11.62 -10.68 -19.23
CA TRP B 567 11.43 -12.09 -18.86
C TRP B 567 12.31 -13.01 -19.73
N GLU B 568 12.41 -12.71 -21.03
CA GLU B 568 13.32 -13.45 -21.90
C GLU B 568 14.75 -13.41 -21.36
N SER B 569 15.24 -12.22 -21.02
CA SER B 569 16.61 -12.09 -20.52
C SER B 569 16.82 -12.93 -19.25
N VAL B 570 15.83 -12.98 -18.38
CA VAL B 570 15.95 -13.74 -17.14
C VAL B 570 16.05 -15.27 -17.35
N PHE B 571 15.08 -15.85 -18.07
CA PHE B 571 15.11 -17.31 -18.32
C PHE B 571 16.26 -17.72 -19.22
N THR B 572 16.74 -16.80 -20.05
CA THR B 572 17.86 -17.09 -20.98
C THR B 572 19.13 -17.42 -20.18
N GLY B 573 19.27 -16.81 -19.00
CA GLY B 573 20.37 -17.12 -18.09
C GLY B 573 20.26 -18.43 -17.29
N LEU B 574 19.11 -19.08 -17.33
CA LEU B 574 18.89 -20.25 -16.47
C LEU B 574 19.28 -21.57 -17.16
N THR B 575 20.58 -21.90 -17.12
CA THR B 575 21.12 -23.01 -17.91
C THR B 575 21.51 -24.24 -17.11
N HIS B 576 21.53 -25.36 -17.82
CA HIS B 576 21.95 -26.63 -17.24
C HIS B 576 21.20 -26.93 -15.96
N ILE B 577 19.88 -26.78 -16.01
CA ILE B 577 19.01 -27.22 -14.93
C ILE B 577 19.12 -28.74 -14.70
N ASP B 578 18.86 -29.17 -13.46
CA ASP B 578 18.88 -30.57 -13.16
C ASP B 578 17.54 -31.22 -13.56
N ALA B 579 17.62 -32.13 -14.52
CA ALA B 579 16.42 -32.80 -15.08
C ALA B 579 15.54 -33.52 -14.07
N HIS B 580 16.12 -34.02 -12.96
CA HIS B 580 15.37 -34.77 -11.95
C HIS B 580 14.49 -33.84 -11.12
N PHE B 581 15.06 -32.71 -10.73
CA PHE B 581 14.27 -31.68 -10.05
C PHE B 581 13.15 -31.15 -10.99
N LEU B 582 13.47 -30.91 -12.24
CA LEU B 582 12.43 -30.45 -13.17
C LEU B 582 11.30 -31.49 -13.23
N SER B 583 11.64 -32.73 -13.55
CA SER B 583 10.67 -33.80 -13.53
C SER B 583 9.85 -33.80 -12.24
N GLN B 584 10.52 -33.66 -11.09
CA GLN B 584 9.80 -33.73 -9.82
C GLN B 584 8.84 -32.56 -9.60
N THR B 585 9.21 -31.36 -10.04
CA THR B 585 8.36 -30.16 -9.83
C THR B 585 7.19 -30.13 -10.80
N LYS B 586 7.41 -30.61 -12.00
CA LYS B 586 6.33 -30.90 -12.94
C LYS B 586 5.34 -31.95 -12.37
N GLN B 587 5.88 -33.04 -11.82
CA GLN B 587 5.07 -34.12 -11.23
C GLN B 587 4.16 -33.61 -10.12
N ALA B 588 4.73 -32.92 -9.14
CA ALA B 588 3.97 -32.32 -8.04
C ALA B 588 3.00 -31.24 -8.55
N GLY B 589 3.24 -30.75 -9.77
CA GLY B 589 2.22 -30.03 -10.53
C GLY B 589 1.95 -28.58 -10.16
N ASP B 590 2.77 -27.98 -9.31
CA ASP B 590 2.55 -26.59 -8.89
C ASP B 590 3.07 -25.53 -9.90
N ASN B 591 2.96 -24.26 -9.51
CA ASN B 591 3.31 -23.14 -10.37
C ASN B 591 4.79 -22.93 -10.50
N PHE B 592 5.20 -22.44 -11.66
CA PHE B 592 6.60 -22.17 -11.94
C PHE B 592 7.49 -23.34 -11.62
N PRO B 593 7.22 -24.51 -12.23
CA PRO B 593 8.07 -25.68 -11.93
C PRO B 593 9.50 -25.50 -12.40
N TYR B 594 9.71 -24.64 -13.41
CA TYR B 594 11.08 -24.33 -13.88
C TYR B 594 11.85 -23.40 -12.92
N LEU B 595 11.19 -22.34 -12.44
CA LEU B 595 11.82 -21.44 -11.45
C LEU B 595 12.10 -22.21 -10.16
N VAL B 596 11.11 -22.93 -9.68
CA VAL B 596 11.31 -23.74 -8.45
C VAL B 596 12.49 -24.69 -8.64
N ALA B 597 12.43 -25.54 -9.66
CA ALA B 597 13.51 -26.48 -9.97
C ALA B 597 14.89 -25.83 -10.25
N TYR B 598 14.92 -24.67 -10.90
CA TYR B 598 16.20 -23.99 -11.11
C TYR B 598 16.83 -23.50 -9.81
N GLN B 599 16.05 -22.98 -8.87
CA GLN B 599 16.56 -22.58 -7.56
C GLN B 599 17.10 -23.79 -6.80
N ALA B 600 16.39 -24.90 -6.90
CA ALA B 600 16.82 -26.14 -6.24
C ALA B 600 18.11 -26.64 -6.85
N THR B 601 18.22 -26.59 -8.18
CA THR B 601 19.49 -26.94 -8.83
C THR B 601 20.67 -26.09 -8.31
N VAL B 602 20.51 -24.77 -8.31
CA VAL B 602 21.54 -23.89 -7.77
C VAL B 602 21.86 -24.23 -6.29
N CYS B 603 20.86 -24.40 -5.45
CA CYS B 603 21.11 -24.77 -4.05
C CYS B 603 21.96 -26.06 -3.90
N ALA B 604 21.67 -27.07 -4.72
CA ALA B 604 22.29 -28.39 -4.57
C ALA B 604 23.75 -28.36 -5.02
N ARG B 605 23.99 -27.72 -6.17
CA ARG B 605 25.34 -27.51 -6.65
C ARG B 605 26.20 -26.59 -5.76
N ALA B 606 25.58 -25.59 -5.14
CA ALA B 606 26.27 -24.73 -4.18
C ALA B 606 26.28 -25.35 -2.80
N GLN B 607 25.72 -26.56 -2.68
CA GLN B 607 25.74 -27.30 -1.45
C GLN B 607 25.06 -26.51 -0.32
N ALA B 608 24.08 -25.68 -0.68
CA ALA B 608 23.44 -24.77 0.28
C ALA B 608 21.92 -25.03 0.39
N PRO B 609 21.32 -24.66 1.53
CA PRO B 609 19.92 -25.00 1.73
C PRO B 609 18.94 -24.10 0.93
N PRO B 610 17.70 -24.60 0.76
CA PRO B 610 16.66 -23.83 0.09
C PRO B 610 16.16 -22.66 0.96
N PRO B 611 15.39 -21.73 0.36
CA PRO B 611 14.85 -20.59 1.12
C PRO B 611 14.09 -21.01 2.38
N SER B 612 13.31 -22.09 2.29
CA SER B 612 12.57 -22.62 3.44
C SER B 612 12.46 -24.12 3.24
N TRP B 613 11.72 -24.79 4.11
CA TRP B 613 11.38 -26.19 3.92
C TRP B 613 9.88 -26.33 3.71
N ASP B 614 9.24 -25.27 3.22
CA ASP B 614 7.90 -25.34 2.67
C ASP B 614 7.84 -26.50 1.67
N GLN B 615 6.63 -27.02 1.45
CA GLN B 615 6.42 -28.13 0.50
C GLN B 615 6.98 -27.84 -0.89
N MET B 616 7.16 -26.56 -1.20
CA MET B 616 7.71 -26.13 -2.47
C MET B 616 9.05 -26.79 -2.77
N TRP B 617 9.89 -26.95 -1.74
CA TRP B 617 11.29 -27.41 -1.92
C TRP B 617 11.53 -28.88 -1.55
N LYS B 618 10.48 -29.72 -1.57
CA LYS B 618 10.63 -31.13 -1.19
C LYS B 618 11.58 -31.98 -2.09
N CYS B 619 11.83 -31.54 -3.33
CA CYS B 619 12.86 -32.16 -4.16
C CYS B 619 14.27 -32.16 -3.54
N LEU B 620 14.51 -31.29 -2.55
CA LEU B 620 15.81 -31.16 -1.86
C LEU B 620 15.89 -31.87 -0.51
N ILE B 621 14.84 -32.60 -0.13
CA ILE B 621 14.68 -33.12 1.24
C ILE B 621 15.69 -34.21 1.63
N ARG B 622 15.99 -35.09 0.68
CA ARG B 622 17.02 -36.11 0.85
C ARG B 622 18.43 -35.50 1.00
N LEU B 623 18.65 -34.31 0.46
CA LEU B 623 19.94 -33.61 0.63
C LEU B 623 19.98 -32.74 1.89
N LYS B 624 18.93 -32.78 2.71
CA LYS B 624 18.79 -31.91 3.87
C LYS B 624 19.91 -32.05 4.89
N PRO B 625 20.33 -33.28 5.19
CA PRO B 625 21.44 -33.43 6.16
C PRO B 625 22.77 -32.73 5.77
N THR B 626 23.03 -32.57 4.48
CA THR B 626 24.34 -32.07 4.00
C THR B 626 24.35 -30.60 3.54
N LEU B 627 23.17 -30.03 3.27
CA LEU B 627 23.08 -28.62 2.87
C LEU B 627 23.19 -27.73 4.10
N HIS B 628 24.14 -26.80 4.08
CA HIS B 628 24.32 -25.86 5.17
C HIS B 628 24.74 -24.47 4.66
N GLY B 629 24.41 -23.45 5.44
CA GLY B 629 24.85 -22.09 5.14
C GLY B 629 23.76 -21.23 4.51
N PRO B 630 24.13 -20.05 4.01
CA PRO B 630 23.13 -19.14 3.46
C PRO B 630 22.63 -19.56 2.06
N THR B 631 21.34 -19.37 1.80
CA THR B 631 20.74 -19.71 0.52
C THR B 631 21.17 -18.74 -0.58
N PRO B 632 21.72 -19.27 -1.67
CA PRO B 632 21.97 -18.41 -2.84
C PRO B 632 20.65 -18.04 -3.52
N LEU B 633 20.00 -16.99 -3.02
CA LEU B 633 18.69 -16.59 -3.52
C LEU B 633 18.74 -16.04 -4.95
N LEU B 634 17.79 -16.49 -5.75
CA LEU B 634 17.69 -16.03 -7.14
C LEU B 634 16.55 -15.04 -7.29
N TYR B 635 15.50 -15.30 -6.50
CA TYR B 635 14.25 -14.57 -6.54
C TYR B 635 13.30 -15.12 -5.45
N ARG B 636 12.24 -14.38 -5.14
CA ARG B 636 11.33 -14.78 -4.09
C ARG B 636 10.01 -15.35 -4.68
N LEU B 637 9.76 -16.63 -4.37
CA LEU B 637 8.55 -17.34 -4.76
C LEU B 637 7.75 -17.78 -3.51
N GLY B 638 8.15 -17.27 -2.36
CA GLY B 638 7.41 -17.45 -1.14
C GLY B 638 8.24 -16.87 -0.03
N ALA B 639 7.87 -17.20 1.20
CA ALA B 639 8.64 -16.77 2.36
C ALA B 639 10.07 -17.34 2.29
N VAL B 640 11.03 -16.52 2.71
CA VAL B 640 12.43 -16.91 2.83
C VAL B 640 12.80 -16.89 4.30
N GLN B 641 13.03 -18.08 4.86
CA GLN B 641 13.33 -18.25 6.27
C GLN B 641 14.81 -18.26 6.56
N ASN B 642 15.57 -18.84 5.64
CA ASN B 642 17.01 -19.00 5.80
C ASN B 642 17.71 -17.70 5.45
N GLU B 643 18.96 -17.58 5.86
CA GLU B 643 19.79 -16.47 5.46
C GLU B 643 20.10 -16.57 3.97
N VAL B 644 20.46 -15.44 3.37
CA VAL B 644 20.75 -15.43 1.95
C VAL B 644 22.10 -14.82 1.67
N THR B 645 22.80 -15.40 0.70
CA THR B 645 23.98 -14.77 0.13
C THR B 645 23.60 -14.31 -1.29
N LEU B 646 24.29 -13.28 -1.75
CA LEU B 646 24.05 -12.67 -3.07
C LEU B 646 25.24 -12.90 -4.03
N THR B 647 26.12 -13.82 -3.66
CA THR B 647 27.39 -13.98 -4.37
C THR B 647 27.30 -14.92 -5.57
N HIS B 648 26.23 -15.72 -5.65
CA HIS B 648 26.15 -16.70 -6.74
C HIS B 648 26.05 -15.98 -8.08
N PRO B 649 26.79 -16.43 -9.08
CA PRO B 649 26.75 -15.77 -10.38
C PRO B 649 25.36 -15.64 -10.99
N ILE B 650 24.50 -16.65 -10.77
CA ILE B 650 23.13 -16.61 -11.33
C ILE B 650 22.32 -15.46 -10.73
N THR B 651 22.47 -15.25 -9.41
CA THR B 651 21.87 -14.11 -8.73
C THR B 651 22.41 -12.82 -9.31
N LYS B 652 23.73 -12.70 -9.38
CA LYS B 652 24.35 -11.53 -9.98
C LYS B 652 23.77 -11.25 -11.39
N TYR B 653 23.50 -12.32 -12.15
CA TYR B 653 22.92 -12.20 -13.49
C TYR B 653 21.49 -11.66 -13.46
N ILE B 654 20.66 -12.24 -12.59
CA ILE B 654 19.26 -11.79 -12.49
C ILE B 654 19.20 -10.34 -11.94
N MET B 655 20.09 -9.97 -11.02
CA MET B 655 20.17 -8.55 -10.60
C MET B 655 20.46 -7.65 -11.81
N ALA B 656 21.42 -8.00 -12.63
CA ALA B 656 21.74 -7.19 -13.82
C ALA B 656 20.55 -7.07 -14.75
N CYS B 657 19.82 -8.17 -14.95
CA CYS B 657 18.55 -8.11 -15.73
C CYS B 657 17.53 -7.04 -15.26
N MET B 658 17.59 -6.62 -13.98
CA MET B 658 16.58 -5.67 -13.42
C MET B 658 16.84 -4.23 -13.84
N SER B 659 18.03 -3.99 -14.40
CA SER B 659 18.39 -2.68 -14.96
C SER B 659 17.65 -2.38 -16.28
N ALA B 660 16.90 -3.34 -16.81
CA ALA B 660 16.21 -3.17 -18.08
C ALA B 660 15.01 -2.23 -17.94
N ASP B 661 14.59 -1.60 -19.04
CA ASP B 661 13.47 -0.65 -19.01
C ASP B 661 12.16 -1.40 -18.68
N LEU B 662 11.50 -1.00 -17.61
CA LEU B 662 10.26 -1.66 -17.19
C LEU B 662 9.09 -0.69 -17.13
N GLU B 663 8.12 -0.88 -18.01
CA GLU B 663 6.86 -0.21 -17.86
C GLU B 663 6.21 -0.60 -16.53
N VAL B 664 5.81 0.38 -15.75
CA VAL B 664 4.92 0.16 -14.64
C VAL B 664 3.85 1.26 -14.78
N VAL B 665 2.61 0.92 -14.43
CA VAL B 665 1.50 1.86 -14.59
C VAL B 665 1.34 2.78 -13.39
N THR B 666 0.86 3.99 -13.69
CA THR B 666 0.73 5.04 -12.72
C THR B 666 -0.72 5.53 -12.65
#